data_7ZJ8
#
_entry.id   7ZJ8
#
loop_
_entity.id
_entity.type
_entity.pdbx_description
1 polymer Hemagglutinin,Fibritin
2 branched 2-acetamido-2-deoxy-beta-D-glucopyranose-(1-4)-2-acetamido-2-deoxy-beta-D-glucopyranose
3 branched beta-D-mannopyranose-(1-4)-2-acetamido-2-deoxy-beta-D-glucopyranose-(1-4)-[alpha-L-fucopyranose-(1-6)]2-acetamido-2-deoxy-beta-D-glucopyranose
4 branched alpha-D-mannopyranose-(1-3)-[alpha-D-mannopyranose-(1-6)]beta-D-mannopyranose-(1-4)-2-acetamido-2-deoxy-beta-D-glucopyranose-(1-4)-2-acetamido-2-deoxy-beta-D-glucopyranose
5 branched beta-D-mannopyranose-(1-4)-2-acetamido-2-deoxy-beta-D-glucopyranose-(1-4)-2-acetamido-2-deoxy-beta-D-glucopyranose
6 non-polymer 2-acetamido-2-deoxy-beta-D-glucopyranose
7 non-polymer 'octyl beta-D-glucopyranoside'
#
_entity_poly.entity_id   1
_entity_poly.type   'polypeptide(L)'
_entity_poly.pdbx_seq_one_letter_code
;QDLPGNDNSTATLCLGHHAVPNGTLVKTITDDQIEVTNATELVQSSSTGKICNNPHRILDGIDCTLIDALLGDPHCDVFQ
NETWDLFVERSKAFSNCYPYDVPDYASLRSLVASSGTLEFITEGFTWTGVTQNGGSNACKRGPGSGFFSRLNWLTKSGST
YPVLNVTMPNNDNFDKLYIWGIHHPSTNQEQTSLYVQASGRVTVSTRRSQQTIIPNIGSRPWVRGLSSRISIYWTIVKPG
DVLVINSNGNLIAPRGYFKMRTGKSSIMRSDAPIDTCISECITPNGSIPNDKPFQNVNKITYGACPKYVKQNTLKLATGM
RNVPEKQTRGLFGAIAGFIENGWEGMIDGWYGFRHQNSEGTGQAADLKSTQAAIDQINGKLNRVIEKTNEKFHQIEKEFS
EVEGRIQDLEKYVEDTKIDLWSYNAELLVALENQHTIDLTDSEMNKLFEKTRRQLRENAEEMGNGCFKIYHKCDNACIES
IRNGTYDHDVYRDEALNNRFQIKGGGRENLYFQGGGGSGYIPEAPRDGQAYVRKDGEWVLLSTFLGHHHHHHHH
;
_entity_poly.pdbx_strand_id   A,B,C
#
loop_
_chem_comp.id
_chem_comp.type
_chem_comp.name
_chem_comp.formula
BMA D-saccharide, beta linking beta-D-mannopyranose 'C6 H12 O6'
BOG D-saccharide 'octyl beta-D-glucopyranoside' 'C14 H28 O6'
FUC L-saccharide, alpha linking alpha-L-fucopyranose 'C6 H12 O5'
MAN D-saccharide, alpha linking alpha-D-mannopyranose 'C6 H12 O6'
NAG D-saccharide, beta linking 2-acetamido-2-deoxy-beta-D-glucopyranose 'C8 H15 N O6'
#
# COMPACT_ATOMS: atom_id res chain seq x y z
N ASN A 8 14.70 40.89 57.25
CA ASN A 8 14.76 39.45 56.81
C ASN A 8 16.11 39.15 56.16
N SER A 9 16.57 37.90 56.22
CA SER A 9 17.94 37.45 55.83
C SER A 9 17.93 36.40 54.70
N THR A 10 16.77 36.10 54.12
CA THR A 10 16.58 35.00 53.13
C THR A 10 15.63 35.43 52.01
N ALA A 11 15.57 34.62 50.95
CA ALA A 11 14.88 34.95 49.67
C ALA A 11 14.24 33.68 49.13
N THR A 12 13.22 33.84 48.28
CA THR A 12 12.54 32.72 47.55
C THR A 12 12.62 33.02 46.05
N LEU A 13 12.97 32.02 45.24
CA LEU A 13 13.08 32.13 43.77
C LEU A 13 12.42 30.89 43.17
N CYS A 14 11.35 31.03 42.39
CA CYS A 14 10.62 29.86 41.83
C CYS A 14 10.60 29.94 40.30
N LEU A 15 10.45 28.80 39.65
CA LEU A 15 10.44 28.66 38.18
C LEU A 15 9.11 28.10 37.76
N GLY A 16 8.68 28.39 36.53
CA GLY A 16 7.36 27.96 36.03
C GLY A 16 7.19 28.18 34.54
N HIS A 17 6.00 27.84 34.08
CA HIS A 17 5.65 27.90 32.65
C HIS A 17 4.24 28.45 32.55
N HIS A 18 3.92 29.06 31.41
CA HIS A 18 2.66 29.81 31.17
C HIS A 18 1.50 28.82 31.06
N ALA A 19 0.36 29.24 31.56
CA ALA A 19 -0.94 28.56 31.41
C ALA A 19 -1.89 29.52 30.67
N VAL A 20 -2.98 28.98 30.15
CA VAL A 20 -4.05 29.78 29.48
C VAL A 20 -5.39 29.43 30.14
N PRO A 21 -6.45 30.25 29.94
CA PRO A 21 -7.81 29.88 30.36
C PRO A 21 -8.52 28.76 29.57
N ASN A 22 -8.44 28.78 28.23
CA ASN A 22 -9.18 27.81 27.37
C ASN A 22 -8.19 27.04 26.48
N GLY A 23 -8.33 25.71 26.43
CA GLY A 23 -7.41 24.78 25.75
C GLY A 23 -8.15 23.84 24.81
N THR A 24 -7.43 23.27 23.85
CA THR A 24 -7.91 22.19 22.94
C THR A 24 -7.31 20.86 23.41
N LEU A 25 -7.96 19.73 23.08
CA LEU A 25 -7.51 18.39 23.52
C LEU A 25 -6.86 17.63 22.34
N VAL A 26 -5.72 16.99 22.57
CA VAL A 26 -4.96 16.26 21.50
C VAL A 26 -4.91 14.76 21.83
N LYS A 27 -4.63 13.93 20.82
CA LYS A 27 -4.44 12.45 20.94
C LYS A 27 -2.95 12.15 21.00
N THR A 28 -2.45 11.45 22.01
CA THR A 28 -1.03 11.01 22.06
C THR A 28 -0.96 9.48 21.95
N ILE A 29 0.17 8.88 22.37
CA ILE A 29 0.47 7.42 22.29
C ILE A 29 -0.43 6.64 23.25
N THR A 30 -0.37 7.04 24.52
CA THR A 30 -0.94 6.32 25.69
C THR A 30 -2.43 6.64 25.81
N ASP A 31 -2.81 7.91 25.66
CA ASP A 31 -4.15 8.43 26.06
C ASP A 31 -4.89 9.08 24.88
N ASP A 32 -6.21 9.11 24.97
CA ASP A 32 -7.12 9.54 23.87
C ASP A 32 -7.41 11.04 23.98
N GLN A 33 -7.13 11.69 25.10
CA GLN A 33 -7.36 13.14 25.26
C GLN A 33 -6.33 13.69 26.24
N ILE A 34 -5.81 14.88 25.99
CA ILE A 34 -4.93 15.61 26.94
C ILE A 34 -5.00 17.10 26.56
N GLU A 35 -4.79 18.03 27.49
CA GLU A 35 -5.07 19.46 27.25
C GLU A 35 -3.78 20.25 27.07
N VAL A 36 -3.61 20.83 25.90
CA VAL A 36 -2.44 21.63 25.48
C VAL A 36 -2.82 23.11 25.52
N THR A 37 -1.87 24.01 25.32
CA THR A 37 -2.09 25.47 25.33
C THR A 37 -2.60 25.91 23.95
N ASN A 38 -2.09 25.32 22.90
CA ASN A 38 -2.50 25.71 21.53
C ASN A 38 -2.24 24.51 20.62
N ALA A 39 -3.01 24.41 19.54
CA ALA A 39 -2.96 23.29 18.58
C ALA A 39 -3.54 23.70 17.24
N THR A 40 -2.92 23.23 16.17
CA THR A 40 -3.31 23.50 14.76
C THR A 40 -4.14 22.33 14.25
N GLU A 41 -4.77 22.52 13.08
CA GLU A 41 -5.51 21.50 12.33
C GLU A 41 -4.63 21.08 11.17
N LEU A 42 -4.65 19.79 10.80
CA LEU A 42 -3.89 19.21 9.67
C LEU A 42 -4.84 18.70 8.61
N VAL A 43 -6.16 18.74 8.75
CA VAL A 43 -7.09 18.18 7.72
C VAL A 43 -7.95 19.31 7.20
N GLN A 44 -7.91 19.57 5.90
CA GLN A 44 -8.76 20.58 5.21
C GLN A 44 -10.16 19.97 5.02
N SER A 45 -11.20 20.63 5.57
CA SER A 45 -12.57 20.08 5.63
C SER A 45 -13.56 20.79 4.70
N SER A 46 -13.16 21.90 4.07
CA SER A 46 -14.11 22.88 3.47
C SER A 46 -13.65 23.30 2.08
N SER A 47 -14.60 23.73 1.25
CA SER A 47 -14.33 24.23 -0.13
C SER A 47 -15.19 25.47 -0.42
N THR A 48 -14.68 26.36 -1.27
CA THR A 48 -15.37 27.59 -1.73
C THR A 48 -16.58 27.22 -2.60
N GLY A 49 -16.48 26.12 -3.36
CA GLY A 49 -17.56 25.58 -4.21
C GLY A 49 -17.44 26.04 -5.65
N LYS A 50 -16.29 26.61 -6.05
CA LYS A 50 -16.05 27.15 -7.41
C LYS A 50 -14.72 26.63 -7.94
N ILE A 51 -14.54 26.62 -9.26
CA ILE A 51 -13.27 26.17 -9.91
C ILE A 51 -12.50 27.42 -10.36
N CYS A 52 -11.30 27.61 -9.80
CA CYS A 52 -10.37 28.75 -10.07
C CYS A 52 -9.64 28.53 -11.40
N ASN A 53 -9.57 29.56 -12.27
CA ASN A 53 -9.18 29.42 -13.71
C ASN A 53 -7.67 29.62 -13.90
N ASN A 54 -6.91 29.91 -12.85
CA ASN A 54 -5.42 30.01 -12.91
C ASN A 54 -4.84 29.22 -11.74
N PRO A 55 -3.68 28.54 -11.90
CA PRO A 55 -2.84 28.59 -13.10
C PRO A 55 -3.00 27.51 -14.19
N HIS A 56 -3.83 26.50 -13.96
CA HIS A 56 -4.12 25.44 -14.96
C HIS A 56 -5.22 25.92 -15.90
N ARG A 57 -5.13 25.56 -17.19
CA ARG A 57 -6.08 26.00 -18.24
C ARG A 57 -7.33 25.09 -18.20
N ILE A 58 -8.47 25.60 -17.75
CA ILE A 58 -9.72 24.77 -17.60
C ILE A 58 -10.57 24.94 -18.84
N LEU A 59 -11.09 23.84 -19.40
CA LEU A 59 -12.05 23.90 -20.52
C LEU A 59 -13.40 23.36 -20.06
N ASP A 60 -14.39 24.22 -19.83
CA ASP A 60 -15.77 23.80 -19.50
C ASP A 60 -16.49 23.26 -20.75
N GLY A 61 -16.72 21.96 -20.85
CA GLY A 61 -17.81 21.39 -21.67
C GLY A 61 -19.15 21.81 -21.06
N ILE A 62 -20.13 22.23 -21.85
CA ILE A 62 -21.42 22.77 -21.30
C ILE A 62 -22.50 21.69 -21.43
N ASP A 63 -22.89 21.35 -22.65
CA ASP A 63 -23.83 20.22 -22.90
C ASP A 63 -23.11 19.13 -23.69
N CYS A 64 -21.78 19.22 -23.78
CA CYS A 64 -20.93 18.30 -24.58
C CYS A 64 -20.12 17.39 -23.66
N THR A 65 -20.09 16.10 -23.98
CA THR A 65 -19.12 15.11 -23.44
C THR A 65 -17.82 15.21 -24.26
N LEU A 66 -16.72 14.65 -23.78
CA LEU A 66 -15.45 14.69 -24.53
C LEU A 66 -15.54 13.77 -25.75
N ILE A 67 -16.42 12.78 -25.76
CA ILE A 67 -16.48 11.83 -26.92
C ILE A 67 -17.39 12.43 -28.01
N ASP A 68 -18.29 13.35 -27.68
CA ASP A 68 -19.10 14.10 -28.69
C ASP A 68 -18.28 15.24 -29.32
N ALA A 69 -17.43 15.90 -28.54
CA ALA A 69 -16.54 16.97 -29.02
C ALA A 69 -15.55 16.43 -30.06
N LEU A 70 -15.05 15.21 -29.86
CA LEU A 70 -14.03 14.59 -30.74
C LEU A 70 -14.71 14.21 -32.05
N LEU A 71 -15.87 13.56 -31.98
CA LEU A 71 -16.56 13.08 -33.20
C LEU A 71 -17.05 14.26 -34.02
N GLY A 72 -17.34 15.41 -33.39
CA GLY A 72 -17.85 16.63 -34.07
C GLY A 72 -19.36 16.62 -34.22
N ASP A 73 -20.08 16.45 -33.10
CA ASP A 73 -21.55 16.62 -32.95
C ASP A 73 -21.88 18.09 -33.19
N PRO A 74 -22.99 18.46 -33.90
CA PRO A 74 -23.31 19.86 -34.20
C PRO A 74 -23.37 20.87 -33.05
N HIS A 75 -23.91 20.51 -31.87
CA HIS A 75 -23.96 21.47 -30.74
C HIS A 75 -22.58 21.54 -30.03
N CYS A 76 -21.52 20.97 -30.63
CA CYS A 76 -20.15 20.88 -30.03
C CYS A 76 -19.09 21.44 -31.00
N ASP A 77 -19.45 22.42 -31.85
CA ASP A 77 -18.55 22.90 -32.93
C ASP A 77 -17.69 24.08 -32.46
N VAL A 78 -17.93 24.52 -31.22
CA VAL A 78 -17.15 25.57 -30.49
C VAL A 78 -15.77 25.00 -30.11
N PHE A 79 -15.63 23.67 -30.10
CA PHE A 79 -14.53 22.96 -29.41
C PHE A 79 -13.42 22.52 -30.38
N GLN A 80 -13.54 22.85 -31.66
CA GLN A 80 -12.57 22.39 -32.70
C GLN A 80 -11.20 23.02 -32.44
N ASN A 81 -10.12 22.22 -32.50
CA ASN A 81 -8.73 22.67 -32.21
C ASN A 81 -8.67 23.31 -30.83
N GLU A 82 -9.24 22.65 -29.83
CA GLU A 82 -9.11 23.14 -28.44
C GLU A 82 -7.98 22.40 -27.75
N THR A 83 -7.52 22.97 -26.63
CA THR A 83 -6.45 22.40 -25.80
C THR A 83 -6.82 22.63 -24.35
N TRP A 84 -6.29 21.83 -23.44
CA TRP A 84 -6.66 21.92 -22.00
C TRP A 84 -5.59 21.26 -21.14
N ASP A 85 -5.56 21.63 -19.88
CA ASP A 85 -4.89 20.85 -18.84
C ASP A 85 -5.94 19.99 -18.17
N LEU A 86 -7.07 20.57 -17.77
CA LEU A 86 -8.21 19.80 -17.21
C LEU A 86 -9.48 20.07 -18.03
N PHE A 87 -10.16 19.03 -18.52
CA PHE A 87 -11.47 19.12 -19.20
C PHE A 87 -12.59 18.83 -18.19
N VAL A 88 -13.63 19.65 -18.04
CA VAL A 88 -14.71 19.44 -17.02
C VAL A 88 -16.03 19.09 -17.70
N GLU A 89 -16.56 17.88 -17.49
CA GLU A 89 -17.86 17.43 -18.06
C GLU A 89 -18.98 17.73 -17.06
N ARG A 90 -20.15 18.13 -17.56
CA ARG A 90 -21.33 18.52 -16.72
C ARG A 90 -22.38 17.41 -16.78
N SER A 91 -23.20 17.28 -15.74
CA SER A 91 -24.18 16.17 -15.59
C SER A 91 -25.43 16.42 -16.45
N LYS A 92 -25.62 17.65 -16.95
CA LYS A 92 -26.77 18.06 -17.81
C LYS A 92 -26.48 17.74 -19.29
N ALA A 93 -25.28 17.21 -19.60
CA ALA A 93 -24.81 16.94 -20.98
C ALA A 93 -25.66 15.84 -21.61
N PHE A 94 -25.84 15.93 -22.92
CA PHE A 94 -26.67 15.02 -23.74
C PHE A 94 -26.03 14.87 -25.12
N SER A 95 -26.65 14.04 -25.98
CA SER A 95 -26.23 13.76 -27.38
C SER A 95 -27.40 14.06 -28.33
N ASN A 96 -27.11 14.65 -29.49
CA ASN A 96 -28.16 15.06 -30.45
C ASN A 96 -27.68 14.81 -31.90
N CYS A 97 -27.31 13.56 -32.20
CA CYS A 97 -26.83 13.15 -33.54
C CYS A 97 -27.30 11.72 -33.77
N TYR A 98 -26.66 10.98 -34.68
CA TYR A 98 -26.88 9.52 -34.88
C TYR A 98 -26.60 8.81 -33.56
N PRO A 99 -27.45 7.87 -33.11
CA PRO A 99 -27.15 7.07 -31.91
C PRO A 99 -25.91 6.16 -32.06
N TYR A 100 -25.03 6.04 -31.06
CA TYR A 100 -23.75 5.28 -31.20
C TYR A 100 -23.31 4.64 -29.89
N ASP A 101 -22.45 3.61 -30.01
CA ASP A 101 -21.77 2.92 -28.88
C ASP A 101 -20.29 2.77 -29.19
N VAL A 102 -19.44 2.83 -28.16
CA VAL A 102 -17.98 2.61 -28.31
C VAL A 102 -17.64 1.39 -27.45
N PRO A 103 -17.28 0.24 -28.06
CA PRO A 103 -16.66 -0.85 -27.30
C PRO A 103 -15.37 -0.34 -26.64
N ASP A 104 -15.17 -0.62 -25.35
CA ASP A 104 -14.00 -0.11 -24.58
C ASP A 104 -14.03 1.43 -24.63
N TYR A 105 -15.22 1.97 -24.37
CA TYR A 105 -15.50 3.41 -24.25
C TYR A 105 -14.52 4.02 -23.25
N ALA A 106 -14.35 3.34 -22.11
CA ALA A 106 -13.55 3.82 -20.97
C ALA A 106 -12.09 4.02 -21.39
N SER A 107 -11.57 3.12 -22.20
CA SER A 107 -10.17 3.17 -22.68
C SER A 107 -10.00 4.38 -23.59
N LEU A 108 -10.92 4.62 -24.53
CA LEU A 108 -10.74 5.71 -25.50
C LEU A 108 -10.87 7.02 -24.76
N ARG A 109 -11.84 7.17 -23.88
CA ARG A 109 -12.02 8.41 -23.10
C ARG A 109 -10.70 8.75 -22.34
N SER A 110 -10.04 7.77 -21.74
CA SER A 110 -8.80 7.98 -20.91
C SER A 110 -7.61 8.37 -21.79
N LEU A 111 -7.53 7.80 -22.99
CA LEU A 111 -6.43 8.04 -23.97
C LEU A 111 -6.50 9.48 -24.47
N VAL A 112 -7.69 9.94 -24.84
CA VAL A 112 -7.88 11.29 -25.44
C VAL A 112 -7.71 12.33 -24.34
N ALA A 113 -8.07 12.02 -23.10
CA ALA A 113 -7.99 13.03 -22.01
C ALA A 113 -6.53 13.30 -21.66
N SER A 114 -5.67 12.30 -21.68
CA SER A 114 -4.24 12.48 -21.30
C SER A 114 -3.46 13.17 -22.43
N SER A 115 -3.97 13.13 -23.67
CA SER A 115 -3.34 13.78 -24.84
C SER A 115 -3.42 15.31 -24.68
N GLY A 116 -4.63 15.82 -24.51
CA GLY A 116 -4.89 17.21 -24.10
C GLY A 116 -5.14 18.13 -25.27
N THR A 117 -5.50 17.60 -26.43
CA THR A 117 -5.71 18.44 -27.64
C THR A 117 -6.76 17.80 -28.53
N LEU A 118 -7.36 18.59 -29.41
CA LEU A 118 -8.24 18.08 -30.48
C LEU A 118 -7.71 18.54 -31.85
N GLU A 119 -6.40 18.83 -32.00
CA GLU A 119 -5.76 19.23 -33.29
C GLU A 119 -6.03 18.18 -34.39
N PHE A 120 -6.66 18.59 -35.48
CA PHE A 120 -7.11 17.70 -36.57
C PHE A 120 -6.49 18.19 -37.89
N ILE A 121 -5.88 17.27 -38.61
CA ILE A 121 -5.17 17.53 -39.88
C ILE A 121 -5.93 16.77 -40.94
N THR A 122 -6.57 17.46 -41.86
CA THR A 122 -7.27 16.83 -42.99
C THR A 122 -6.22 16.21 -43.92
N GLU A 123 -6.46 14.97 -44.36
CA GLU A 123 -5.56 14.23 -45.27
C GLU A 123 -6.32 13.93 -46.54
N GLY A 124 -5.58 13.79 -47.64
CA GLY A 124 -6.09 13.43 -48.98
C GLY A 124 -6.25 11.93 -49.10
N PHE A 125 -7.42 11.43 -48.72
CA PHE A 125 -7.86 10.02 -48.90
C PHE A 125 -8.68 9.97 -50.19
N THR A 126 -8.39 9.00 -51.06
CA THR A 126 -9.05 8.83 -52.37
C THR A 126 -10.01 7.63 -52.30
N TRP A 127 -11.26 7.92 -51.99
CA TRP A 127 -12.35 6.92 -52.02
C TRP A 127 -12.85 6.91 -53.47
N THR A 128 -12.85 5.75 -54.12
CA THR A 128 -13.03 5.62 -55.60
C THR A 128 -14.21 4.70 -55.92
N GLY A 129 -15.20 5.21 -56.66
CA GLY A 129 -16.39 4.46 -57.10
C GLY A 129 -17.52 4.47 -56.08
N VAL A 130 -17.52 5.44 -55.16
CA VAL A 130 -18.51 5.54 -54.03
C VAL A 130 -18.97 6.99 -53.89
N THR A 131 -20.12 7.18 -53.24
CA THR A 131 -20.73 8.50 -52.94
C THR A 131 -20.42 8.88 -51.48
N GLN A 132 -19.78 10.03 -51.26
CA GLN A 132 -19.33 10.51 -49.92
C GLN A 132 -20.42 11.40 -49.29
N ASN A 133 -20.20 11.81 -48.04
CA ASN A 133 -21.02 12.82 -47.29
C ASN A 133 -22.48 12.37 -47.11
N GLY A 134 -22.72 11.11 -46.74
CA GLY A 134 -24.05 10.59 -46.35
C GLY A 134 -24.58 11.32 -45.12
N GLY A 135 -25.92 11.44 -44.99
CA GLY A 135 -26.59 12.31 -43.99
C GLY A 135 -27.82 11.67 -43.36
N SER A 136 -28.37 12.31 -42.31
CA SER A 136 -29.56 11.87 -41.53
C SER A 136 -30.19 13.06 -40.79
N ASN A 137 -31.52 12.97 -40.56
CA ASN A 137 -32.34 14.01 -39.88
C ASN A 137 -32.37 13.73 -38.36
N ALA A 138 -31.56 12.78 -37.89
CA ALA A 138 -31.23 12.58 -36.46
C ALA A 138 -30.14 13.58 -36.07
N CYS A 139 -29.47 14.16 -37.07
CA CYS A 139 -28.34 15.09 -36.91
C CYS A 139 -28.53 16.27 -37.87
N LYS A 140 -29.37 17.23 -37.49
CA LYS A 140 -29.69 18.44 -38.29
C LYS A 140 -28.69 19.54 -37.98
N ARG A 141 -27.79 19.85 -38.92
CA ARG A 141 -26.91 21.05 -38.88
C ARG A 141 -27.57 22.13 -39.74
N GLY A 142 -28.30 23.04 -39.11
CA GLY A 142 -29.25 23.96 -39.76
C GLY A 142 -30.53 23.23 -40.16
N PRO A 143 -31.29 23.73 -41.18
CA PRO A 143 -32.52 23.06 -41.61
C PRO A 143 -32.25 21.70 -42.29
N GLY A 144 -31.13 21.61 -43.02
CA GLY A 144 -30.72 20.37 -43.72
C GLY A 144 -30.30 19.27 -42.76
N SER A 145 -30.22 18.04 -43.28
CA SER A 145 -29.63 16.85 -42.61
C SER A 145 -28.11 17.06 -42.48
N GLY A 146 -27.49 16.37 -41.52
CA GLY A 146 -26.04 16.47 -41.23
C GLY A 146 -25.50 15.22 -40.56
N PHE A 147 -24.22 15.25 -40.17
CA PHE A 147 -23.46 14.10 -39.61
C PHE A 147 -22.28 14.67 -38.83
N PHE A 148 -21.67 13.83 -37.99
CA PHE A 148 -20.36 14.11 -37.35
C PHE A 148 -19.38 14.74 -38.36
N SER A 149 -18.76 15.86 -37.96
CA SER A 149 -17.86 16.70 -38.80
C SER A 149 -16.56 15.97 -39.17
N ARG A 150 -16.14 14.97 -38.42
CA ARG A 150 -14.80 14.34 -38.55
C ARG A 150 -14.88 12.94 -39.16
N LEU A 151 -16.07 12.46 -39.48
CA LEU A 151 -16.25 11.10 -40.08
C LEU A 151 -16.94 11.25 -41.42
N ASN A 152 -16.70 10.31 -42.35
CA ASN A 152 -17.29 10.32 -43.72
C ASN A 152 -18.12 9.03 -43.94
N TRP A 153 -19.46 9.14 -43.93
CA TRP A 153 -20.40 8.04 -44.30
C TRP A 153 -20.29 7.80 -45.81
N LEU A 154 -19.88 6.63 -46.26
CA LEU A 154 -19.78 6.26 -47.69
C LEU A 154 -20.89 5.29 -48.06
N THR A 155 -21.43 5.41 -49.28
CA THR A 155 -22.61 4.65 -49.79
C THR A 155 -22.43 4.30 -51.27
N LYS A 156 -23.23 3.36 -51.78
CA LYS A 156 -23.16 2.85 -53.18
C LYS A 156 -23.32 4.00 -54.18
N SER A 157 -22.48 4.00 -55.23
CA SER A 157 -22.58 4.91 -56.39
C SER A 157 -23.20 4.15 -57.57
N GLY A 158 -24.38 4.57 -58.04
CA GLY A 158 -25.15 3.87 -59.09
C GLY A 158 -25.77 2.59 -58.56
N SER A 159 -25.21 1.44 -58.92
CA SER A 159 -25.64 0.10 -58.44
C SER A 159 -24.42 -0.72 -57.98
N THR A 160 -23.39 -0.07 -57.41
CA THR A 160 -22.13 -0.76 -57.03
C THR A 160 -21.44 -0.07 -55.83
N TYR A 161 -20.81 -0.90 -55.00
CA TYR A 161 -19.84 -0.55 -53.94
C TYR A 161 -18.61 -1.41 -54.22
N PRO A 162 -17.56 -0.85 -54.84
CA PRO A 162 -16.33 -1.61 -55.06
C PRO A 162 -15.60 -1.93 -53.74
N VAL A 163 -14.86 -3.04 -53.71
CA VAL A 163 -13.85 -3.33 -52.64
C VAL A 163 -12.96 -2.09 -52.56
N LEU A 164 -12.89 -1.47 -51.39
CA LEU A 164 -12.07 -0.26 -51.16
C LEU A 164 -10.73 -0.71 -50.62
N ASN A 165 -9.64 -0.19 -51.18
CA ASN A 165 -8.25 -0.52 -50.75
C ASN A 165 -7.43 0.76 -50.78
N VAL A 166 -7.18 1.36 -49.62
CA VAL A 166 -6.36 2.60 -49.53
C VAL A 166 -5.23 2.38 -48.54
N THR A 167 -4.17 3.17 -48.68
CA THR A 167 -2.99 3.17 -47.78
C THR A 167 -2.64 4.61 -47.43
N MET A 168 -2.14 4.84 -46.22
CA MET A 168 -1.58 6.14 -45.83
C MET A 168 -0.32 5.89 -45.00
N PRO A 169 0.86 6.40 -45.42
CA PRO A 169 2.10 6.24 -44.67
C PRO A 169 2.40 7.40 -43.71
N ASN A 170 2.97 7.08 -42.54
CA ASN A 170 3.54 8.07 -41.60
C ASN A 170 5.02 8.23 -41.95
N ASN A 171 5.41 9.40 -42.47
CA ASN A 171 6.83 9.77 -42.71
C ASN A 171 7.27 10.87 -41.72
N ASP A 172 6.36 11.35 -40.88
CA ASP A 172 6.62 12.41 -39.86
C ASP A 172 7.36 11.80 -38.67
N ASN A 173 7.51 12.53 -37.57
CA ASN A 173 8.31 12.11 -36.39
C ASN A 173 7.41 12.09 -35.15
N PHE A 174 6.09 11.97 -35.35
CA PHE A 174 5.08 11.89 -34.26
C PHE A 174 4.04 10.81 -34.60
N ASP A 175 3.22 10.45 -33.60
CA ASP A 175 2.19 9.39 -33.64
C ASP A 175 0.86 9.97 -34.13
N LYS A 176 0.11 9.18 -34.89
CA LYS A 176 -1.12 9.63 -35.59
C LYS A 176 -2.29 8.72 -35.19
N LEU A 177 -3.35 9.31 -34.63
CA LEU A 177 -4.54 8.56 -34.14
C LEU A 177 -5.62 8.68 -35.19
N TYR A 178 -6.06 7.57 -35.77
CA TYR A 178 -7.20 7.56 -36.71
C TYR A 178 -8.45 7.02 -35.99
N ILE A 179 -9.57 7.74 -36.03
CA ILE A 179 -10.87 7.24 -35.51
C ILE A 179 -11.66 6.81 -36.72
N TRP A 180 -12.29 5.65 -36.70
CA TRP A 180 -13.15 5.16 -37.81
C TRP A 180 -14.32 4.39 -37.22
N GLY A 181 -15.24 3.85 -38.02
CA GLY A 181 -16.38 3.11 -37.45
C GLY A 181 -17.01 2.14 -38.44
N ILE A 182 -18.18 1.59 -38.09
CA ILE A 182 -19.00 0.67 -38.92
C ILE A 182 -20.49 0.86 -38.58
N HIS A 183 -21.35 0.78 -39.60
CA HIS A 183 -22.82 0.96 -39.51
C HIS A 183 -23.48 -0.42 -39.30
N HIS A 184 -24.38 -0.53 -38.32
CA HIS A 184 -25.22 -1.73 -38.03
C HIS A 184 -26.67 -1.49 -38.49
N PRO A 185 -27.08 -1.87 -39.72
CA PRO A 185 -28.45 -1.62 -40.18
C PRO A 185 -29.49 -2.55 -39.53
N SER A 186 -30.76 -2.13 -39.47
CA SER A 186 -31.80 -2.82 -38.67
C SER A 186 -32.48 -3.96 -39.44
N THR A 187 -32.40 -4.01 -40.77
CA THR A 187 -33.05 -5.08 -41.58
C THR A 187 -32.06 -5.61 -42.61
N ASN A 188 -32.48 -6.67 -43.34
CA ASN A 188 -31.74 -7.31 -44.46
C ASN A 188 -32.03 -6.52 -45.76
N GLN A 189 -33.06 -5.67 -45.69
CA GLN A 189 -33.60 -4.89 -46.83
C GLN A 189 -32.93 -3.50 -46.85
N GLU A 190 -32.41 -3.05 -45.70
CA GLU A 190 -31.71 -1.75 -45.59
C GLU A 190 -30.24 -1.97 -45.95
N GLN A 191 -29.66 -3.08 -45.50
CA GLN A 191 -28.26 -3.45 -45.82
C GLN A 191 -28.07 -3.38 -47.34
N THR A 192 -28.92 -4.08 -48.11
CA THR A 192 -28.85 -4.14 -49.59
C THR A 192 -29.08 -2.75 -50.18
N SER A 193 -30.01 -1.97 -49.61
CA SER A 193 -30.37 -0.62 -50.10
C SER A 193 -29.14 0.31 -50.02
N LEU A 194 -28.38 0.28 -48.92
CA LEU A 194 -27.20 1.17 -48.73
C LEU A 194 -25.97 0.56 -49.40
N TYR A 195 -25.71 -0.74 -49.22
CA TYR A 195 -24.49 -1.42 -49.74
C TYR A 195 -24.95 -2.62 -50.58
N VAL A 196 -24.47 -2.75 -51.80
CA VAL A 196 -24.98 -3.76 -52.78
C VAL A 196 -24.91 -5.16 -52.16
N GLN A 197 -23.86 -5.44 -51.37
CA GLN A 197 -23.63 -6.78 -50.77
C GLN A 197 -24.67 -7.09 -49.69
N ALA A 198 -24.67 -8.31 -49.17
CA ALA A 198 -25.60 -8.77 -48.10
C ALA A 198 -24.92 -8.78 -46.72
N SER A 199 -23.60 -8.80 -46.67
CA SER A 199 -22.81 -8.86 -45.41
C SER A 199 -21.53 -8.03 -45.60
N GLY A 200 -21.28 -7.09 -44.69
CA GLY A 200 -20.10 -6.22 -44.72
C GLY A 200 -18.91 -6.83 -44.02
N ARG A 201 -17.80 -6.11 -44.02
CA ARG A 201 -16.50 -6.55 -43.45
C ARG A 201 -15.62 -5.31 -43.46
N VAL A 202 -14.86 -5.06 -42.40
CA VAL A 202 -13.96 -3.88 -42.40
C VAL A 202 -12.67 -4.30 -41.74
N THR A 203 -11.55 -4.24 -42.45
CA THR A 203 -10.24 -4.71 -41.93
C THR A 203 -9.32 -3.49 -41.88
N VAL A 204 -8.64 -3.26 -40.76
CA VAL A 204 -7.79 -2.04 -40.64
C VAL A 204 -6.50 -2.45 -39.95
N SER A 205 -5.36 -2.27 -40.62
CA SER A 205 -4.09 -2.92 -40.21
C SER A 205 -2.87 -2.01 -40.37
N THR A 206 -1.84 -2.31 -39.58
CA THR A 206 -0.47 -1.74 -39.70
C THR A 206 0.44 -2.90 -40.10
N ARG A 207 1.76 -2.71 -40.03
CA ARG A 207 2.76 -3.79 -40.21
C ARG A 207 2.74 -4.76 -39.03
N ARG A 208 2.35 -4.30 -37.84
CA ARG A 208 2.52 -5.04 -36.57
C ARG A 208 1.17 -5.49 -35.96
N SER A 209 0.03 -4.92 -36.36
CA SER A 209 -1.31 -5.22 -35.76
C SER A 209 -2.38 -5.37 -36.85
N GLN A 210 -3.52 -5.97 -36.49
CA GLN A 210 -4.74 -6.00 -37.36
C GLN A 210 -6.02 -6.10 -36.51
N GLN A 211 -7.13 -5.49 -36.97
CA GLN A 211 -8.50 -5.66 -36.40
C GLN A 211 -9.46 -5.88 -37.55
N THR A 212 -10.40 -6.82 -37.39
CA THR A 212 -11.50 -7.04 -38.36
C THR A 212 -12.83 -7.07 -37.62
N ILE A 213 -13.81 -6.34 -38.11
CA ILE A 213 -15.16 -6.26 -37.50
C ILE A 213 -16.16 -6.74 -38.56
N ILE A 214 -17.21 -7.46 -38.16
CA ILE A 214 -18.36 -7.75 -39.04
C ILE A 214 -19.59 -7.00 -38.51
N PRO A 215 -20.49 -6.48 -39.36
CA PRO A 215 -21.77 -5.93 -38.90
C PRO A 215 -22.88 -6.91 -38.48
N ASN A 216 -23.67 -6.51 -37.47
CA ASN A 216 -24.80 -7.25 -36.85
C ASN A 216 -26.11 -6.56 -37.23
N ILE A 217 -27.08 -7.33 -37.73
CA ILE A 217 -28.37 -6.79 -38.25
C ILE A 217 -29.51 -7.27 -37.36
N GLY A 218 -30.48 -6.39 -37.12
CA GLY A 218 -31.63 -6.65 -36.23
C GLY A 218 -32.15 -5.38 -35.60
N SER A 219 -33.22 -5.48 -34.83
CA SER A 219 -34.04 -4.32 -34.39
C SER A 219 -33.64 -3.92 -32.99
N ARG A 220 -33.56 -2.62 -32.73
CA ARG A 220 -33.20 -2.08 -31.40
C ARG A 220 -34.26 -1.05 -30.99
N PRO A 221 -34.33 -0.67 -29.70
CA PRO A 221 -35.15 0.48 -29.27
C PRO A 221 -34.95 1.72 -30.15
N TRP A 222 -36.03 2.50 -30.34
CA TRP A 222 -35.97 3.79 -31.05
C TRP A 222 -35.26 4.83 -30.20
N VAL A 223 -34.27 5.49 -30.78
CA VAL A 223 -33.68 6.76 -30.26
C VAL A 223 -33.67 7.75 -31.41
N ARG A 224 -34.35 8.89 -31.23
CA ARG A 224 -34.41 9.99 -32.23
C ARG A 224 -34.73 9.40 -33.62
N GLY A 225 -35.73 8.51 -33.67
CA GLY A 225 -36.37 8.08 -34.93
C GLY A 225 -35.61 7.02 -35.71
N LEU A 226 -34.65 6.32 -35.10
CA LEU A 226 -33.81 5.29 -35.78
C LEU A 226 -33.70 4.04 -34.90
N SER A 227 -33.71 2.86 -35.52
CA SER A 227 -33.47 1.55 -34.85
C SER A 227 -32.14 0.95 -35.33
N SER A 228 -31.28 1.78 -35.94
CA SER A 228 -29.89 1.43 -36.38
C SER A 228 -28.88 2.14 -35.46
N ARG A 229 -27.63 1.69 -35.45
CA ARG A 229 -26.56 2.25 -34.59
C ARG A 229 -25.22 2.25 -35.34
N ILE A 230 -24.26 3.04 -34.85
CA ILE A 230 -22.84 3.07 -35.32
C ILE A 230 -21.92 2.63 -34.16
N SER A 231 -20.86 1.89 -34.50
CA SER A 231 -19.82 1.36 -33.57
C SER A 231 -18.49 2.02 -33.90
N ILE A 232 -17.85 2.62 -32.91
CA ILE A 232 -16.62 3.43 -33.15
C ILE A 232 -15.39 2.61 -32.76
N TYR A 233 -14.33 2.64 -33.59
CA TYR A 233 -13.05 1.92 -33.37
C TYR A 233 -11.89 2.91 -33.49
N TRP A 234 -10.64 2.48 -33.25
CA TRP A 234 -9.48 3.41 -33.35
C TRP A 234 -8.19 2.63 -33.64
N THR A 235 -7.20 3.27 -34.27
CA THR A 235 -5.87 2.70 -34.55
C THR A 235 -4.79 3.76 -34.35
N ILE A 236 -3.67 3.42 -33.73
CA ILE A 236 -2.49 4.34 -33.61
C ILE A 236 -1.34 3.87 -34.51
N VAL A 237 -0.81 4.78 -35.35
CA VAL A 237 0.26 4.47 -36.35
C VAL A 237 1.52 5.22 -35.94
N LYS A 238 2.62 4.49 -35.69
CA LYS A 238 3.90 5.07 -35.19
C LYS A 238 4.76 5.62 -36.33
N PRO A 239 5.78 6.47 -36.04
CA PRO A 239 6.67 6.99 -37.08
C PRO A 239 7.44 5.84 -37.73
N GLY A 240 7.33 5.75 -39.06
CA GLY A 240 7.96 4.71 -39.90
C GLY A 240 6.97 3.68 -40.38
N ASP A 241 5.77 3.59 -39.78
CA ASP A 241 4.77 2.54 -40.08
C ASP A 241 3.78 3.06 -41.13
N VAL A 242 2.95 2.15 -41.65
CA VAL A 242 1.92 2.43 -42.70
C VAL A 242 0.55 2.07 -42.12
N LEU A 243 -0.52 2.62 -42.68
CA LEU A 243 -1.92 2.23 -42.39
C LEU A 243 -2.52 1.71 -43.69
N VAL A 244 -3.26 0.61 -43.63
CA VAL A 244 -4.10 0.14 -44.77
C VAL A 244 -5.53 0.03 -44.26
N ILE A 245 -6.50 0.34 -45.11
CA ILE A 245 -7.95 0.13 -44.82
C ILE A 245 -8.52 -0.71 -45.96
N ASN A 246 -9.25 -1.78 -45.67
CA ASN A 246 -9.78 -2.65 -46.75
C ASN A 246 -11.21 -3.08 -46.41
N SER A 247 -12.23 -2.33 -46.84
CA SER A 247 -13.65 -2.67 -46.56
C SER A 247 -14.37 -3.08 -47.84
N ASN A 248 -15.32 -4.02 -47.76
CA ASN A 248 -16.25 -4.33 -48.90
C ASN A 248 -17.67 -3.81 -48.62
N GLY A 249 -17.91 -3.23 -47.45
CA GLY A 249 -19.20 -2.59 -47.10
C GLY A 249 -19.21 -1.98 -45.70
N ASN A 250 -20.15 -1.07 -45.45
CA ASN A 250 -20.57 -0.54 -44.11
C ASN A 250 -19.41 0.22 -43.45
N LEU A 251 -18.60 0.97 -44.18
CA LEU A 251 -17.43 1.67 -43.59
C LEU A 251 -17.77 3.14 -43.32
N ILE A 252 -17.62 3.62 -42.09
CA ILE A 252 -17.64 5.07 -41.74
C ILE A 252 -16.18 5.53 -41.81
N ALA A 253 -15.76 6.10 -42.93
CA ALA A 253 -14.33 6.33 -43.21
C ALA A 253 -13.79 7.51 -42.38
N PRO A 254 -12.46 7.56 -42.09
CA PRO A 254 -11.87 8.74 -41.47
C PRO A 254 -11.65 9.87 -42.51
N ARG A 255 -11.57 11.12 -42.05
CA ARG A 255 -11.31 12.34 -42.87
C ARG A 255 -9.87 12.82 -42.68
N GLY A 256 -9.25 12.51 -41.54
CA GLY A 256 -7.88 12.94 -41.20
C GLY A 256 -7.37 12.24 -39.98
N TYR A 257 -6.27 12.70 -39.40
CA TYR A 257 -5.73 12.14 -38.14
C TYR A 257 -5.76 13.20 -37.05
N PHE A 258 -5.59 12.80 -35.82
CA PHE A 258 -5.41 13.73 -34.68
C PHE A 258 -3.95 13.64 -34.22
N LYS A 259 -3.29 14.76 -33.92
CA LYS A 259 -1.98 14.73 -33.23
C LYS A 259 -2.17 14.25 -31.79
N MET A 260 -1.11 13.68 -31.23
CA MET A 260 -1.06 13.05 -29.89
C MET A 260 0.14 13.63 -29.15
N ARG A 261 -0.04 14.04 -27.90
CA ARG A 261 1.08 14.52 -27.05
C ARG A 261 1.11 13.68 -25.77
N THR A 262 2.27 13.61 -25.14
CA THR A 262 2.43 13.17 -23.73
C THR A 262 2.63 14.41 -22.88
N GLY A 263 1.80 14.58 -21.83
CA GLY A 263 1.82 15.78 -20.96
C GLY A 263 1.11 15.55 -19.64
N LYS A 264 0.58 16.61 -19.04
CA LYS A 264 -0.04 16.54 -17.69
C LYS A 264 -1.57 16.71 -17.79
N SER A 265 -2.21 16.41 -18.93
CA SER A 265 -3.66 16.68 -19.09
C SER A 265 -4.53 15.55 -18.51
N SER A 266 -5.76 15.86 -18.07
CA SER A 266 -6.74 14.89 -17.51
C SER A 266 -8.19 15.37 -17.72
N ILE A 267 -9.18 14.67 -17.14
CA ILE A 267 -10.64 14.96 -17.24
C ILE A 267 -11.28 14.78 -15.86
N MET A 268 -12.36 15.50 -15.51
CA MET A 268 -13.09 15.38 -14.21
C MET A 268 -14.58 15.61 -14.41
N ARG A 269 -15.47 14.79 -13.86
CA ARG A 269 -16.94 15.05 -13.90
C ARG A 269 -17.30 15.89 -12.67
N SER A 270 -17.75 17.12 -12.88
CA SER A 270 -18.08 18.11 -11.80
C SER A 270 -19.35 18.87 -12.17
N ASP A 271 -19.90 19.62 -11.21
CA ASP A 271 -21.07 20.51 -11.44
C ASP A 271 -20.86 21.89 -10.82
N ALA A 272 -19.63 22.25 -10.44
CA ALA A 272 -19.29 23.54 -9.78
C ALA A 272 -19.15 24.65 -10.82
N PRO A 273 -19.58 25.91 -10.55
CA PRO A 273 -19.27 27.04 -11.45
C PRO A 273 -17.78 27.44 -11.49
N ILE A 274 -17.38 28.06 -12.61
CA ILE A 274 -15.98 28.53 -12.84
C ILE A 274 -15.87 30.00 -12.40
N ASP A 275 -14.74 30.39 -11.83
CA ASP A 275 -14.51 31.75 -11.27
C ASP A 275 -13.06 32.20 -11.51
N THR A 276 -12.80 33.50 -11.29
CA THR A 276 -11.47 34.15 -11.46
C THR A 276 -10.77 34.28 -10.10
N CYS A 277 -9.69 33.51 -9.90
CA CYS A 277 -8.88 33.37 -8.65
C CYS A 277 -7.70 32.44 -8.97
N ILE A 278 -6.76 32.25 -8.03
CA ILE A 278 -5.56 31.37 -8.27
C ILE A 278 -5.57 30.22 -7.26
N SER A 279 -5.67 28.96 -7.73
CA SER A 279 -5.61 27.72 -6.88
C SER A 279 -5.03 26.52 -7.65
N GLU A 280 -4.09 25.82 -7.03
CA GLU A 280 -3.30 24.71 -7.63
C GLU A 280 -4.03 23.35 -7.61
N CYS A 281 -4.83 23.07 -6.56
CA CYS A 281 -5.56 21.79 -6.34
C CYS A 281 -7.03 21.96 -6.74
N ILE A 282 -7.56 21.10 -7.59
CA ILE A 282 -8.99 21.16 -7.99
C ILE A 282 -9.66 19.85 -7.60
N THR A 283 -10.85 19.89 -6.98
CA THR A 283 -11.68 18.69 -6.66
C THR A 283 -13.02 18.88 -7.36
N PRO A 284 -13.89 17.85 -7.42
CA PRO A 284 -15.23 18.02 -8.01
C PRO A 284 -16.16 18.91 -7.18
N ASN A 285 -15.76 19.22 -5.95
CA ASN A 285 -16.52 20.10 -5.03
C ASN A 285 -15.91 21.49 -5.07
N GLY A 286 -15.06 21.79 -6.06
CA GLY A 286 -14.37 23.08 -6.22
C GLY A 286 -12.96 23.06 -5.70
N SER A 287 -12.23 24.16 -5.86
CA SER A 287 -10.79 24.27 -5.51
C SER A 287 -10.64 24.35 -3.99
N ILE A 288 -9.60 23.71 -3.46
CA ILE A 288 -9.25 23.78 -2.03
C ILE A 288 -7.83 24.30 -1.92
N PRO A 289 -7.45 24.98 -0.82
CA PRO A 289 -6.06 25.38 -0.59
C PRO A 289 -5.15 24.20 -0.20
N ASN A 290 -3.83 24.35 -0.33
CA ASN A 290 -2.87 23.22 -0.20
C ASN A 290 -1.80 23.52 0.85
N ASP A 291 -2.21 24.12 1.96
CA ASP A 291 -1.25 24.48 3.05
C ASP A 291 -1.11 23.28 4.00
N LYS A 292 -2.19 22.52 4.22
CA LYS A 292 -2.23 21.37 5.15
C LYS A 292 -1.78 20.11 4.42
N PRO A 293 -1.18 19.11 5.12
CA PRO A 293 -0.75 17.85 4.49
C PRO A 293 -1.84 16.85 4.10
N PHE A 294 -2.96 16.81 4.81
CA PHE A 294 -4.07 15.87 4.55
C PHE A 294 -5.27 16.69 4.09
N GLN A 295 -6.37 16.06 3.74
CA GLN A 295 -7.58 16.64 3.09
C GLN A 295 -8.72 15.76 3.53
N ASN A 296 -9.97 16.16 3.48
CA ASN A 296 -11.07 15.19 3.70
C ASN A 296 -12.25 15.51 2.80
N VAL A 297 -12.00 16.18 1.71
CA VAL A 297 -13.10 16.74 0.89
C VAL A 297 -13.59 15.70 -0.14
N ASN A 298 -12.68 15.08 -0.87
CA ASN A 298 -13.03 14.12 -1.96
C ASN A 298 -11.79 13.30 -2.29
N LYS A 299 -11.96 12.03 -2.67
CA LYS A 299 -10.82 11.13 -2.99
C LYS A 299 -10.33 11.45 -4.41
N ILE A 300 -11.17 12.03 -5.26
CA ILE A 300 -10.78 12.46 -6.62
C ILE A 300 -10.14 13.84 -6.60
N THR A 301 -9.03 14.04 -7.31
CA THR A 301 -8.21 15.29 -7.27
C THR A 301 -7.50 15.55 -8.61
N TYR A 302 -6.88 16.73 -8.77
CA TYR A 302 -5.98 17.09 -9.92
C TYR A 302 -4.97 18.12 -9.47
N GLY A 303 -3.71 17.97 -9.87
CA GLY A 303 -2.62 18.89 -9.51
C GLY A 303 -2.04 18.65 -8.11
N ALA A 304 -1.26 19.61 -7.60
CA ALA A 304 -0.62 19.57 -6.26
C ALA A 304 -1.69 19.66 -5.17
N CYS A 305 -1.81 18.63 -4.35
CA CYS A 305 -2.98 18.37 -3.46
C CYS A 305 -2.52 17.70 -2.17
N PRO A 306 -3.29 17.84 -1.08
CA PRO A 306 -3.04 17.06 0.13
C PRO A 306 -3.52 15.60 -0.02
N LYS A 307 -3.07 14.70 0.85
CA LYS A 307 -3.47 13.27 0.80
C LYS A 307 -4.85 13.06 1.42
N TYR A 308 -5.69 12.24 0.79
CA TYR A 308 -7.05 11.93 1.31
C TYR A 308 -6.99 10.95 2.45
N VAL A 309 -7.67 11.22 3.54
CA VAL A 309 -7.73 10.26 4.69
C VAL A 309 -9.17 10.17 5.13
N LYS A 310 -9.50 9.24 6.02
CA LYS A 310 -10.89 8.98 6.44
C LYS A 310 -11.31 9.92 7.58
N GLN A 311 -10.36 10.39 8.37
CA GLN A 311 -10.63 11.25 9.56
C GLN A 311 -11.14 12.63 9.15
N ASN A 312 -11.91 13.29 10.03
CA ASN A 312 -12.39 14.69 9.83
C ASN A 312 -11.53 15.67 10.64
N THR A 313 -10.74 15.19 11.60
CA THR A 313 -9.93 16.09 12.48
C THR A 313 -8.66 15.39 13.00
N LEU A 314 -7.53 16.07 12.90
CA LEU A 314 -6.25 15.62 13.46
C LEU A 314 -5.57 16.87 13.96
N LYS A 315 -5.36 16.96 15.27
CA LYS A 315 -4.81 18.19 15.92
C LYS A 315 -3.35 17.95 16.36
N LEU A 316 -2.42 18.73 15.83
CA LEU A 316 -1.00 18.67 16.19
C LEU A 316 -0.73 19.71 17.26
N ALA A 317 -0.24 19.28 18.41
CA ALA A 317 0.07 20.18 19.56
C ALA A 317 1.22 21.13 19.20
N THR A 318 0.97 22.43 19.26
CA THR A 318 1.99 23.48 19.00
C THR A 318 2.39 24.14 20.32
N GLY A 319 1.97 23.58 21.44
CA GLY A 319 2.22 24.17 22.77
C GLY A 319 2.53 23.10 23.78
N MET A 320 2.57 23.46 25.06
CA MET A 320 2.88 22.50 26.16
C MET A 320 1.59 21.98 26.81
N ARG A 321 1.69 21.23 27.89
CA ARG A 321 0.51 20.75 28.67
C ARG A 321 0.00 21.91 29.52
N ASN A 322 -1.29 21.90 29.85
CA ASN A 322 -2.03 23.04 30.46
C ASN A 322 -2.61 22.63 31.80
N VAL A 323 -1.84 22.81 32.87
CA VAL A 323 -2.32 22.61 34.27
C VAL A 323 -3.03 23.90 34.69
N PRO A 324 -4.37 24.01 34.62
CA PRO A 324 -5.01 25.30 34.87
C PRO A 324 -4.86 25.50 36.38
N GLU A 325 -4.60 26.75 36.76
CA GLU A 325 -4.00 27.20 38.06
C GLU A 325 -4.86 26.77 39.25
N LYS A 326 -4.21 26.38 40.35
CA LYS A 326 -4.83 26.30 41.69
C LYS A 326 -5.05 27.72 42.20
N GLN A 327 -6.23 28.28 41.96
CA GLN A 327 -6.67 29.49 42.69
C GLN A 327 -6.91 29.05 44.14
N THR A 328 -6.96 27.73 44.40
CA THR A 328 -6.65 27.17 45.73
C THR A 328 -5.24 27.68 46.05
N ARG A 329 -5.15 28.55 47.05
CA ARG A 329 -3.96 29.39 47.31
C ARG A 329 -3.84 29.60 48.81
N GLY A 330 -2.76 30.24 49.25
CA GLY A 330 -2.58 30.79 50.61
C GLY A 330 -3.01 32.24 50.77
N LEU A 331 -2.93 32.75 52.01
CA LEU A 331 -3.15 34.18 52.36
C LEU A 331 -2.16 35.02 51.55
N PHE A 332 -0.91 34.54 51.45
CA PHE A 332 0.20 35.14 50.68
C PHE A 332 0.13 34.75 49.20
N GLY A 333 -0.71 33.78 48.85
CA GLY A 333 -0.56 33.02 47.60
C GLY A 333 0.91 32.82 47.40
N ALA A 334 1.55 32.26 48.42
CA ALA A 334 3.00 32.06 48.43
C ALA A 334 3.29 31.65 46.99
N ILE A 335 4.23 32.34 46.36
CA ILE A 335 4.68 32.05 44.97
C ILE A 335 4.78 30.52 44.86
N ALA A 336 4.12 29.92 43.89
CA ALA A 336 4.13 28.45 43.68
C ALA A 336 4.56 28.13 42.25
N GLY A 337 5.44 27.13 42.11
CA GLY A 337 6.18 26.81 40.88
C GLY A 337 5.51 25.73 40.04
N PHE A 338 6.30 25.07 39.19
CA PHE A 338 5.80 24.21 38.09
C PHE A 338 5.37 22.85 38.65
N ILE A 339 6.05 22.36 39.69
CA ILE A 339 5.74 21.05 40.32
C ILE A 339 4.25 21.04 40.71
N GLU A 340 3.72 22.21 41.10
CA GLU A 340 2.31 22.42 41.52
C GLU A 340 1.41 22.59 40.28
N ASN A 341 1.48 23.74 39.62
CA ASN A 341 0.49 24.20 38.60
C ASN A 341 1.19 25.10 37.56
N GLY A 342 0.40 25.64 36.62
CA GLY A 342 0.82 26.67 35.64
C GLY A 342 0.51 28.07 36.14
N TRP A 343 1.10 29.09 35.51
CA TRP A 343 0.93 30.53 35.87
C TRP A 343 0.07 31.21 34.80
N GLU A 344 -1.15 31.64 35.13
CA GLU A 344 -2.09 32.25 34.14
C GLU A 344 -1.83 33.76 34.02
N GLY A 345 -0.92 34.33 34.81
CA GLY A 345 -0.64 35.78 34.87
C GLY A 345 0.60 36.19 34.08
N MET A 346 1.13 35.32 33.21
CA MET A 346 2.39 35.56 32.46
C MET A 346 2.07 35.66 30.96
N ILE A 347 2.50 36.75 30.34
CA ILE A 347 2.10 37.12 28.95
C ILE A 347 3.34 37.26 28.05
N ASP A 348 4.48 37.73 28.59
CA ASP A 348 5.69 38.11 27.80
C ASP A 348 6.32 36.86 27.17
N GLY A 349 6.28 35.70 27.87
CA GLY A 349 6.98 34.46 27.45
C GLY A 349 6.48 33.22 28.18
N TRP A 350 6.93 32.04 27.72
CA TRP A 350 6.45 30.69 28.13
C TRP A 350 7.07 30.31 29.47
N TYR A 351 8.38 30.26 29.57
CA TYR A 351 9.13 29.94 30.80
C TYR A 351 9.52 31.27 31.46
N GLY A 352 9.48 31.38 32.80
CA GLY A 352 9.84 32.64 33.51
C GLY A 352 10.00 32.48 35.02
N PHE A 353 10.41 33.55 35.72
CA PHE A 353 10.82 33.54 37.16
C PHE A 353 9.94 34.51 37.96
N ARG A 354 9.53 34.12 39.17
CA ARG A 354 8.82 34.98 40.14
C ARG A 354 9.66 35.04 41.41
N HIS A 355 9.98 36.24 41.91
CA HIS A 355 10.90 36.43 43.06
C HIS A 355 10.16 37.11 44.22
N GLN A 356 10.29 36.59 45.43
CA GLN A 356 9.78 37.29 46.63
C GLN A 356 11.00 37.81 47.39
N ASN A 357 11.04 39.12 47.62
CA ASN A 357 12.17 39.81 48.28
C ASN A 357 11.62 40.84 49.27
N SER A 358 12.46 41.29 50.21
CA SER A 358 12.20 42.48 51.09
C SER A 358 11.69 43.65 50.23
N GLU A 359 12.33 43.88 49.06
CA GLU A 359 12.00 45.02 48.15
C GLU A 359 10.54 44.88 47.69
N GLY A 360 10.12 43.68 47.24
CA GLY A 360 8.73 43.40 46.82
C GLY A 360 8.56 42.01 46.21
N THR A 361 7.35 41.72 45.75
CA THR A 361 7.10 40.57 44.82
C THR A 361 7.30 41.10 43.40
N GLY A 362 7.65 40.22 42.48
CA GLY A 362 7.96 40.56 41.08
C GLY A 362 7.79 39.36 40.16
N GLN A 363 8.00 39.59 38.87
CA GLN A 363 7.85 38.57 37.81
C GLN A 363 8.62 39.05 36.57
N ALA A 364 8.98 38.11 35.70
CA ALA A 364 9.76 38.34 34.45
C ALA A 364 9.63 37.10 33.57
N ALA A 365 10.22 37.12 32.36
CA ALA A 365 10.22 35.97 31.42
C ALA A 365 11.65 35.67 30.96
N ASP A 366 11.85 34.57 30.23
CA ASP A 366 13.20 34.10 29.82
C ASP A 366 13.23 33.87 28.31
N LEU A 367 14.13 34.57 27.64
CA LEU A 367 14.17 34.57 26.16
C LEU A 367 14.87 33.30 25.68
N LYS A 368 16.02 32.95 26.25
CA LYS A 368 16.87 31.84 25.74
C LYS A 368 15.98 30.60 25.56
N SER A 369 15.33 30.16 26.63
CA SER A 369 14.50 28.93 26.67
C SER A 369 13.31 29.10 25.73
N THR A 370 12.55 30.18 25.90
CA THR A 370 11.25 30.35 25.19
C THR A 370 11.54 30.29 23.69
N GLN A 371 12.62 30.95 23.28
CA GLN A 371 13.03 30.99 21.88
C GLN A 371 13.21 29.55 21.36
N ALA A 372 14.06 28.78 22.04
CA ALA A 372 14.54 27.44 21.60
C ALA A 372 13.37 26.45 21.44
N ALA A 373 12.52 26.37 22.46
CA ALA A 373 11.32 25.51 22.39
C ALA A 373 10.58 25.88 21.11
N ILE A 374 10.32 27.18 20.95
CA ILE A 374 9.50 27.70 19.82
C ILE A 374 10.19 27.24 18.53
N ASP A 375 11.51 27.31 18.49
CA ASP A 375 12.33 26.93 17.32
C ASP A 375 12.06 25.48 16.89
N GLN A 376 12.22 24.52 17.80
CA GLN A 376 12.05 23.08 17.46
C GLN A 376 10.58 22.86 17.10
N ILE A 377 9.63 23.47 17.80
CA ILE A 377 8.22 23.18 17.45
C ILE A 377 7.96 23.66 16.02
N ASN A 378 8.57 24.79 15.65
CA ASN A 378 8.35 25.39 14.31
C ASN A 378 8.98 24.49 13.25
N GLY A 379 10.16 23.95 13.55
CA GLY A 379 10.82 22.87 12.77
C GLY A 379 9.83 21.73 12.51
N LYS A 380 9.37 21.06 13.57
CA LYS A 380 8.36 19.97 13.44
C LYS A 380 7.36 20.40 12.40
N LEU A 381 6.72 21.53 12.63
CA LEU A 381 5.64 21.99 11.73
C LEU A 381 6.11 21.90 10.28
N ASN A 382 7.34 22.35 9.96
CA ASN A 382 7.82 22.47 8.55
C ASN A 382 8.01 21.08 7.92
N ARG A 383 8.69 20.11 8.56
CA ARG A 383 8.80 18.74 8.00
C ARG A 383 7.37 18.31 7.62
N VAL A 384 6.41 18.46 8.55
CA VAL A 384 5.04 17.87 8.45
C VAL A 384 4.22 18.52 7.31
N ILE A 385 4.12 19.85 7.21
CA ILE A 385 2.96 20.51 6.54
C ILE A 385 3.08 20.60 5.02
N GLU A 386 4.24 20.39 4.41
CA GLU A 386 4.45 20.89 3.02
C GLU A 386 5.46 20.06 2.25
N LYS A 387 5.05 19.62 1.06
CA LYS A 387 5.82 18.64 0.26
C LYS A 387 5.10 18.35 -1.05
N THR A 388 5.78 17.64 -1.93
CA THR A 388 5.26 17.21 -3.25
C THR A 388 4.23 16.07 -3.12
N ASN A 389 3.01 16.37 -3.54
CA ASN A 389 2.03 15.35 -3.95
C ASN A 389 1.35 15.88 -5.22
N GLU A 390 2.10 15.88 -6.32
CA GLU A 390 1.66 16.54 -7.58
C GLU A 390 1.34 15.49 -8.63
N LYS A 391 0.05 15.28 -8.91
CA LYS A 391 -0.43 14.11 -9.70
C LYS A 391 -1.54 14.53 -10.66
N PHE A 392 -1.56 13.91 -11.86
CA PHE A 392 -2.27 14.46 -13.06
C PHE A 392 -3.29 13.50 -13.64
N HIS A 393 -2.89 12.34 -14.12
CA HIS A 393 -3.86 11.34 -14.62
C HIS A 393 -3.81 10.06 -13.79
N GLN A 394 -4.99 9.56 -13.45
CA GLN A 394 -5.14 8.42 -12.51
C GLN A 394 -6.33 7.56 -12.95
N ILE A 395 -6.59 6.50 -12.20
CA ILE A 395 -7.75 5.60 -12.45
C ILE A 395 -9.08 6.32 -12.15
N GLU A 396 -10.18 5.79 -12.68
CA GLU A 396 -11.56 6.20 -12.25
C GLU A 396 -11.86 5.69 -10.82
N LYS A 397 -12.52 6.47 -9.92
CA LYS A 397 -12.82 6.06 -8.52
C LYS A 397 -14.34 6.10 -8.23
N GLU A 398 -15.17 6.42 -9.24
CA GLU A 398 -16.65 6.36 -9.12
C GLU A 398 -17.21 5.71 -10.37
N PHE A 399 -18.20 4.84 -10.20
CA PHE A 399 -18.81 4.06 -11.30
C PHE A 399 -20.34 4.19 -11.23
N SER A 400 -20.98 4.19 -12.39
CA SER A 400 -22.45 4.35 -12.57
C SER A 400 -23.16 3.02 -12.89
N GLU A 401 -22.43 2.04 -13.44
CA GLU A 401 -22.99 0.72 -13.85
C GLU A 401 -22.31 -0.37 -13.01
N VAL A 402 -22.79 -1.61 -13.11
CA VAL A 402 -22.05 -2.81 -12.62
C VAL A 402 -21.39 -3.47 -13.82
N GLU A 403 -20.13 -3.86 -13.67
CA GLU A 403 -19.29 -4.39 -14.77
C GLU A 403 -18.70 -5.76 -14.38
N GLY A 404 -18.37 -5.94 -13.10
CA GLY A 404 -17.85 -7.21 -12.54
C GLY A 404 -16.41 -7.09 -12.08
N ARG A 405 -15.50 -7.83 -12.72
CA ARG A 405 -14.14 -8.18 -12.22
C ARG A 405 -13.25 -6.93 -12.10
N ILE A 406 -13.05 -6.23 -13.23
CA ILE A 406 -12.05 -5.13 -13.33
C ILE A 406 -12.43 -4.07 -12.33
N GLN A 407 -13.72 -3.74 -12.29
CA GLN A 407 -14.26 -2.65 -11.44
C GLN A 407 -14.07 -3.02 -9.97
N ASP A 408 -14.23 -4.28 -9.60
CA ASP A 408 -14.00 -4.75 -8.20
C ASP A 408 -12.54 -4.58 -7.83
N LEU A 409 -11.61 -4.87 -8.75
CA LEU A 409 -10.16 -4.70 -8.49
C LEU A 409 -9.85 -3.21 -8.38
N GLU A 410 -10.41 -2.35 -9.23
CA GLU A 410 -10.19 -0.89 -9.12
C GLU A 410 -10.70 -0.39 -7.79
N LYS A 411 -11.86 -0.84 -7.31
CA LYS A 411 -12.41 -0.39 -6.00
C LYS A 411 -11.53 -0.89 -4.84
N TYR A 412 -11.00 -2.11 -4.95
CA TYR A 412 -10.15 -2.74 -3.91
C TYR A 412 -8.82 -2.01 -3.84
N VAL A 413 -8.27 -1.61 -4.98
CA VAL A 413 -6.96 -0.92 -5.00
C VAL A 413 -7.12 0.41 -4.28
N GLU A 414 -8.23 1.12 -4.51
CA GLU A 414 -8.38 2.48 -3.93
C GLU A 414 -8.58 2.38 -2.40
N ASP A 415 -9.39 1.45 -1.92
CA ASP A 415 -9.68 1.33 -0.46
C ASP A 415 -8.43 0.92 0.30
N THR A 416 -7.60 0.06 -0.28
CA THR A 416 -6.32 -0.39 0.33
C THR A 416 -5.42 0.82 0.55
N LYS A 417 -5.32 1.68 -0.47
CA LYS A 417 -4.50 2.91 -0.42
C LYS A 417 -5.03 3.82 0.69
N ILE A 418 -6.33 3.97 0.81
CA ILE A 418 -6.94 4.94 1.77
C ILE A 418 -6.67 4.46 3.19
N ASP A 419 -6.88 3.19 3.48
CA ASP A 419 -6.68 2.68 4.86
C ASP A 419 -5.21 2.72 5.25
N LEU A 420 -4.29 2.60 4.31
CA LEU A 420 -2.84 2.62 4.66
C LEU A 420 -2.38 4.05 4.91
N TRP A 421 -2.95 5.04 4.21
CA TRP A 421 -2.56 6.46 4.37
C TRP A 421 -3.26 7.01 5.61
N SER A 422 -4.38 6.43 5.99
CA SER A 422 -5.12 6.89 7.19
C SER A 422 -4.39 6.40 8.41
N TYR A 423 -3.81 5.20 8.36
CA TYR A 423 -3.08 4.64 9.50
C TYR A 423 -1.79 5.46 9.65
N ASN A 424 -1.20 5.88 8.54
CA ASN A 424 0.05 6.67 8.57
C ASN A 424 -0.21 8.02 9.23
N ALA A 425 -1.39 8.58 8.99
CA ALA A 425 -1.75 9.95 9.44
C ALA A 425 -2.06 9.88 10.93
N GLU A 426 -2.64 8.79 11.40
CA GLU A 426 -3.01 8.64 12.84
C GLU A 426 -1.74 8.47 13.69
N LEU A 427 -0.78 7.68 13.23
CA LEU A 427 0.44 7.38 14.02
C LEU A 427 1.33 8.62 14.03
N LEU A 428 1.49 9.33 12.92
CA LEU A 428 2.40 10.50 12.84
C LEU A 428 1.95 11.55 13.85
N VAL A 429 0.66 11.81 13.93
CA VAL A 429 0.15 12.85 14.85
C VAL A 429 0.44 12.40 16.28
N ALA A 430 0.14 11.16 16.64
CA ALA A 430 0.38 10.63 18.00
C ALA A 430 1.88 10.67 18.36
N LEU A 431 2.76 10.29 17.43
CA LEU A 431 4.21 10.27 17.69
C LEU A 431 4.67 11.68 17.95
N GLU A 432 4.35 12.58 17.03
CA GLU A 432 4.82 13.99 17.06
C GLU A 432 4.27 14.66 18.31
N ASN A 433 3.02 14.39 18.69
CA ASN A 433 2.42 15.05 19.88
C ASN A 433 3.14 14.62 21.14
N GLN A 434 3.46 13.33 21.27
CA GLN A 434 4.24 12.87 22.43
C GLN A 434 5.59 13.61 22.47
N HIS A 435 6.33 13.59 21.38
CA HIS A 435 7.67 14.22 21.31
C HIS A 435 7.57 15.70 21.70
N THR A 436 6.49 16.37 21.34
CA THR A 436 6.28 17.81 21.64
C THR A 436 6.15 18.02 23.15
N ILE A 437 5.24 17.30 23.80
CA ILE A 437 5.12 17.31 25.28
C ILE A 437 6.47 17.04 25.95
N ASP A 438 7.23 16.06 25.47
CA ASP A 438 8.50 15.66 26.11
C ASP A 438 9.53 16.78 25.98
N LEU A 439 9.64 17.41 24.80
CA LEU A 439 10.72 18.40 24.54
C LEU A 439 10.42 19.66 25.37
N THR A 440 9.15 20.00 25.55
CA THR A 440 8.79 21.21 26.33
C THR A 440 9.08 20.95 27.81
N ASP A 441 8.87 19.73 28.30
CA ASP A 441 9.04 19.42 29.75
C ASP A 441 10.54 19.29 30.09
N SER A 442 11.36 18.76 29.19
CA SER A 442 12.83 18.66 29.42
C SER A 442 13.43 20.06 29.44
N GLU A 443 12.96 20.93 28.54
CA GLU A 443 13.41 22.34 28.43
C GLU A 443 13.20 23.03 29.78
N MET A 444 12.05 22.79 30.39
CA MET A 444 11.72 23.31 31.74
C MET A 444 12.77 22.82 32.75
N ASN A 445 13.03 21.52 32.80
CA ASN A 445 13.94 20.91 33.80
C ASN A 445 15.39 21.32 33.53
N LYS A 446 15.71 21.72 32.30
CA LYS A 446 17.07 22.17 31.90
C LYS A 446 17.37 23.52 32.56
N LEU A 447 16.40 24.42 32.60
CA LEU A 447 16.56 25.77 33.22
C LEU A 447 16.81 25.62 34.72
N PHE A 448 16.16 24.63 35.33
CA PHE A 448 16.24 24.37 36.78
C PHE A 448 17.66 23.93 37.17
N GLU A 449 18.22 22.98 36.44
CA GLU A 449 19.56 22.41 36.75
C GLU A 449 20.62 23.49 36.53
N LYS A 450 20.44 24.31 35.50
CA LYS A 450 21.31 25.47 35.18
C LYS A 450 21.30 26.38 36.40
N THR A 451 20.11 26.69 36.92
CA THR A 451 19.95 27.56 38.11
C THR A 451 20.61 26.90 39.34
N ARG A 452 20.37 25.62 39.59
CA ARG A 452 20.92 24.90 40.76
C ARG A 452 22.46 24.89 40.71
N ARG A 453 22.99 24.72 39.50
CA ARG A 453 24.45 24.60 39.26
C ARG A 453 25.12 25.93 39.61
N GLN A 454 24.46 27.06 39.34
CA GLN A 454 25.04 28.39 39.62
C GLN A 454 25.04 28.68 41.12
N LEU A 455 24.00 28.25 41.86
CA LEU A 455 23.83 28.48 43.33
C LEU A 455 24.34 27.28 44.14
N ARG A 456 25.64 27.28 44.42
CA ARG A 456 26.43 26.06 44.68
C ARG A 456 26.05 25.53 46.06
N GLU A 457 26.26 26.35 47.09
CA GLU A 457 26.01 26.02 48.52
C GLU A 457 25.37 27.22 49.24
N ASN A 458 24.95 28.22 48.47
CA ASN A 458 24.37 29.47 49.00
C ASN A 458 22.84 29.39 48.84
N ALA A 459 22.33 28.31 48.23
CA ALA A 459 20.89 28.03 48.02
C ALA A 459 20.59 26.54 48.26
N GLU A 460 19.32 26.23 48.53
CA GLU A 460 18.81 24.84 48.72
C GLU A 460 17.45 24.72 48.01
N GLU A 461 17.06 23.50 47.65
CA GLU A 461 15.75 23.20 47.02
C GLU A 461 14.71 22.82 48.09
N MET A 462 13.47 23.31 47.93
CA MET A 462 12.32 23.10 48.86
C MET A 462 11.40 21.98 48.37
N GLY A 463 11.24 21.84 47.05
CA GLY A 463 10.41 20.80 46.41
C GLY A 463 9.07 21.34 45.97
N ASN A 464 8.83 22.65 46.07
CA ASN A 464 7.64 23.33 45.48
C ASN A 464 7.98 23.84 44.07
N GLY A 465 9.22 23.65 43.61
CA GLY A 465 9.80 24.22 42.37
C GLY A 465 10.62 25.47 42.64
N CYS A 466 11.12 25.58 43.88
CA CYS A 466 11.54 26.84 44.55
C CYS A 466 12.91 26.67 45.19
N PHE A 467 13.66 27.74 45.33
CA PHE A 467 15.04 27.73 45.85
C PHE A 467 15.11 28.65 47.06
N LYS A 468 15.12 28.09 48.26
CA LYS A 468 15.38 28.90 49.49
C LYS A 468 16.85 29.32 49.52
N ILE A 469 17.14 30.59 49.24
CA ILE A 469 18.51 31.18 49.24
C ILE A 469 18.74 31.67 50.65
N TYR A 470 19.78 31.18 51.35
CA TYR A 470 20.06 31.50 52.79
C TYR A 470 20.93 32.75 52.96
N HIS A 471 20.90 33.70 52.01
CA HIS A 471 21.56 35.03 52.14
C HIS A 471 20.57 36.13 51.74
N LYS A 472 20.99 37.39 51.92
CA LYS A 472 20.15 38.58 51.63
C LYS A 472 20.28 38.93 50.15
N CYS A 473 19.31 38.52 49.34
CA CYS A 473 19.25 38.81 47.87
C CYS A 473 18.38 40.06 47.67
N ASP A 474 18.92 41.08 47.00
CA ASP A 474 18.16 42.27 46.54
C ASP A 474 17.77 42.10 45.07
N ASN A 475 17.14 43.11 44.46
CA ASN A 475 16.68 43.07 43.05
C ASN A 475 17.88 42.83 42.14
N ALA A 476 19.02 43.49 42.37
CA ALA A 476 20.24 43.36 41.55
C ALA A 476 20.74 41.90 41.57
N CYS A 477 20.77 41.25 42.74
CA CYS A 477 21.19 39.84 42.96
C CYS A 477 20.25 38.89 42.19
N ILE A 478 18.94 39.11 42.30
CA ILE A 478 17.94 38.26 41.61
C ILE A 478 18.23 38.42 40.12
N GLU A 479 18.48 39.65 39.69
CA GLU A 479 18.69 39.97 38.27
C GLU A 479 19.93 39.23 37.79
N SER A 480 20.99 39.22 38.59
CA SER A 480 22.25 38.51 38.23
C SER A 480 21.93 37.02 38.01
N ILE A 481 21.22 36.35 38.93
CA ILE A 481 20.89 34.89 38.76
C ILE A 481 20.19 34.75 37.41
N ARG A 482 19.10 35.50 37.24
CA ARG A 482 18.23 35.44 36.04
C ARG A 482 19.13 35.62 34.80
N ASN A 483 20.16 36.46 34.95
CA ASN A 483 21.03 36.95 33.86
C ASN A 483 22.00 35.87 33.40
N GLY A 484 22.62 35.17 34.37
CA GLY A 484 23.70 34.19 34.16
C GLY A 484 25.07 34.74 34.50
N THR A 485 25.16 35.58 35.53
CA THR A 485 26.44 36.18 36.03
C THR A 485 26.53 36.07 37.55
N TYR A 486 25.67 35.27 38.22
CA TYR A 486 25.65 35.15 39.71
C TYR A 486 27.00 34.58 40.17
N ASP A 487 27.69 35.31 41.06
CA ASP A 487 29.02 34.93 41.64
C ASP A 487 28.87 34.49 43.10
N HIS A 488 28.71 33.18 43.28
CA HIS A 488 28.46 32.50 44.59
C HIS A 488 29.45 32.91 45.67
N ASP A 489 30.73 33.12 45.32
CA ASP A 489 31.83 33.35 46.29
C ASP A 489 31.50 34.51 47.25
N VAL A 490 30.85 35.56 46.74
CA VAL A 490 30.61 36.84 47.48
C VAL A 490 29.79 36.56 48.74
N TYR A 491 28.74 35.74 48.67
CA TYR A 491 27.77 35.52 49.77
C TYR A 491 27.97 34.15 50.44
N ARG A 492 29.08 33.47 50.16
CA ARG A 492 29.24 32.03 50.50
C ARG A 492 29.31 31.88 52.03
N ASP A 493 30.19 32.65 52.67
CA ASP A 493 30.47 32.55 54.13
C ASP A 493 29.18 32.82 54.92
N GLU A 494 28.49 33.91 54.57
CA GLU A 494 27.24 34.37 55.22
C GLU A 494 26.18 33.26 55.11
N ALA A 495 25.98 32.73 53.90
CA ALA A 495 24.95 31.70 53.61
C ALA A 495 25.26 30.41 54.39
N LEU A 496 26.53 29.98 54.41
CA LEU A 496 26.95 28.73 55.11
C LEU A 496 26.71 28.87 56.61
N ASN A 497 27.02 30.05 57.18
CA ASN A 497 26.79 30.32 58.63
C ASN A 497 25.29 30.42 58.90
N ASN A 498 24.48 30.82 57.92
CA ASN A 498 23.02 31.01 58.13
C ASN A 498 22.27 29.67 58.03
N ARG A 499 22.68 28.77 57.10
CA ARG A 499 21.94 27.52 56.75
C ARG A 499 22.28 26.36 57.72
N PHE A 500 23.55 26.23 58.12
CA PHE A 500 24.06 25.05 58.88
C PHE A 500 24.22 25.36 60.38
N GLN A 501 24.05 26.62 60.81
CA GLN A 501 24.13 27.05 62.23
C GLN A 501 23.04 28.09 62.49
N ASN B 8 21.30 2.09 68.62
CA ASN B 8 21.69 2.63 67.26
C ASN B 8 21.00 3.97 67.01
N SER B 9 21.61 4.82 66.18
CA SER B 9 21.23 6.26 65.97
C SER B 9 20.87 6.56 64.50
N THR B 10 20.82 5.56 63.64
CA THR B 10 20.66 5.71 62.16
C THR B 10 19.72 4.63 61.60
N ALA B 11 19.32 4.80 60.34
CA ALA B 11 18.27 4.00 59.67
C ALA B 11 18.65 3.80 58.20
N THR B 12 18.12 2.76 57.57
CA THR B 12 18.27 2.48 56.11
C THR B 12 16.88 2.38 55.50
N LEU B 13 16.67 3.02 54.35
CA LEU B 13 15.40 3.02 53.60
C LEU B 13 15.73 2.81 52.13
N CYS B 14 15.27 1.72 51.50
CA CYS B 14 15.59 1.42 50.09
C CYS B 14 14.31 1.31 49.26
N LEU B 15 14.44 1.53 47.96
CA LEU B 15 13.30 1.52 46.99
C LEU B 15 13.59 0.44 45.97
N GLY B 16 12.53 -0.13 45.38
CA GLY B 16 12.66 -1.22 44.41
C GLY B 16 11.38 -1.53 43.67
N HIS B 17 11.46 -2.53 42.83
CA HIS B 17 10.34 -2.96 41.96
C HIS B 17 10.31 -4.48 41.96
N HIS B 18 9.13 -5.03 41.69
CA HIS B 18 8.83 -6.48 41.80
C HIS B 18 9.54 -7.23 40.67
N ALA B 19 9.98 -8.42 40.99
CA ALA B 19 10.53 -9.41 40.04
C ALA B 19 9.65 -10.67 40.11
N VAL B 20 9.75 -11.52 39.10
CA VAL B 20 9.05 -12.83 39.06
C VAL B 20 10.08 -13.94 38.83
N PRO B 21 9.72 -15.23 39.07
CA PRO B 21 10.59 -16.35 38.68
C PRO B 21 10.70 -16.67 37.17
N ASN B 22 9.59 -16.66 36.43
CA ASN B 22 9.57 -17.05 34.98
C ASN B 22 9.04 -15.89 34.14
N GLY B 23 9.75 -15.57 33.04
CA GLY B 23 9.47 -14.41 32.17
C GLY B 23 9.38 -14.81 30.70
N THR B 24 8.73 -13.98 29.89
CA THR B 24 8.68 -14.10 28.41
C THR B 24 9.64 -13.07 27.80
N LEU B 25 10.11 -13.29 26.58
CA LEU B 25 11.08 -12.39 25.92
C LEU B 25 10.38 -11.58 24.81
N VAL B 26 10.64 -10.26 24.74
CA VAL B 26 9.98 -9.35 23.76
C VAL B 26 11.03 -8.77 22.81
N LYS B 27 10.58 -8.26 21.65
CA LYS B 27 11.42 -7.56 20.63
C LYS B 27 11.29 -6.06 20.81
N THR B 28 12.37 -5.30 20.98
CA THR B 28 12.31 -3.82 21.04
C THR B 28 13.01 -3.23 19.82
N ILE B 29 13.41 -1.95 19.88
CA ILE B 29 14.06 -1.17 18.78
C ILE B 29 15.46 -1.70 18.52
N THR B 30 16.27 -1.73 19.58
CA THR B 30 17.73 -1.96 19.56
C THR B 30 18.01 -3.46 19.49
N ASP B 31 17.31 -4.26 20.28
CA ASP B 31 17.67 -5.68 20.57
C ASP B 31 16.54 -6.64 20.19
N ASP B 32 16.91 -7.90 19.93
CA ASP B 32 15.99 -8.94 19.39
C ASP B 32 15.34 -9.72 20.54
N GLN B 33 15.86 -9.64 21.76
CA GLN B 33 15.26 -10.35 22.92
C GLN B 33 15.53 -9.54 24.17
N ILE B 34 14.56 -9.47 25.08
CA ILE B 34 14.74 -8.87 26.43
C ILE B 34 13.65 -9.46 27.33
N GLU B 35 13.87 -9.54 28.64
CA GLU B 35 12.97 -10.32 29.54
C GLU B 35 12.10 -9.38 30.38
N VAL B 36 10.79 -9.48 30.19
CA VAL B 36 9.75 -8.67 30.88
C VAL B 36 9.09 -9.54 31.93
N THR B 37 8.22 -8.97 32.75
CA THR B 37 7.51 -9.68 33.83
C THR B 37 6.28 -10.38 33.24
N ASN B 38 5.61 -9.74 32.31
CA ASN B 38 4.39 -10.31 31.70
C ASN B 38 4.23 -9.70 30.32
N ALA B 39 3.57 -10.43 29.42
CA ALA B 39 3.39 -10.03 28.00
C ALA B 39 2.21 -10.78 27.39
N THR B 40 1.45 -10.08 26.56
CA THR B 40 0.25 -10.60 25.86
C THR B 40 0.65 -11.00 24.44
N GLU B 41 -0.24 -11.70 23.75
CA GLU B 41 -0.14 -12.07 22.33
C GLU B 41 -1.07 -11.15 21.56
N LEU B 42 -0.68 -10.74 20.35
CA LEU B 42 -1.48 -9.88 19.45
C LEU B 42 -1.84 -10.63 18.18
N VAL B 43 -1.43 -11.88 17.95
CA VAL B 43 -1.75 -12.61 16.69
C VAL B 43 -2.57 -13.83 17.04
N GLN B 44 -3.78 -13.94 16.49
CA GLN B 44 -4.68 -15.11 16.64
C GLN B 44 -4.17 -16.23 15.71
N SER B 45 -3.85 -17.39 16.27
CA SER B 45 -3.18 -18.49 15.53
C SER B 45 -4.08 -19.70 15.28
N SER B 46 -5.27 -19.75 15.87
CA SER B 46 -6.06 -20.99 16.03
C SER B 46 -7.52 -20.77 15.65
N SER B 47 -8.21 -21.84 15.27
CA SER B 47 -9.65 -21.83 14.92
C SER B 47 -10.35 -23.07 15.48
N THR B 48 -11.64 -22.95 15.80
CA THR B 48 -12.51 -24.03 16.33
C THR B 48 -12.73 -25.07 15.22
N GLY B 49 -12.78 -24.64 13.96
CA GLY B 49 -12.94 -25.50 12.77
C GLY B 49 -14.39 -25.61 12.32
N LYS B 50 -15.28 -24.75 12.83
CA LYS B 50 -16.73 -24.77 12.51
C LYS B 50 -17.20 -23.36 12.14
N ILE B 51 -18.30 -23.25 11.41
CA ILE B 51 -18.90 -21.94 11.02
C ILE B 51 -20.11 -21.66 11.92
N CYS B 52 -20.03 -20.58 12.71
CA CYS B 52 -21.08 -20.10 13.67
C CYS B 52 -22.21 -19.40 12.91
N ASN B 53 -23.48 -19.74 13.22
CA ASN B 53 -24.67 -19.39 12.38
C ASN B 53 -25.29 -18.05 12.81
N ASN B 54 -24.77 -17.39 13.85
CA ASN B 54 -25.21 -16.03 14.27
C ASN B 54 -23.98 -15.17 14.49
N PRO B 55 -24.02 -13.84 14.18
CA PRO B 55 -25.23 -13.13 13.74
C PRO B 55 -25.48 -12.95 12.23
N HIS B 56 -24.57 -13.38 11.36
CA HIS B 56 -24.76 -13.32 9.89
C HIS B 56 -25.52 -14.55 9.42
N ARG B 57 -26.40 -14.40 8.42
CA ARG B 57 -27.26 -15.50 7.91
C ARG B 57 -26.45 -16.35 6.91
N ILE B 58 -26.09 -17.57 7.26
CA ILE B 58 -25.24 -18.45 6.39
C ILE B 58 -26.14 -19.36 5.57
N LEU B 59 -25.88 -19.48 4.28
CA LEU B 59 -26.60 -20.46 3.42
C LEU B 59 -25.62 -21.52 2.92
N ASP B 60 -25.66 -22.73 3.47
CA ASP B 60 -24.83 -23.87 2.97
C ASP B 60 -25.40 -24.40 1.65
N GLY B 61 -24.73 -24.17 0.52
CA GLY B 61 -24.85 -25.04 -0.67
C GLY B 61 -24.25 -26.41 -0.34
N ILE B 62 -24.89 -27.52 -0.73
CA ILE B 62 -24.43 -28.87 -0.32
C ILE B 62 -23.71 -29.52 -1.51
N ASP B 63 -24.42 -29.83 -2.59
CA ASP B 63 -23.80 -30.32 -3.85
C ASP B 63 -24.04 -29.31 -4.96
N CYS B 64 -24.47 -28.10 -4.60
CA CYS B 64 -24.83 -27.02 -5.55
C CYS B 64 -23.78 -25.91 -5.51
N THR B 65 -23.36 -25.44 -6.70
CA THR B 65 -22.63 -24.16 -6.90
C THR B 65 -23.64 -23.02 -6.95
N LEU B 66 -23.22 -21.76 -6.82
CA LEU B 66 -24.15 -20.63 -6.89
C LEU B 66 -24.63 -20.45 -8.33
N ILE B 67 -23.90 -20.93 -9.34
CA ILE B 67 -24.33 -20.71 -10.76
C ILE B 67 -25.32 -21.81 -11.16
N ASP B 68 -25.33 -22.97 -10.49
CA ASP B 68 -26.36 -24.03 -10.72
C ASP B 68 -27.66 -23.68 -9.99
N ALA B 69 -27.59 -23.08 -8.80
CA ALA B 69 -28.76 -22.63 -8.03
C ALA B 69 -29.55 -21.56 -8.79
N LEU B 70 -28.85 -20.67 -9.49
CA LEU B 70 -29.48 -19.54 -10.21
C LEU B 70 -30.18 -20.09 -11.45
N LEU B 71 -29.51 -20.96 -12.20
CA LEU B 71 -30.07 -21.49 -13.47
C LEU B 71 -31.26 -22.39 -13.15
N GLY B 72 -31.30 -23.03 -11.98
CA GLY B 72 -32.37 -23.96 -11.57
C GLY B 72 -32.13 -25.38 -12.04
N ASP B 73 -30.96 -25.94 -11.72
CA ASP B 73 -30.60 -27.38 -11.87
C ASP B 73 -31.49 -28.21 -10.96
N PRO B 74 -32.01 -29.40 -11.38
CA PRO B 74 -32.92 -30.20 -10.55
C PRO B 74 -32.51 -30.56 -9.12
N HIS B 75 -31.24 -30.89 -8.85
CA HIS B 75 -30.81 -31.22 -7.47
C HIS B 75 -30.60 -29.93 -6.65
N CYS B 76 -31.03 -28.75 -7.16
CA CYS B 76 -30.82 -27.41 -6.54
C CYS B 76 -32.15 -26.66 -6.38
N ASP B 77 -33.28 -27.37 -6.22
CA ASP B 77 -34.63 -26.74 -6.24
C ASP B 77 -35.07 -26.34 -4.83
N VAL B 78 -34.26 -26.65 -3.83
CA VAL B 78 -34.38 -26.25 -2.40
C VAL B 78 -34.10 -24.75 -2.26
N PHE B 79 -33.41 -24.15 -3.25
CA PHE B 79 -32.74 -22.84 -3.11
C PHE B 79 -33.56 -21.70 -3.73
N GLN B 80 -34.75 -21.97 -4.25
CA GLN B 80 -35.57 -20.96 -4.95
C GLN B 80 -36.02 -19.88 -3.97
N ASN B 81 -35.89 -18.60 -4.34
CA ASN B 81 -36.22 -17.43 -3.46
C ASN B 81 -35.45 -17.54 -2.15
N GLU B 82 -34.15 -17.79 -2.23
CA GLU B 82 -33.31 -17.79 -1.01
C GLU B 82 -32.62 -16.44 -0.88
N THR B 83 -32.13 -16.16 0.31
CA THR B 83 -31.40 -14.92 0.65
C THR B 83 -30.25 -15.29 1.57
N TRP B 84 -29.20 -14.47 1.62
CA TRP B 84 -28.01 -14.79 2.43
C TRP B 84 -27.21 -13.52 2.70
N ASP B 85 -26.38 -13.57 3.72
CA ASP B 85 -25.29 -12.61 3.90
C ASP B 85 -24.04 -13.29 3.34
N LEU B 86 -23.76 -14.52 3.74
CA LEU B 86 -22.62 -15.30 3.17
C LEU B 86 -23.13 -16.61 2.57
N PHE B 87 -22.81 -16.91 1.31
CA PHE B 87 -23.10 -18.20 0.65
C PHE B 87 -21.87 -19.10 0.71
N VAL B 88 -21.94 -20.36 1.17
CA VAL B 88 -20.75 -21.25 1.33
C VAL B 88 -20.81 -22.39 0.31
N GLU B 89 -19.86 -22.47 -0.63
CA GLU B 89 -19.78 -23.56 -1.65
C GLU B 89 -18.86 -24.67 -1.12
N ARG B 90 -19.21 -25.93 -1.41
CA ARG B 90 -18.46 -27.12 -0.93
C ARG B 90 -17.68 -27.73 -2.09
N SER B 91 -16.56 -28.41 -1.79
CA SER B 91 -15.63 -28.94 -2.82
C SER B 91 -16.17 -30.23 -3.45
N LYS B 92 -17.18 -30.86 -2.84
CA LYS B 92 -17.83 -32.11 -3.32
C LYS B 92 -18.94 -31.80 -4.35
N ALA B 93 -19.18 -30.51 -4.64
CA ALA B 93 -20.28 -30.04 -5.51
C ALA B 93 -19.99 -30.47 -6.95
N PHE B 94 -21.06 -30.73 -7.69
CA PHE B 94 -21.05 -31.23 -9.09
C PHE B 94 -22.25 -30.64 -9.83
N SER B 95 -22.36 -30.96 -11.13
CA SER B 95 -23.45 -30.53 -12.05
C SER B 95 -24.10 -31.76 -12.69
N ASN B 96 -25.43 -31.76 -12.82
CA ASN B 96 -26.19 -32.93 -13.35
C ASN B 96 -27.33 -32.45 -14.24
N CYS B 97 -27.00 -31.69 -15.28
CA CYS B 97 -27.98 -31.15 -16.26
C CYS B 97 -27.30 -31.10 -17.63
N TYR B 98 -27.79 -30.28 -18.56
CA TYR B 98 -27.13 -30.00 -19.85
C TYR B 98 -25.74 -29.44 -19.57
N PRO B 99 -24.67 -29.89 -20.26
CA PRO B 99 -23.35 -29.27 -20.09
C PRO B 99 -23.26 -27.80 -20.57
N TYR B 100 -22.60 -26.90 -19.85
CA TYR B 100 -22.61 -25.45 -20.18
C TYR B 100 -21.30 -24.74 -19.81
N ASP B 101 -21.06 -23.59 -20.44
CA ASP B 101 -19.93 -22.67 -20.14
C ASP B 101 -20.45 -21.23 -20.06
N VAL B 102 -19.84 -20.42 -19.19
CA VAL B 102 -20.18 -18.99 -19.07
C VAL B 102 -18.93 -18.20 -19.42
N PRO B 103 -18.89 -17.49 -20.57
CA PRO B 103 -17.84 -16.50 -20.83
C PRO B 103 -17.87 -15.44 -19.72
N ASP B 104 -16.73 -15.10 -19.11
CA ASP B 104 -16.65 -14.16 -17.98
C ASP B 104 -17.50 -14.72 -16.84
N TYR B 105 -17.30 -16.00 -16.57
CA TYR B 105 -17.90 -16.76 -15.44
C TYR B 105 -17.64 -16.00 -14.15
N ALA B 106 -16.40 -15.56 -13.98
CA ALA B 106 -15.91 -14.94 -12.73
C ALA B 106 -16.69 -13.65 -12.45
N SER B 107 -17.00 -12.89 -13.49
CA SER B 107 -17.74 -11.61 -13.36
C SER B 107 -19.17 -11.90 -12.90
N LEU B 108 -19.85 -12.89 -13.50
CA LEU B 108 -21.26 -13.15 -13.18
C LEU B 108 -21.33 -13.69 -11.77
N ARG B 109 -20.46 -14.61 -11.39
CA ARG B 109 -20.45 -15.17 -10.02
C ARG B 109 -20.31 -14.03 -8.99
N SER B 110 -19.45 -13.04 -9.22
CA SER B 110 -19.19 -11.93 -8.26
C SER B 110 -20.39 -10.98 -8.16
N LEU B 111 -21.09 -10.75 -9.27
CA LEU B 111 -22.25 -9.85 -9.38
C LEU B 111 -23.42 -10.43 -8.57
N VAL B 112 -23.69 -11.72 -8.73
CA VAL B 112 -24.85 -12.40 -8.10
C VAL B 112 -24.55 -12.54 -6.62
N ALA B 113 -23.30 -12.73 -6.22
CA ALA B 113 -22.97 -12.95 -4.79
C ALA B 113 -23.16 -11.66 -4.00
N SER B 114 -22.85 -10.51 -4.56
CA SER B 114 -22.98 -9.23 -3.82
C SER B 114 -24.44 -8.78 -3.75
N SER B 115 -25.31 -9.29 -4.64
CA SER B 115 -26.77 -8.98 -4.64
C SER B 115 -27.43 -9.57 -3.40
N GLY B 116 -27.27 -10.88 -3.22
CA GLY B 116 -27.62 -11.59 -1.98
C GLY B 116 -29.00 -12.19 -2.01
N THR B 117 -29.58 -12.39 -3.17
CA THR B 117 -30.95 -12.94 -3.29
C THR B 117 -31.09 -13.73 -4.58
N LEU B 118 -32.09 -14.61 -4.63
CA LEU B 118 -32.48 -15.30 -5.87
C LEU B 118 -33.97 -15.02 -6.18
N GLU B 119 -34.54 -13.90 -5.71
CA GLU B 119 -35.96 -13.51 -5.98
C GLU B 119 -36.23 -13.44 -7.49
N PHE B 120 -37.19 -14.21 -7.96
CA PHE B 120 -37.50 -14.38 -9.41
C PHE B 120 -38.98 -14.03 -9.63
N ILE B 121 -39.22 -13.16 -10.61
CA ILE B 121 -40.55 -12.65 -10.96
C ILE B 121 -40.83 -13.14 -12.36
N THR B 122 -41.81 -14.03 -12.52
CA THR B 122 -42.21 -14.51 -13.86
C THR B 122 -42.89 -13.35 -14.60
N GLU B 123 -42.54 -13.17 -15.86
CA GLU B 123 -43.07 -12.10 -16.74
C GLU B 123 -43.77 -12.77 -17.91
N GLY B 124 -44.78 -12.08 -18.46
CA GLY B 124 -45.54 -12.48 -19.65
C GLY B 124 -44.81 -12.11 -20.92
N PHE B 125 -43.96 -13.03 -21.39
CA PHE B 125 -43.26 -12.95 -22.69
C PHE B 125 -44.08 -13.75 -23.69
N THR B 126 -44.33 -13.19 -24.87
CA THR B 126 -45.16 -13.80 -25.94
C THR B 126 -44.24 -14.29 -27.06
N TRP B 127 -43.84 -15.54 -26.99
CA TRP B 127 -43.09 -16.22 -28.06
C TRP B 127 -44.14 -16.74 -29.03
N THR B 128 -44.06 -16.38 -30.31
CA THR B 128 -45.15 -16.57 -31.31
C THR B 128 -44.63 -17.36 -32.52
N GLY B 129 -45.27 -18.51 -32.81
CA GLY B 129 -44.96 -19.38 -33.95
C GLY B 129 -43.86 -20.40 -33.64
N VAL B 130 -43.63 -20.70 -32.36
CA VAL B 130 -42.53 -21.61 -31.89
C VAL B 130 -43.09 -22.53 -30.80
N THR B 131 -42.39 -23.65 -30.57
CA THR B 131 -42.71 -24.66 -29.54
C THR B 131 -41.80 -24.44 -28.33
N GLN B 132 -42.38 -24.23 -27.14
CA GLN B 132 -41.66 -23.92 -25.88
C GLN B 132 -41.35 -25.21 -25.11
N ASN B 133 -40.61 -25.10 -24.00
CA ASN B 133 -40.35 -26.18 -23.00
C ASN B 133 -39.63 -27.39 -23.63
N GLY B 134 -38.59 -27.17 -24.44
CA GLY B 134 -37.69 -28.21 -24.96
C GLY B 134 -36.96 -28.92 -23.82
N GLY B 135 -36.60 -30.20 -24.00
CA GLY B 135 -36.09 -31.09 -22.92
C GLY B 135 -34.95 -31.99 -23.37
N SER B 136 -34.32 -32.68 -22.40
CA SER B 136 -33.17 -33.61 -22.60
C SER B 136 -33.04 -34.59 -21.42
N ASN B 137 -32.51 -35.79 -21.69
CA ASN B 137 -32.31 -36.88 -20.70
C ASN B 137 -30.91 -36.75 -20.05
N ALA B 138 -30.22 -35.65 -20.30
CA ALA B 138 -29.03 -35.20 -19.54
C ALA B 138 -29.49 -34.50 -18.25
N CYS B 139 -30.77 -34.13 -18.22
CA CYS B 139 -31.41 -33.39 -17.11
C CYS B 139 -32.77 -34.02 -16.81
N LYS B 140 -32.77 -35.12 -16.06
CA LYS B 140 -34.00 -35.88 -15.68
C LYS B 140 -34.56 -35.29 -14.38
N ARG B 141 -35.71 -34.60 -14.46
CA ARG B 141 -36.52 -34.18 -13.29
C ARG B 141 -37.64 -35.21 -13.12
N GLY B 142 -37.43 -36.20 -12.24
CA GLY B 142 -38.24 -37.43 -12.15
C GLY B 142 -37.87 -38.40 -13.28
N PRO B 143 -38.78 -39.32 -13.68
CA PRO B 143 -38.49 -40.26 -14.77
C PRO B 143 -38.39 -39.57 -16.14
N GLY B 144 -39.19 -38.52 -16.35
CA GLY B 144 -39.20 -37.73 -17.61
C GLY B 144 -37.93 -36.93 -17.79
N SER B 145 -37.72 -36.43 -19.02
CA SER B 145 -36.68 -35.44 -19.40
C SER B 145 -37.03 -34.09 -18.77
N GLY B 146 -36.04 -33.22 -18.58
CA GLY B 146 -36.19 -31.89 -17.96
C GLY B 146 -35.11 -30.92 -18.40
N PHE B 147 -35.11 -29.72 -17.81
CA PHE B 147 -34.22 -28.59 -18.18
C PHE B 147 -34.16 -27.64 -16.99
N PHE B 148 -33.18 -26.75 -16.99
CA PHE B 148 -33.12 -25.59 -16.06
C PHE B 148 -34.50 -24.93 -15.90
N SER B 149 -34.91 -24.72 -14.65
CA SER B 149 -36.25 -24.20 -14.25
C SER B 149 -36.47 -22.75 -14.69
N ARG B 150 -35.41 -21.97 -14.93
CA ARG B 150 -35.52 -20.50 -15.14
C ARG B 150 -35.24 -20.13 -16.60
N LEU B 151 -34.97 -21.09 -17.47
CA LEU B 151 -34.69 -20.81 -18.90
C LEU B 151 -35.70 -21.57 -19.75
N ASN B 152 -36.01 -21.06 -20.96
CA ASN B 152 -36.99 -21.68 -21.89
C ASN B 152 -36.29 -22.02 -23.22
N TRP B 153 -36.03 -23.31 -23.48
CA TRP B 153 -35.52 -23.82 -24.79
C TRP B 153 -36.64 -23.71 -25.82
N LEU B 154 -36.48 -22.93 -26.89
CA LEU B 154 -37.47 -22.77 -27.97
C LEU B 154 -36.99 -23.49 -29.22
N THR B 155 -37.92 -24.10 -29.98
CA THR B 155 -37.66 -24.95 -31.17
C THR B 155 -38.72 -24.72 -32.25
N LYS B 156 -38.43 -25.18 -33.48
CA LYS B 156 -39.31 -24.99 -34.67
C LYS B 156 -40.71 -25.58 -34.40
N SER B 157 -41.75 -24.85 -34.79
CA SER B 157 -43.16 -25.31 -34.80
C SER B 157 -43.56 -25.67 -36.23
N GLY B 158 -43.89 -26.95 -36.48
CA GLY B 158 -44.21 -27.47 -37.82
C GLY B 158 -42.94 -27.58 -38.67
N SER B 159 -42.75 -26.67 -39.62
CA SER B 159 -41.54 -26.59 -40.48
C SER B 159 -41.02 -25.15 -40.54
N THR B 160 -41.15 -24.39 -39.44
CA THR B 160 -40.77 -22.95 -39.42
C THR B 160 -40.32 -22.49 -38.02
N TYR B 161 -39.35 -21.57 -38.02
CA TYR B 161 -38.90 -20.74 -36.88
C TYR B 161 -38.96 -19.31 -37.39
N PRO B 162 -40.01 -18.53 -37.04
CA PRO B 162 -40.08 -17.12 -37.43
C PRO B 162 -39.00 -16.28 -36.73
N VAL B 163 -38.56 -15.20 -37.38
CA VAL B 163 -37.77 -14.12 -36.72
C VAL B 163 -38.57 -13.70 -35.49
N LEU B 164 -37.97 -13.80 -34.31
CA LEU B 164 -38.63 -13.44 -33.03
C LEU B 164 -38.25 -12.01 -32.72
N ASN B 165 -39.24 -11.18 -32.36
CA ASN B 165 -39.05 -9.75 -32.00
C ASN B 165 -39.94 -9.43 -30.82
N VAL B 166 -39.38 -9.35 -29.62
CA VAL B 166 -40.17 -9.01 -28.40
C VAL B 166 -39.50 -7.84 -27.70
N THR B 167 -40.29 -7.12 -26.89
CA THR B 167 -39.84 -5.97 -26.06
C THR B 167 -40.40 -6.13 -24.66
N MET B 168 -39.65 -5.69 -23.66
CA MET B 168 -40.15 -5.59 -22.27
C MET B 168 -39.65 -4.29 -21.66
N PRO B 169 -40.55 -3.38 -21.21
CA PRO B 169 -40.13 -2.13 -20.57
C PRO B 169 -40.04 -2.20 -19.04
N ASN B 170 -39.05 -1.52 -18.48
CA ASN B 170 -38.94 -1.29 -17.01
C ASN B 170 -39.67 0.03 -16.71
N ASN B 171 -40.81 -0.02 -16.00
CA ASN B 171 -41.53 1.16 -15.49
C ASN B 171 -41.41 1.24 -13.96
N ASP B 172 -40.77 0.25 -13.33
CA ASP B 172 -40.57 0.17 -11.86
C ASP B 172 -39.45 1.14 -11.45
N ASN B 173 -38.98 1.06 -10.20
CA ASN B 173 -37.99 2.02 -9.64
C ASN B 173 -36.75 1.23 -9.17
N PHE B 174 -36.54 0.03 -9.72
CA PHE B 174 -35.39 -0.84 -9.40
C PHE B 174 -34.84 -1.46 -10.70
N ASP B 175 -33.65 -2.06 -10.61
CA ASP B 175 -32.87 -2.66 -11.72
C ASP B 175 -33.27 -4.13 -11.91
N LYS B 176 -33.28 -4.60 -13.14
CA LYS B 176 -33.80 -5.92 -13.52
C LYS B 176 -32.72 -6.69 -14.29
N LEU B 177 -32.33 -7.86 -13.80
CA LEU B 177 -31.25 -8.70 -14.39
C LEU B 177 -31.91 -9.80 -15.19
N TYR B 178 -31.69 -9.85 -16.50
CA TYR B 178 -32.17 -10.96 -17.35
C TYR B 178 -31.02 -11.91 -17.66
N ILE B 179 -31.17 -13.20 -17.42
CA ILE B 179 -30.17 -14.23 -17.83
C ILE B 179 -30.75 -14.88 -19.08
N TRP B 180 -29.97 -15.07 -20.13
CA TRP B 180 -30.41 -15.75 -21.37
C TRP B 180 -29.24 -16.56 -21.93
N GLY B 181 -29.38 -17.26 -23.04
CA GLY B 181 -28.26 -18.04 -23.59
C GLY B 181 -28.41 -18.35 -25.06
N ILE B 182 -27.55 -19.24 -25.59
CA ILE B 182 -27.54 -19.72 -27.00
C ILE B 182 -27.02 -21.17 -27.05
N HIS B 183 -27.61 -21.99 -27.91
CA HIS B 183 -27.27 -23.43 -28.10
C HIS B 183 -26.22 -23.55 -29.21
N HIS B 184 -25.15 -24.33 -28.97
CA HIS B 184 -24.08 -24.69 -29.94
C HIS B 184 -24.24 -26.14 -30.39
N PRO B 185 -24.93 -26.45 -31.51
CA PRO B 185 -25.14 -27.84 -31.94
C PRO B 185 -23.86 -28.47 -32.54
N SER B 186 -23.74 -29.79 -32.51
CA SER B 186 -22.48 -30.50 -32.85
C SER B 186 -22.33 -30.77 -34.35
N THR B 187 -23.41 -30.74 -35.14
CA THR B 187 -23.35 -31.01 -36.61
C THR B 187 -24.13 -29.94 -37.37
N ASN B 188 -24.07 -30.00 -38.71
CA ASN B 188 -24.81 -29.14 -39.66
C ASN B 188 -26.20 -29.74 -39.89
N GLN B 189 -26.38 -30.99 -39.45
CA GLN B 189 -27.58 -31.82 -39.65
C GLN B 189 -28.50 -31.68 -38.42
N GLU B 190 -27.93 -31.30 -37.27
CA GLU B 190 -28.69 -31.08 -36.02
C GLU B 190 -29.21 -29.65 -36.02
N GLN B 191 -28.39 -28.69 -36.47
CA GLN B 191 -28.78 -27.27 -36.58
C GLN B 191 -30.10 -27.19 -37.36
N THR B 192 -30.15 -27.77 -38.56
CA THR B 192 -31.35 -27.75 -39.45
C THR B 192 -32.52 -28.47 -38.77
N SER B 193 -32.24 -29.58 -38.09
CA SER B 193 -33.28 -30.41 -37.42
C SER B 193 -33.99 -29.57 -36.34
N LEU B 194 -33.26 -28.82 -35.53
CA LEU B 194 -33.86 -28.01 -34.43
C LEU B 194 -34.37 -26.67 -34.96
N TYR B 195 -33.59 -25.98 -35.79
CA TYR B 195 -33.93 -24.62 -36.31
C TYR B 195 -33.87 -24.66 -37.84
N VAL B 196 -34.91 -24.23 -38.53
CA VAL B 196 -35.05 -24.39 -40.01
C VAL B 196 -33.82 -23.81 -40.71
N GLN B 197 -33.27 -22.70 -40.20
CA GLN B 197 -32.12 -21.99 -40.83
C GLN B 197 -30.84 -22.82 -40.70
N ALA B 198 -29.76 -22.37 -41.35
CA ALA B 198 -28.43 -23.04 -41.32
C ALA B 198 -27.46 -22.34 -40.35
N SER B 199 -27.71 -21.08 -40.01
CA SER B 199 -26.85 -20.27 -39.10
C SER B 199 -27.74 -19.37 -38.25
N GLY B 200 -27.56 -19.42 -36.93
CA GLY B 200 -28.33 -18.62 -35.96
C GLY B 200 -27.70 -17.26 -35.73
N ARG B 201 -28.34 -16.47 -34.88
CA ARG B 201 -27.96 -15.08 -34.55
C ARG B 201 -28.83 -14.68 -33.37
N VAL B 202 -28.29 -14.01 -32.37
CA VAL B 202 -29.12 -13.58 -31.23
C VAL B 202 -28.67 -12.19 -30.83
N THR B 203 -29.54 -11.20 -30.91
CA THR B 203 -29.18 -9.78 -30.63
C THR B 203 -29.99 -9.34 -29.43
N VAL B 204 -29.38 -8.74 -28.42
CA VAL B 204 -30.12 -8.35 -27.19
C VAL B 204 -29.65 -6.97 -26.77
N SER B 205 -30.56 -6.00 -26.72
CA SER B 205 -30.18 -4.56 -26.66
C SER B 205 -31.08 -3.74 -25.74
N THR B 206 -30.52 -2.65 -25.25
CA THR B 206 -31.23 -1.56 -24.52
C THR B 206 -31.15 -0.32 -25.41
N ARG B 207 -31.51 0.86 -24.89
CA ARG B 207 -31.32 2.17 -25.57
C ARG B 207 -29.84 2.54 -25.62
N ARG B 208 -29.02 2.05 -24.67
CA ARG B 208 -27.63 2.52 -24.47
C ARG B 208 -26.59 1.44 -24.81
N SER B 209 -26.94 0.15 -24.91
CA SER B 209 -25.99 -0.97 -25.14
C SER B 209 -26.54 -1.97 -26.15
N GLN B 210 -25.66 -2.82 -26.71
CA GLN B 210 -26.06 -3.98 -27.54
C GLN B 210 -25.02 -5.11 -27.47
N GLN B 211 -25.45 -6.38 -27.55
CA GLN B 211 -24.59 -7.59 -27.70
C GLN B 211 -25.17 -8.45 -28.79
N THR B 212 -24.34 -9.00 -29.67
CA THR B 212 -24.74 -10.00 -30.69
C THR B 212 -23.80 -11.20 -30.62
N ILE B 213 -24.36 -12.40 -30.59
CA ILE B 213 -23.59 -13.66 -30.53
C ILE B 213 -23.96 -14.48 -31.77
N ILE B 214 -23.01 -15.19 -32.37
CA ILE B 214 -23.31 -16.22 -33.41
C ILE B 214 -22.98 -17.59 -32.83
N PRO B 215 -23.74 -18.67 -33.17
CA PRO B 215 -23.36 -20.02 -32.80
C PRO B 215 -22.23 -20.71 -33.59
N ASN B 216 -21.45 -21.55 -32.90
CA ASN B 216 -20.28 -22.32 -33.41
C ASN B 216 -20.65 -23.80 -33.43
N ILE B 217 -20.43 -24.47 -34.56
CA ILE B 217 -20.83 -25.88 -34.79
C ILE B 217 -19.58 -26.75 -34.94
N GLY B 218 -19.61 -27.96 -34.37
CA GLY B 218 -18.48 -28.90 -34.35
C GLY B 218 -18.54 -29.80 -33.14
N SER B 219 -17.61 -30.75 -33.04
CA SER B 219 -17.67 -31.89 -32.10
C SER B 219 -16.84 -31.60 -30.87
N ARG B 220 -17.34 -31.96 -29.70
CA ARG B 220 -16.63 -31.76 -28.42
C ARG B 220 -16.60 -33.08 -27.66
N PRO B 221 -15.73 -33.24 -26.63
CA PRO B 221 -15.81 -34.37 -25.72
C PRO B 221 -17.23 -34.66 -25.23
N TRP B 222 -17.54 -35.94 -25.00
CA TRP B 222 -18.83 -36.37 -24.41
C TRP B 222 -18.85 -36.02 -22.93
N VAL B 223 -19.91 -35.35 -22.49
CA VAL B 223 -20.30 -35.21 -21.06
C VAL B 223 -21.77 -35.59 -20.96
N ARG B 224 -22.07 -36.61 -20.16
CA ARG B 224 -23.44 -37.11 -19.90
C ARG B 224 -24.19 -37.27 -21.24
N GLY B 225 -23.53 -37.89 -22.22
CA GLY B 225 -24.17 -38.40 -23.45
C GLY B 225 -24.42 -37.34 -24.52
N LEU B 226 -23.77 -36.18 -24.46
CA LEU B 226 -23.97 -35.07 -25.43
C LEU B 226 -22.63 -34.50 -25.86
N SER B 227 -22.50 -34.12 -27.13
CA SER B 227 -21.31 -33.41 -27.70
C SER B 227 -21.70 -31.98 -28.09
N SER B 228 -22.83 -31.48 -27.58
CA SER B 228 -23.33 -30.09 -27.74
C SER B 228 -23.21 -29.34 -26.41
N ARG B 229 -23.24 -28.00 -26.43
CA ARG B 229 -23.10 -27.17 -25.21
C ARG B 229 -24.01 -25.95 -25.30
N ILE B 230 -24.27 -25.30 -24.16
CA ILE B 230 -24.99 -24.00 -24.05
C ILE B 230 -24.04 -22.93 -23.47
N SER B 231 -24.16 -21.70 -23.97
CA SER B 231 -23.37 -20.50 -23.56
C SER B 231 -24.30 -19.49 -22.91
N ILE B 232 -23.98 -19.06 -21.70
CA ILE B 232 -24.88 -18.20 -20.90
C ILE B 232 -24.41 -16.75 -20.99
N TYR B 233 -25.34 -15.80 -21.18
CA TYR B 233 -25.09 -14.34 -21.27
C TYR B 233 -25.99 -13.59 -20.28
N TRP B 234 -25.86 -12.28 -20.14
CA TRP B 234 -26.70 -11.51 -19.19
C TRP B 234 -26.83 -10.04 -19.62
N THR B 235 -27.91 -9.36 -19.24
CA THR B 235 -28.16 -7.93 -19.50
C THR B 235 -28.80 -7.28 -18.28
N ILE B 236 -28.39 -6.08 -17.90
CA ILE B 236 -29.06 -5.29 -16.81
C ILE B 236 -29.82 -4.10 -17.40
N VAL B 237 -31.09 -3.95 -17.05
CA VAL B 237 -31.99 -2.89 -17.60
C VAL B 237 -32.36 -1.94 -16.46
N LYS B 238 -32.03 -0.65 -16.58
CA LYS B 238 -32.22 0.37 -15.51
C LYS B 238 -33.64 0.93 -15.53
N PRO B 239 -34.10 1.62 -14.44
CA PRO B 239 -35.43 2.22 -14.41
C PRO B 239 -35.53 3.32 -15.48
N GLY B 240 -36.54 3.18 -16.35
CA GLY B 240 -36.81 4.10 -17.46
C GLY B 240 -36.42 3.51 -18.81
N ASP B 241 -35.61 2.44 -18.83
CA ASP B 241 -35.05 1.85 -20.08
C ASP B 241 -35.96 0.70 -20.55
N VAL B 242 -35.70 0.21 -21.77
CA VAL B 242 -36.45 -0.90 -22.42
C VAL B 242 -35.47 -2.02 -22.71
N LEU B 243 -35.97 -3.24 -22.90
CA LEU B 243 -35.21 -4.41 -23.39
C LEU B 243 -35.84 -4.84 -24.71
N VAL B 244 -35.03 -5.16 -25.70
CA VAL B 244 -35.52 -5.83 -26.94
C VAL B 244 -34.70 -7.12 -27.09
N ILE B 245 -35.32 -8.17 -27.62
CA ILE B 245 -34.64 -9.43 -27.99
C ILE B 245 -34.99 -9.73 -29.43
N ASN B 246 -34.01 -10.04 -30.28
CA ASN B 246 -34.30 -10.28 -31.72
C ASN B 246 -33.46 -11.45 -32.22
N SER B 247 -33.97 -12.67 -32.16
CA SER B 247 -33.23 -13.88 -32.63
C SER B 247 -33.87 -14.47 -33.87
N ASN B 248 -33.09 -15.03 -34.80
CA ASN B 248 -33.63 -15.84 -35.94
C ASN B 248 -33.35 -17.35 -35.75
N GLY B 249 -32.66 -17.73 -34.68
CA GLY B 249 -32.42 -19.14 -34.31
C GLY B 249 -31.59 -19.29 -33.03
N ASN B 250 -31.65 -20.49 -32.43
CA ASN B 250 -30.75 -21.00 -31.35
C ASN B 250 -30.89 -20.14 -30.08
N LEU B 251 -32.08 -19.69 -29.72
CA LEU B 251 -32.24 -18.81 -28.52
C LEU B 251 -32.74 -19.62 -27.32
N ILE B 252 -32.02 -19.59 -26.21
CA ILE B 252 -32.50 -20.10 -24.88
C ILE B 252 -33.14 -18.89 -24.19
N ALA B 253 -34.46 -18.74 -24.29
CA ALA B 253 -35.15 -17.49 -23.90
C ALA B 253 -35.22 -17.35 -22.38
N PRO B 254 -35.31 -16.13 -21.83
CA PRO B 254 -35.59 -15.95 -20.40
C PRO B 254 -37.08 -16.18 -20.08
N ARG B 255 -37.39 -16.52 -18.82
CA ARG B 255 -38.78 -16.73 -18.30
C ARG B 255 -39.22 -15.54 -17.44
N GLY B 256 -38.27 -14.80 -16.86
CA GLY B 256 -38.55 -13.65 -15.97
C GLY B 256 -37.29 -12.89 -15.67
N TYR B 257 -37.33 -11.99 -14.69
CA TYR B 257 -36.14 -11.23 -14.25
C TYR B 257 -35.81 -11.59 -12.81
N PHE B 258 -34.62 -11.23 -12.36
CA PHE B 258 -34.25 -11.32 -10.94
C PHE B 258 -34.17 -9.91 -10.37
N LYS B 259 -34.67 -9.67 -9.16
CA LYS B 259 -34.41 -8.40 -8.44
C LYS B 259 -32.93 -8.34 -8.03
N MET B 260 -32.43 -7.12 -7.86
CA MET B 260 -31.02 -6.81 -7.55
C MET B 260 -30.99 -5.84 -6.37
N ARG B 261 -30.16 -6.11 -5.38
CA ARG B 261 -29.98 -5.19 -4.22
C ARG B 261 -28.51 -4.81 -4.11
N THR B 262 -28.22 -3.68 -3.51
CA THR B 262 -26.88 -3.31 -2.99
C THR B 262 -26.89 -3.53 -1.48
N GLY B 263 -25.95 -4.31 -0.95
CA GLY B 263 -25.88 -4.68 0.48
C GLY B 263 -24.52 -5.21 0.88
N LYS B 264 -24.48 -6.04 1.91
CA LYS B 264 -23.20 -6.53 2.49
C LYS B 264 -23.01 -8.03 2.17
N SER B 265 -23.62 -8.58 1.11
CA SER B 265 -23.55 -10.04 0.84
C SER B 265 -22.28 -10.44 0.09
N SER B 266 -21.79 -11.68 0.26
CA SER B 266 -20.59 -12.24 -0.42
C SER B 266 -20.67 -13.78 -0.55
N ILE B 267 -19.60 -14.43 -1.01
CA ILE B 267 -19.50 -15.90 -1.20
C ILE B 267 -18.12 -16.38 -0.72
N MET B 268 -17.97 -17.62 -0.24
CA MET B 268 -16.68 -18.20 0.23
C MET B 268 -16.62 -19.70 -0.09
N ARG B 269 -15.52 -20.22 -0.64
CA ARG B 269 -15.34 -21.69 -0.83
C ARG B 269 -14.71 -22.26 0.44
N SER B 270 -15.44 -23.13 1.16
CA SER B 270 -15.01 -23.72 2.45
C SER B 270 -15.41 -25.20 2.50
N ASP B 271 -14.90 -25.94 3.49
CA ASP B 271 -15.29 -27.34 3.75
C ASP B 271 -15.57 -27.60 5.23
N ALA B 272 -15.75 -26.55 6.04
CA ALA B 272 -15.97 -26.65 7.51
C ALA B 272 -17.44 -26.96 7.80
N PRO B 273 -17.80 -27.78 8.82
CA PRO B 273 -19.20 -27.92 9.25
C PRO B 273 -19.80 -26.67 9.91
N ILE B 274 -21.12 -26.55 9.85
CA ILE B 274 -21.90 -25.41 10.44
C ILE B 274 -22.36 -25.80 11.85
N ASP B 275 -22.37 -24.85 12.78
CA ASP B 275 -22.68 -25.09 14.22
C ASP B 275 -23.45 -23.90 14.80
N THR B 276 -24.03 -24.09 15.99
CA THR B 276 -24.83 -23.08 16.75
C THR B 276 -23.96 -22.40 17.82
N CYS B 277 -23.63 -21.12 17.61
CA CYS B 277 -22.74 -20.26 18.44
C CYS B 277 -22.77 -18.83 17.85
N ILE B 278 -22.14 -17.85 18.49
CA ILE B 278 -22.13 -16.44 17.98
C ILE B 278 -20.70 -16.00 17.68
N SER B 279 -20.39 -15.67 16.40
CA SER B 279 -19.06 -15.16 15.96
C SER B 279 -19.17 -14.24 14.73
N GLU B 280 -18.51 -13.08 14.79
CA GLU B 280 -18.60 -11.98 13.78
C GLU B 280 -17.69 -12.20 12.56
N CYS B 281 -16.50 -12.80 12.74
CA CYS B 281 -15.46 -13.03 11.70
C CYS B 281 -15.54 -14.48 11.22
N ILE B 282 -15.65 -14.72 9.92
CA ILE B 282 -15.66 -16.10 9.38
C ILE B 282 -14.50 -16.26 8.42
N THR B 283 -13.73 -17.36 8.49
CA THR B 283 -12.64 -17.70 7.54
C THR B 283 -12.99 -19.06 6.94
N PRO B 284 -12.29 -19.52 5.87
CA PRO B 284 -12.55 -20.85 5.32
C PRO B 284 -12.13 -22.01 6.26
N ASN B 285 -11.38 -21.69 7.31
CA ASN B 285 -10.92 -22.66 8.32
C ASN B 285 -11.84 -22.57 9.53
N GLY B 286 -13.01 -21.92 9.41
CA GLY B 286 -13.99 -21.74 10.49
C GLY B 286 -13.88 -20.38 11.14
N SER B 287 -14.77 -20.08 12.08
CA SER B 287 -14.88 -18.75 12.74
C SER B 287 -13.73 -18.57 13.73
N ILE B 288 -13.20 -17.35 13.81
CA ILE B 288 -12.16 -16.98 14.79
C ILE B 288 -12.68 -15.83 15.62
N PRO B 289 -12.23 -15.67 16.88
CA PRO B 289 -12.58 -14.50 17.68
C PRO B 289 -11.85 -13.22 17.24
N ASN B 290 -12.35 -12.04 17.62
CA ASN B 290 -11.87 -10.75 17.07
C ASN B 290 -11.42 -9.80 18.19
N ASP B 291 -10.75 -10.33 19.19
CA ASP B 291 -10.27 -9.53 20.35
C ASP B 291 -8.90 -8.93 20.01
N LYS B 292 -8.07 -9.67 19.28
CA LYS B 292 -6.68 -9.28 18.91
C LYS B 292 -6.71 -8.44 17.63
N PRO B 293 -5.75 -7.51 17.42
CA PRO B 293 -5.69 -6.70 16.20
C PRO B 293 -5.22 -7.39 14.91
N PHE B 294 -4.36 -8.39 15.02
CA PHE B 294 -3.80 -9.12 13.85
C PHE B 294 -4.34 -10.53 13.89
N GLN B 295 -4.02 -11.37 12.92
CA GLN B 295 -4.58 -12.73 12.68
C GLN B 295 -3.48 -13.47 11.96
N ASN B 296 -3.44 -14.79 11.92
CA ASN B 296 -2.49 -15.47 11.01
C ASN B 296 -3.12 -16.73 10.42
N VAL B 297 -4.42 -16.77 10.38
CA VAL B 297 -5.12 -18.05 10.04
C VAL B 297 -5.28 -18.18 8.53
N ASN B 298 -5.76 -17.14 7.85
CA ASN B 298 -6.05 -17.18 6.40
C ASN B 298 -6.19 -15.75 5.89
N LYS B 299 -5.78 -15.49 4.65
CA LYS B 299 -5.82 -14.13 4.06
C LYS B 299 -7.26 -13.84 3.60
N ILE B 300 -8.06 -14.86 3.35
CA ILE B 300 -9.49 -14.71 2.98
C ILE B 300 -10.36 -14.58 4.23
N THR B 301 -11.31 -13.64 4.26
CA THR B 301 -12.13 -13.30 5.46
C THR B 301 -13.52 -12.78 5.06
N TYR B 302 -14.44 -12.62 6.04
CA TYR B 302 -15.76 -11.95 5.88
C TYR B 302 -16.19 -11.34 7.20
N GLY B 303 -16.74 -10.13 7.18
CA GLY B 303 -17.19 -9.41 8.39
C GLY B 303 -16.06 -8.72 9.16
N ALA B 304 -16.34 -8.29 10.40
CA ALA B 304 -15.38 -7.63 11.31
C ALA B 304 -14.29 -8.62 11.74
N CYS B 305 -13.03 -8.33 11.38
CA CYS B 305 -11.91 -9.30 11.40
C CYS B 305 -10.61 -8.59 11.75
N PRO B 306 -9.61 -9.32 12.29
CA PRO B 306 -8.28 -8.75 12.46
C PRO B 306 -7.52 -8.71 11.13
N LYS B 307 -6.43 -7.93 11.05
CA LYS B 307 -5.62 -7.81 9.80
C LYS B 307 -4.67 -9.01 9.64
N TYR B 308 -4.55 -9.53 8.43
CA TYR B 308 -3.66 -10.69 8.15
C TYR B 308 -2.21 -10.25 8.07
N VAL B 309 -1.30 -10.91 8.73
CA VAL B 309 0.14 -10.60 8.65
C VAL B 309 0.90 -11.90 8.46
N LYS B 310 2.19 -11.84 8.18
CA LYS B 310 3.00 -13.04 7.86
C LYS B 310 3.53 -13.69 9.14
N GLN B 311 3.69 -12.94 10.21
CA GLN B 311 4.27 -13.44 11.49
C GLN B 311 3.33 -14.42 12.18
N ASN B 312 3.87 -15.33 13.00
CA ASN B 312 3.07 -16.27 13.84
C ASN B 312 3.00 -15.78 15.29
N THR B 313 3.85 -14.83 15.69
CA THR B 313 3.89 -14.34 17.10
C THR B 313 4.39 -12.89 17.18
N LEU B 314 3.69 -12.07 17.95
CA LEU B 314 4.08 -10.68 18.26
C LEU B 314 3.66 -10.45 19.68
N LYS B 315 4.62 -10.24 20.58
CA LYS B 315 4.36 -10.12 22.04
C LYS B 315 4.52 -8.64 22.48
N LEU B 316 3.45 -8.06 23.03
CA LEU B 316 3.44 -6.69 23.55
C LEU B 316 3.69 -6.76 25.05
N ALA B 317 4.75 -6.11 25.52
CA ALA B 317 5.13 -6.07 26.95
C ALA B 317 4.06 -5.35 27.77
N THR B 318 3.47 -6.02 28.75
CA THR B 318 2.47 -5.44 29.67
C THR B 318 3.09 -5.24 31.06
N GLY B 319 4.41 -5.39 31.16
CA GLY B 319 5.11 -5.30 32.45
C GLY B 319 6.43 -4.60 32.29
N MET B 320 7.27 -4.63 33.32
CA MET B 320 8.60 -3.96 33.31
C MET B 320 9.70 -4.97 32.95
N ARG B 321 10.97 -4.55 33.02
CA ARG B 321 12.11 -5.46 32.79
C ARG B 321 12.32 -6.32 34.06
N ASN B 322 12.90 -7.51 33.90
CA ASN B 322 12.96 -8.56 34.95
C ASN B 322 14.41 -8.91 35.26
N VAL B 323 15.00 -8.20 36.22
CA VAL B 323 16.36 -8.53 36.76
C VAL B 323 16.17 -9.62 37.82
N PRO B 324 16.37 -10.92 37.51
CA PRO B 324 16.04 -11.95 38.49
C PRO B 324 17.13 -11.82 39.56
N GLU B 325 16.71 -11.99 40.81
CA GLU B 325 17.38 -11.52 42.05
C GLU B 325 18.78 -12.12 42.20
N LYS B 326 19.72 -11.33 42.71
CA LYS B 326 21.01 -11.83 43.26
C LYS B 326 20.72 -12.50 44.60
N GLN B 327 20.49 -13.82 44.59
CA GLN B 327 20.56 -14.62 45.83
C GLN B 327 22.03 -14.64 46.28
N THR B 328 22.95 -14.22 45.39
CA THR B 328 24.26 -13.66 45.80
C THR B 328 23.91 -12.52 46.75
N ARG B 329 24.24 -12.67 48.03
CA ARG B 329 23.73 -11.85 49.14
C ARG B 329 24.81 -11.74 50.20
N GLY B 330 24.56 -10.94 51.24
CA GLY B 330 25.33 -10.89 52.49
C GLY B 330 24.79 -11.79 53.60
N LEU B 331 25.52 -11.84 54.72
CA LEU B 331 25.09 -12.52 55.98
C LEU B 331 23.75 -11.92 56.42
N PHE B 332 23.64 -10.59 56.30
CA PHE B 332 22.42 -9.79 56.61
C PHE B 332 21.44 -9.79 55.44
N GLY B 333 21.88 -10.26 54.26
CA GLY B 333 21.24 -9.90 52.99
C GLY B 333 20.83 -8.46 53.10
N ALA B 334 21.81 -7.63 53.43
CA ALA B 334 21.58 -6.20 53.65
C ALA B 334 20.56 -5.84 52.57
N ILE B 335 19.45 -5.24 52.98
CA ILE B 335 18.38 -4.77 52.06
C ILE B 335 19.08 -4.15 50.85
N ALA B 336 18.76 -4.61 49.65
CA ALA B 336 19.37 -4.09 48.40
C ALA B 336 18.28 -3.64 47.43
N GLY B 337 18.50 -2.47 46.81
CA GLY B 337 17.50 -1.72 46.03
C GLY B 337 17.54 -2.02 44.54
N PHE B 338 17.02 -1.09 43.74
CA PHE B 338 16.71 -1.30 42.31
C PHE B 338 17.98 -1.22 41.48
N ILE B 339 18.93 -0.36 41.87
CA ILE B 339 20.22 -0.17 41.14
C ILE B 339 20.89 -1.55 40.98
N GLU B 340 20.70 -2.43 41.98
CA GLU B 340 21.26 -3.80 42.02
C GLU B 340 20.38 -4.75 41.19
N ASN B 341 19.20 -5.12 41.71
CA ASN B 341 18.37 -6.25 41.23
C ASN B 341 16.88 -5.96 41.49
N GLY B 342 16.01 -6.92 41.16
CA GLY B 342 14.57 -6.92 41.49
C GLY B 342 14.31 -7.68 42.79
N TRP B 343 13.11 -7.50 43.37
CA TRP B 343 12.67 -8.15 44.64
C TRP B 343 11.64 -9.24 44.33
N GLU B 344 11.97 -10.52 44.53
CA GLU B 344 11.05 -11.64 44.18
C GLU B 344 10.08 -11.94 45.34
N GLY B 345 10.22 -11.24 46.48
CA GLY B 345 9.42 -11.49 47.70
C GLY B 345 8.27 -10.50 47.89
N MET B 346 7.91 -9.73 46.84
CA MET B 346 6.87 -8.67 46.92
C MET B 346 5.68 -9.06 46.05
N ILE B 347 4.48 -9.07 46.64
CA ILE B 347 3.25 -9.63 46.01
C ILE B 347 2.16 -8.56 45.91
N ASP B 348 2.08 -7.63 46.89
CA ASP B 348 0.97 -6.68 47.03
C ASP B 348 0.96 -5.67 45.87
N GLY B 349 2.15 -5.28 45.36
CA GLY B 349 2.31 -4.21 44.35
C GLY B 349 3.69 -4.21 43.68
N TRP B 350 3.84 -3.41 42.62
CA TRP B 350 5.00 -3.36 41.69
C TRP B 350 6.15 -2.61 42.34
N TYR B 351 5.94 -1.34 42.70
CA TYR B 351 6.94 -0.48 43.37
C TYR B 351 6.67 -0.54 44.87
N GLY B 352 7.72 -0.57 45.73
CA GLY B 352 7.54 -0.63 47.20
C GLY B 352 8.81 -0.36 48.00
N PHE B 353 8.72 -0.31 49.33
CA PHE B 353 9.79 0.12 50.27
C PHE B 353 10.14 -1.00 51.26
N ARG B 354 11.43 -1.18 51.55
CA ARG B 354 11.93 -2.11 52.59
C ARG B 354 12.73 -1.29 53.59
N HIS B 355 12.42 -1.38 54.89
CA HIS B 355 13.03 -0.53 55.95
C HIS B 355 13.79 -1.42 56.94
N GLN B 356 15.02 -1.07 57.29
CA GLN B 356 15.74 -1.74 58.40
C GLN B 356 15.79 -0.74 59.55
N ASN B 357 15.28 -1.15 60.71
CA ASN B 357 15.17 -0.29 61.91
C ASN B 357 15.56 -1.12 63.14
N SER B 358 15.89 -0.46 64.26
CA SER B 358 16.03 -1.07 65.60
C SER B 358 14.84 -1.99 65.89
N GLU B 359 13.61 -1.53 65.56
CA GLU B 359 12.35 -2.26 65.81
C GLU B 359 12.37 -3.61 65.06
N GLY B 360 12.76 -3.60 63.77
CA GLY B 360 12.89 -4.82 62.95
C GLY B 360 13.17 -4.53 61.49
N THR B 361 13.22 -5.57 60.67
CA THR B 361 13.15 -5.47 59.19
C THR B 361 11.67 -5.52 58.82
N GLY B 362 11.30 -4.92 57.70
CA GLY B 362 9.91 -4.81 57.22
C GLY B 362 9.84 -4.59 55.73
N GLN B 363 8.62 -4.53 55.20
CA GLN B 363 8.33 -4.36 53.76
C GLN B 363 6.90 -3.86 53.61
N ALA B 364 6.60 -3.24 52.48
CA ALA B 364 5.28 -2.64 52.13
C ALA B 364 5.25 -2.37 50.62
N ALA B 365 4.13 -1.88 50.09
CA ALA B 365 3.97 -1.53 48.66
C ALA B 365 3.42 -0.09 48.53
N ASP B 366 3.37 0.43 47.31
CA ASP B 366 2.97 1.85 47.06
C ASP B 366 1.86 1.90 46.01
N LEU B 367 0.72 2.46 46.39
CA LEU B 367 -0.49 2.44 45.54
C LEU B 367 -0.37 3.52 44.46
N LYS B 368 0.02 4.73 44.83
CA LYS B 368 0.01 5.89 43.89
C LYS B 368 0.72 5.49 42.59
N SER B 369 1.97 5.07 42.72
CA SER B 369 2.85 4.72 41.58
C SER B 369 2.29 3.50 40.85
N THR B 370 2.02 2.42 41.58
CA THR B 370 1.66 1.12 40.97
C THR B 370 0.41 1.35 40.12
N GLN B 371 -0.53 2.11 40.68
CA GLN B 371 -1.78 2.43 39.99
C GLN B 371 -1.49 3.07 38.64
N ALA B 372 -0.72 4.17 38.65
CA ALA B 372 -0.47 5.06 37.48
C ALA B 372 0.20 4.30 36.33
N ALA B 373 1.26 3.58 36.63
CA ALA B 373 1.94 2.74 35.62
C ALA B 373 0.88 1.86 34.98
N ILE B 374 0.13 1.16 35.81
CA ILE B 374 -0.88 0.17 35.35
C ILE B 374 -1.85 0.91 34.42
N ASP B 375 -2.22 2.13 34.81
CA ASP B 375 -3.17 2.98 34.04
C ASP B 375 -2.68 3.20 32.60
N GLN B 376 -1.46 3.73 32.43
CA GLN B 376 -0.94 4.06 31.08
C GLN B 376 -0.78 2.74 30.32
N ILE B 377 -0.30 1.67 30.94
CA ILE B 377 -0.10 0.43 30.15
C ILE B 377 -1.46 -0.04 29.63
N ASN B 378 -2.51 0.13 30.44
CA ASN B 378 -3.86 -0.35 30.06
C ASN B 378 -4.39 0.51 28.92
N GLY B 379 -4.14 1.82 28.98
CA GLY B 379 -4.35 2.77 27.87
C GLY B 379 -3.72 2.24 26.59
N LYS B 380 -2.39 2.07 26.56
CA LYS B 380 -1.68 1.50 25.38
C LYS B 380 -2.51 0.36 24.85
N LEU B 381 -2.78 -0.62 25.69
CA LEU B 381 -3.51 -1.82 25.25
C LEU B 381 -4.76 -1.41 24.45
N ASN B 382 -5.54 -0.43 24.93
CA ASN B 382 -6.85 -0.08 24.33
C ASN B 382 -6.68 0.55 22.95
N ARG B 383 -5.80 1.55 22.75
CA ARG B 383 -5.55 2.10 21.39
C ARG B 383 -5.28 0.90 20.46
N VAL B 384 -4.40 -0.02 20.87
CA VAL B 384 -3.84 -1.10 20.00
C VAL B 384 -4.92 -2.14 19.64
N ILE B 385 -5.68 -2.70 20.58
CA ILE B 385 -6.30 -4.04 20.39
C ILE B 385 -7.63 -4.03 19.62
N GLU B 386 -8.28 -2.90 19.40
CA GLU B 386 -9.71 -2.94 19.03
C GLU B 386 -10.14 -1.74 18.21
N LYS B 387 -10.78 -2.02 17.08
CA LYS B 387 -11.09 -0.99 16.05
C LYS B 387 -11.83 -1.62 14.88
N THR B 388 -12.33 -0.77 13.99
CA THR B 388 -13.05 -1.17 12.75
C THR B 388 -12.10 -1.74 11.69
N ASN B 389 -12.31 -3.01 11.36
CA ASN B 389 -11.86 -3.60 10.08
C ASN B 389 -13.03 -4.46 9.58
N GLU B 390 -14.10 -3.81 9.13
CA GLU B 390 -15.37 -4.51 8.80
C GLU B 390 -15.58 -4.48 7.30
N LYS B 391 -15.39 -5.62 6.63
CA LYS B 391 -15.31 -5.71 5.15
C LYS B 391 -16.06 -6.92 4.63
N PHE B 392 -16.69 -6.80 3.44
CA PHE B 392 -17.80 -7.69 3.00
C PHE B 392 -17.51 -8.35 1.65
N HIS B 393 -17.38 -7.60 0.57
CA HIS B 393 -17.03 -8.19 -0.73
C HIS B 393 -15.68 -7.65 -1.23
N GLN B 394 -14.86 -8.56 -1.73
CA GLN B 394 -13.45 -8.27 -2.10
C GLN B 394 -13.06 -9.10 -3.32
N ILE B 395 -11.84 -8.95 -3.77
CA ILE B 395 -11.29 -9.74 -4.91
C ILE B 395 -11.12 -11.22 -4.53
N GLU B 396 -11.01 -12.10 -5.53
CA GLU B 396 -10.55 -13.51 -5.32
C GLU B 396 -9.04 -13.55 -4.96
N LYS B 397 -8.58 -14.39 -4.00
CA LYS B 397 -7.15 -14.49 -3.58
C LYS B 397 -6.59 -15.91 -3.77
N GLU B 398 -7.37 -16.84 -4.33
CA GLU B 398 -6.90 -18.19 -4.69
C GLU B 398 -7.44 -18.55 -6.06
N PHE B 399 -6.61 -19.17 -6.89
CA PHE B 399 -6.94 -19.52 -8.29
C PHE B 399 -6.60 -20.99 -8.54
N SER B 400 -7.38 -21.65 -9.39
CA SER B 400 -7.27 -23.09 -9.73
C SER B 400 -6.66 -23.31 -11.13
N GLU B 401 -6.76 -22.32 -12.04
CA GLU B 401 -6.24 -22.40 -13.43
C GLU B 401 -5.15 -21.35 -13.61
N VAL B 402 -4.45 -21.37 -14.75
CA VAL B 402 -3.59 -20.24 -15.20
C VAL B 402 -4.37 -19.45 -16.24
N GLU B 403 -4.34 -18.12 -16.12
CA GLU B 403 -5.15 -17.19 -16.95
C GLU B 403 -4.24 -16.16 -17.62
N GLY B 404 -3.17 -15.73 -16.94
CA GLY B 404 -2.16 -14.77 -17.46
C GLY B 404 -2.20 -13.45 -16.73
N ARG B 405 -2.54 -12.36 -17.44
CA ARG B 405 -2.26 -10.95 -17.07
C ARG B 405 -3.04 -10.55 -15.81
N ILE B 406 -4.37 -10.65 -15.87
CA ILE B 406 -5.28 -10.08 -14.82
C ILE B 406 -4.94 -10.78 -13.51
N GLN B 407 -4.78 -12.10 -13.57
CA GLN B 407 -4.55 -12.94 -12.38
C GLN B 407 -3.20 -12.56 -11.76
N ASP B 408 -2.18 -12.27 -12.56
CA ASP B 408 -0.85 -11.82 -12.05
C ASP B 408 -0.99 -10.50 -11.32
N LEU B 409 -1.79 -9.58 -11.84
CA LEU B 409 -2.01 -8.26 -11.19
C LEU B 409 -2.79 -8.48 -9.89
N GLU B 410 -3.80 -9.35 -9.87
CA GLU B 410 -4.55 -9.64 -8.62
C GLU B 410 -3.62 -10.24 -7.58
N LYS B 411 -2.71 -11.14 -7.96
CA LYS B 411 -1.76 -11.75 -6.99
C LYS B 411 -0.76 -10.70 -6.48
N TYR B 412 -0.32 -9.79 -7.35
CA TYR B 412 0.67 -8.73 -7.01
C TYR B 412 0.02 -7.73 -6.07
N VAL B 413 -1.25 -7.41 -6.28
CA VAL B 413 -1.94 -6.42 -5.41
C VAL B 413 -2.03 -7.00 -4.01
N GLU B 414 -2.33 -8.29 -3.87
CA GLU B 414 -2.55 -8.89 -2.53
C GLU B 414 -1.22 -8.97 -1.77
N ASP B 415 -0.13 -9.39 -2.43
CA ASP B 415 1.19 -9.55 -1.74
C ASP B 415 1.73 -8.20 -1.30
N THR B 416 1.51 -7.15 -2.08
CA THR B 416 1.96 -5.77 -1.75
C THR B 416 1.28 -5.33 -0.45
N LYS B 417 -0.03 -5.59 -0.35
CA LYS B 417 -0.83 -5.24 0.84
C LYS B 417 -0.29 -6.00 2.04
N ILE B 418 0.02 -7.28 1.90
CA ILE B 418 0.43 -8.13 3.05
C ILE B 418 1.78 -7.66 3.58
N ASP B 419 2.75 -7.39 2.70
CA ASP B 419 4.09 -6.98 3.17
C ASP B 419 4.04 -5.60 3.80
N LEU B 420 3.12 -4.72 3.40
CA LEU B 420 3.05 -3.37 3.99
C LEU B 420 2.39 -3.42 5.35
N TRP B 421 1.43 -4.33 5.57
CA TRP B 421 0.72 -4.45 6.86
C TRP B 421 1.58 -5.23 7.82
N SER B 422 2.47 -6.07 7.31
CA SER B 422 3.36 -6.87 8.17
C SER B 422 4.46 -5.96 8.69
N TYR B 423 4.92 -5.01 7.88
CA TYR B 423 5.97 -4.07 8.30
C TYR B 423 5.36 -3.15 9.35
N ASN B 424 4.09 -2.79 9.18
CA ASN B 424 3.40 -1.89 10.14
C ASN B 424 3.29 -2.58 11.49
N ALA B 425 3.06 -3.88 11.49
CA ALA B 425 2.79 -4.68 12.71
C ALA B 425 4.10 -4.88 13.44
N GLU B 426 5.20 -5.03 12.73
CA GLU B 426 6.54 -5.25 13.35
C GLU B 426 7.02 -3.97 14.04
N LEU B 427 6.84 -2.81 13.41
CA LEU B 427 7.36 -1.54 13.96
C LEU B 427 6.50 -1.13 15.15
N LEU B 428 5.18 -1.27 15.09
CA LEU B 428 4.28 -0.82 16.18
C LEU B 428 4.64 -1.57 17.46
N VAL B 429 4.88 -2.87 17.38
CA VAL B 429 5.19 -3.67 18.58
C VAL B 429 6.52 -3.17 19.14
N ALA B 430 7.55 -3.01 18.31
CA ALA B 430 8.88 -2.54 18.75
C ALA B 430 8.80 -1.13 19.39
N LEU B 431 8.05 -0.23 18.78
CA LEU B 431 7.92 1.16 19.29
C LEU B 431 7.27 1.11 20.65
N GLU B 432 6.12 0.45 20.73
CA GLU B 432 5.29 0.41 21.94
C GLU B 432 6.08 -0.29 23.05
N ASN B 433 6.81 -1.34 22.75
CA ASN B 433 7.57 -2.08 23.79
C ASN B 433 8.66 -1.21 24.37
N GLN B 434 9.37 -0.46 23.54
CA GLN B 434 10.39 0.49 24.05
C GLN B 434 9.71 1.50 25.00
N HIS B 435 8.65 2.16 24.54
CA HIS B 435 7.94 3.19 25.34
C HIS B 435 7.50 2.60 26.68
N THR B 436 7.10 1.33 26.71
CA THR B 436 6.63 0.66 27.94
C THR B 436 7.78 0.52 28.94
N ILE B 437 8.89 -0.05 28.52
CA ILE B 437 10.13 -0.12 29.37
C ILE B 437 10.50 1.29 29.89
N ASP B 438 10.45 2.31 29.06
CA ASP B 438 10.88 3.68 29.45
C ASP B 438 9.94 4.24 30.51
N LEU B 439 8.62 4.07 30.34
CA LEU B 439 7.62 4.73 31.23
C LEU B 439 7.70 4.06 32.60
N THR B 440 7.97 2.76 32.64
CA THR B 440 8.04 2.03 33.93
C THR B 440 9.31 2.45 34.67
N ASP B 441 10.41 2.70 33.96
CA ASP B 441 11.72 3.03 34.60
C ASP B 441 11.71 4.49 35.09
N SER B 442 11.07 5.41 34.37
CA SER B 442 10.96 6.83 34.81
C SER B 442 10.09 6.92 36.06
N GLU B 443 9.01 6.13 36.09
CA GLU B 443 8.06 6.06 37.22
C GLU B 443 8.83 5.68 38.48
N MET B 444 9.73 4.71 38.36
CA MET B 444 10.63 4.28 39.46
C MET B 444 11.47 5.48 39.93
N ASN B 445 12.14 6.19 39.02
CA ASN B 445 13.07 7.28 39.37
C ASN B 445 12.28 8.50 39.91
N LYS B 446 11.00 8.60 39.59
CA LYS B 446 10.12 9.70 40.06
C LYS B 446 9.85 9.55 41.55
N LEU B 447 9.65 8.32 42.02
CA LEU B 447 9.38 8.04 43.46
C LEU B 447 10.63 8.39 44.28
N PHE B 448 11.81 8.15 43.70
CA PHE B 448 13.10 8.37 44.37
C PHE B 448 13.31 9.87 44.63
N GLU B 449 13.09 10.69 43.61
CA GLU B 449 13.34 12.15 43.70
C GLU B 449 12.34 12.77 44.68
N LYS B 450 11.10 12.26 44.67
CA LYS B 450 10.03 12.67 45.60
C LYS B 450 10.52 12.40 47.01
N THR B 451 11.07 11.21 47.24
CA THR B 451 11.62 10.80 48.57
C THR B 451 12.81 11.70 48.94
N ARG B 452 13.75 11.93 48.03
CA ARG B 452 14.96 12.74 48.30
C ARG B 452 14.56 14.18 48.67
N ARG B 453 13.54 14.69 47.96
CA ARG B 453 13.06 16.09 48.11
C ARG B 453 12.50 16.27 49.51
N GLN B 454 11.82 15.26 50.05
CA GLN B 454 11.20 15.34 51.40
C GLN B 454 12.28 15.32 52.49
N LEU B 455 13.35 14.52 52.32
CA LEU B 455 14.46 14.34 53.31
C LEU B 455 15.64 15.28 52.98
N ARG B 456 15.56 16.49 53.48
CA ARG B 456 16.23 17.67 52.89
C ARG B 456 17.73 17.56 53.19
N GLU B 457 18.07 17.52 54.47
CA GLU B 457 19.48 17.46 54.99
C GLU B 457 19.57 16.49 56.16
N ASN B 458 18.51 15.70 56.38
CA ASN B 458 18.41 14.75 57.51
C ASN B 458 18.68 13.35 56.95
N ALA B 459 18.88 13.21 55.63
CA ALA B 459 19.20 11.95 54.93
C ALA B 459 20.25 12.19 53.84
N GLU B 460 20.95 11.12 53.42
CA GLU B 460 21.96 11.13 52.33
C GLU B 460 21.77 9.88 51.48
N GLU B 461 22.21 9.91 50.22
CA GLU B 461 22.17 8.76 49.28
C GLU B 461 23.48 7.96 49.33
N MET B 462 23.38 6.62 49.30
CA MET B 462 24.51 5.66 49.40
C MET B 462 24.93 5.17 48.01
N GLY B 463 23.97 5.00 47.09
CA GLY B 463 24.20 4.56 45.70
C GLY B 463 23.86 3.09 45.51
N ASN B 464 23.31 2.43 46.52
CA ASN B 464 22.75 1.05 46.40
C ASN B 464 21.25 1.12 46.06
N GLY B 465 20.68 2.34 45.96
CA GLY B 465 19.23 2.63 45.83
C GLY B 465 18.60 2.98 47.18
N CYS B 466 19.43 3.46 48.10
CA CYS B 466 19.19 3.44 49.57
C CYS B 466 19.50 4.82 50.16
N PHE B 467 18.86 5.16 51.27
CA PHE B 467 18.97 6.48 51.92
C PHE B 467 19.43 6.27 53.34
N LYS B 468 20.71 6.53 53.63
CA LYS B 468 21.22 6.54 55.03
C LYS B 468 20.68 7.79 55.75
N ILE B 469 19.71 7.59 56.64
CA ILE B 469 19.07 8.68 57.45
C ILE B 469 19.91 8.79 58.71
N TYR B 470 20.49 9.96 59.01
CA TYR B 470 21.43 10.17 60.16
C TYR B 470 20.68 10.56 61.45
N HIS B 471 19.42 10.16 61.63
CA HIS B 471 18.66 10.33 62.89
C HIS B 471 17.98 9.00 63.26
N LYS B 472 17.36 8.96 64.44
CA LYS B 472 16.68 7.75 64.98
C LYS B 472 15.26 7.70 64.42
N CYS B 473 15.05 6.89 63.38
CA CYS B 473 13.72 6.67 62.73
C CYS B 473 13.09 5.42 63.36
N ASP B 474 11.87 5.54 63.90
CA ASP B 474 11.04 4.40 64.36
C ASP B 474 10.03 4.02 63.26
N ASN B 475 9.15 3.05 63.53
CA ASN B 475 8.13 2.57 62.56
C ASN B 475 7.23 3.74 62.15
N ALA B 476 6.81 4.59 63.10
CA ALA B 476 5.92 5.75 62.83
C ALA B 476 6.59 6.72 61.85
N CYS B 477 7.88 7.02 62.04
CA CYS B 477 8.72 7.92 61.18
C CYS B 477 8.82 7.33 59.76
N ILE B 478 9.11 6.04 59.64
CA ILE B 478 9.23 5.37 58.33
C ILE B 478 7.86 5.52 57.67
N GLU B 479 6.80 5.30 58.44
CA GLU B 479 5.42 5.33 57.91
C GLU B 479 5.14 6.73 57.38
N SER B 480 5.54 7.76 58.11
CA SER B 480 5.34 9.16 57.68
C SER B 480 6.03 9.37 56.32
N ILE B 481 7.31 8.98 56.15
CA ILE B 481 8.01 9.17 54.85
C ILE B 481 7.15 8.49 53.77
N ARG B 482 6.87 7.21 53.97
CA ARG B 482 6.13 6.37 53.01
C ARG B 482 4.83 7.10 52.66
N ASN B 483 4.25 7.78 53.66
CA ASN B 483 2.90 8.38 53.63
C ASN B 483 2.88 9.64 52.77
N GLY B 484 3.88 10.50 52.96
CA GLY B 484 4.00 11.84 52.35
C GLY B 484 3.66 12.95 53.33
N THR B 485 4.02 12.80 54.60
CA THR B 485 3.80 13.80 55.68
C THR B 485 5.08 14.00 56.52
N TYR B 486 6.25 13.49 56.07
CA TYR B 486 7.52 13.58 56.83
C TYR B 486 7.89 15.07 57.02
N ASP B 487 8.07 15.50 58.28
CA ASP B 487 8.43 16.90 58.64
C ASP B 487 9.90 16.98 59.12
N HIS B 488 10.77 17.30 58.18
CA HIS B 488 12.25 17.34 58.34
C HIS B 488 12.68 18.17 59.54
N ASP B 489 11.99 19.28 59.83
CA ASP B 489 12.39 20.28 60.86
C ASP B 489 12.63 19.60 62.22
N VAL B 490 11.81 18.62 62.56
CA VAL B 490 11.78 17.99 63.92
C VAL B 490 13.15 17.36 64.23
N TYR B 491 13.78 16.67 63.29
CA TYR B 491 15.02 15.87 63.51
C TYR B 491 16.24 16.56 62.88
N ARG B 492 16.12 17.83 62.48
CA ARG B 492 17.13 18.49 61.61
C ARG B 492 18.44 18.68 62.40
N ASP B 493 18.34 19.26 63.60
CA ASP B 493 19.51 19.63 64.43
C ASP B 493 20.31 18.36 64.77
N GLU B 494 19.60 17.32 65.23
CA GLU B 494 20.19 16.02 65.65
C GLU B 494 20.94 15.40 64.45
N ALA B 495 20.29 15.34 63.28
CA ALA B 495 20.84 14.72 62.05
C ALA B 495 22.08 15.50 61.59
N LEU B 496 22.03 16.83 61.60
CA LEU B 496 23.17 17.69 61.15
C LEU B 496 24.36 17.48 62.07
N ASN B 497 24.13 17.38 63.39
CA ASN B 497 25.22 17.15 64.38
C ASN B 497 25.74 15.71 64.22
N ASN B 498 24.92 14.77 63.76
CA ASN B 498 25.33 13.35 63.64
C ASN B 498 26.13 13.11 62.36
N ARG B 499 25.77 13.76 61.23
CA ARG B 499 26.33 13.48 59.87
C ARG B 499 27.65 14.25 59.63
N PHE B 500 27.75 15.50 60.09
CA PHE B 500 28.87 16.42 59.75
C PHE B 500 29.88 16.53 60.91
N GLN B 501 29.61 15.95 62.07
CA GLN B 501 30.52 15.94 63.25
C GLN B 501 30.43 14.56 63.94
N ASN C 8 49.67 22.20 46.96
CA ASN C 8 48.19 22.34 46.70
C ASN C 8 47.42 21.21 47.41
N SER C 9 46.16 21.45 47.76
CA SER C 9 45.32 20.58 48.63
C SER C 9 44.04 20.08 47.92
N THR C 10 43.88 20.35 46.62
CA THR C 10 42.64 20.07 45.85
C THR C 10 42.97 19.55 44.44
N ALA C 11 41.96 19.05 43.74
CA ALA C 11 42.09 18.32 42.46
C ALA C 11 40.92 18.68 41.56
N THR C 12 41.08 18.52 40.25
CA THR C 12 40.01 18.70 39.23
C THR C 12 39.88 17.40 38.43
N LEU C 13 38.66 16.94 38.21
CA LEU C 13 38.34 15.70 37.44
C LEU C 13 37.18 16.02 36.51
N CYS C 14 37.37 15.94 35.19
CA CYS C 14 36.30 16.30 34.22
C CYS C 14 35.98 15.10 33.32
N LEU C 15 34.79 15.08 32.76
CA LEU C 15 34.27 13.99 31.90
C LEU C 15 33.95 14.57 30.55
N GLY C 16 34.01 13.75 29.50
CA GLY C 16 33.78 14.21 28.12
C GLY C 16 33.65 13.08 27.12
N HIS C 17 33.48 13.47 25.88
CA HIS C 17 33.26 12.54 24.76
C HIS C 17 34.08 13.02 23.58
N HIS C 18 34.42 12.10 22.69
CA HIS C 18 35.36 12.34 21.55
C HIS C 18 34.67 13.20 20.51
N ALA C 19 35.47 14.05 19.88
CA ALA C 19 35.10 14.85 18.71
C ALA C 19 36.03 14.47 17.56
N VAL C 20 35.64 14.82 16.33
CA VAL C 20 36.47 14.62 15.12
C VAL C 20 36.63 15.96 14.40
N PRO C 21 37.59 16.08 13.45
CA PRO C 21 37.67 17.26 12.58
C PRO C 21 36.59 17.41 11.48
N ASN C 22 36.25 16.33 10.78
CA ASN C 22 35.28 16.39 9.63
C ASN C 22 34.10 15.45 9.90
N GLY C 23 32.88 15.95 9.69
CA GLY C 23 31.61 15.26 10.00
C GLY C 23 30.66 15.25 8.81
N THR C 24 29.70 14.31 8.82
CA THR C 24 28.57 14.25 7.86
C THR C 24 27.30 14.76 8.55
N LEU C 25 26.32 15.23 7.79
CA LEU C 25 25.07 15.80 8.35
C LEU C 25 23.91 14.81 8.16
N VAL C 26 23.09 14.59 9.20
CA VAL C 26 21.96 13.62 9.16
C VAL C 26 20.63 14.36 9.33
N LYS C 27 19.52 13.72 8.93
CA LYS C 27 18.12 14.21 9.09
C LYS C 27 17.50 13.58 10.33
N THR C 28 16.98 14.34 11.28
CA THR C 28 16.26 13.78 12.46
C THR C 28 14.78 14.17 12.38
N ILE C 29 14.06 14.11 13.51
CA ILE C 29 12.60 14.40 13.64
C ILE C 29 12.34 15.88 13.44
N THR C 30 13.02 16.70 14.24
CA THR C 30 12.78 18.15 14.43
C THR C 30 13.46 18.92 13.29
N ASP C 31 14.70 18.57 12.96
CA ASP C 31 15.60 19.42 12.13
C ASP C 31 16.08 18.67 10.88
N ASP C 32 16.44 19.45 9.85
CA ASP C 32 16.77 18.92 8.49
C ASP C 32 18.28 18.63 8.38
N GLN C 33 19.11 19.14 9.29
CA GLN C 33 20.57 18.87 9.26
C GLN C 33 21.10 18.90 10.68
N ILE C 34 22.01 18.00 11.01
CA ILE C 34 22.75 18.03 12.31
C ILE C 34 24.05 17.25 12.10
N GLU C 35 25.11 17.54 12.86
CA GLU C 35 26.47 17.00 12.54
C GLU C 35 26.86 15.90 13.53
N VAL C 36 27.06 14.71 13.00
CA VAL C 36 27.43 13.49 13.75
C VAL C 36 28.91 13.21 13.52
N THR C 37 29.48 12.23 14.23
CA THR C 37 30.90 11.85 14.11
C THR C 37 31.08 10.92 12.93
N ASN C 38 30.13 10.03 12.70
CA ASN C 38 30.23 9.06 11.59
C ASN C 38 28.83 8.63 11.22
N ALA C 39 28.63 8.24 9.95
CA ALA C 39 27.31 7.86 9.39
C ALA C 39 27.49 6.99 8.16
N THR C 40 26.62 5.99 8.03
CA THR C 40 26.62 5.02 6.90
C THR C 40 25.58 5.48 5.88
N GLU C 41 25.61 4.85 4.70
CA GLU C 41 24.63 5.02 3.61
C GLU C 41 23.73 3.78 3.64
N LEU C 42 22.43 3.97 3.35
CA LEU C 42 21.42 2.89 3.28
C LEU C 42 20.87 2.75 1.87
N VAL C 43 21.26 3.56 0.88
CA VAL C 43 20.69 3.45 -0.49
C VAL C 43 21.83 3.11 -1.45
N GLN C 44 21.72 2.00 -2.16
CA GLN C 44 22.68 1.58 -3.21
C GLN C 44 22.40 2.39 -4.48
N SER C 45 23.39 3.12 -4.97
CA SER C 45 23.22 4.10 -6.08
C SER C 45 23.88 3.66 -7.39
N SER C 46 24.66 2.58 -7.38
CA SER C 46 25.64 2.28 -8.47
C SER C 46 25.56 0.82 -8.88
N SER C 47 25.98 0.53 -10.11
CA SER C 47 26.03 -0.84 -10.67
C SER C 47 27.32 -1.04 -11.48
N THR C 48 27.81 -2.28 -11.53
CA THR C 48 29.01 -2.69 -12.30
C THR C 48 28.72 -2.59 -13.81
N GLY C 49 27.48 -2.85 -14.21
CA GLY C 49 27.01 -2.74 -15.61
C GLY C 49 27.05 -4.09 -16.33
N LYS C 50 27.21 -5.20 -15.60
CA LYS C 50 27.30 -6.57 -16.16
C LYS C 50 26.37 -7.51 -15.42
N ILE C 51 25.96 -8.61 -16.05
CA ILE C 51 25.09 -9.63 -15.41
C ILE C 51 25.94 -10.83 -14.99
N CYS C 52 26.00 -11.10 -13.68
CA CYS C 52 26.77 -12.21 -13.03
C CYS C 52 26.05 -13.55 -13.22
N ASN C 53 26.77 -14.59 -13.63
CA ASN C 53 26.19 -15.87 -14.14
C ASN C 53 25.96 -16.90 -13.02
N ASN C 54 26.33 -16.59 -11.77
CA ASN C 54 26.05 -17.46 -10.60
C ASN C 54 25.48 -16.60 -9.49
N PRO C 55 24.53 -17.09 -8.65
CA PRO C 55 24.08 -18.50 -8.68
C PRO C 55 22.82 -18.87 -9.48
N HIS C 56 22.12 -17.90 -10.07
CA HIS C 56 20.94 -18.16 -10.93
C HIS C 56 21.40 -18.47 -12.35
N ARG C 57 20.72 -19.38 -13.04
CA ARG C 57 21.08 -19.84 -14.41
C ARG C 57 20.53 -18.82 -15.44
N ILE C 58 21.39 -18.05 -16.09
CA ILE C 58 20.95 -16.98 -17.04
C ILE C 58 20.98 -17.55 -18.45
N LEU C 59 19.92 -17.33 -19.24
CA LEU C 59 19.92 -17.69 -20.68
C LEU C 59 19.85 -16.42 -21.53
N ASP C 60 20.95 -16.02 -22.16
CA ASP C 60 20.97 -14.88 -23.11
C ASP C 60 20.31 -15.27 -24.45
N GLY C 61 19.11 -14.78 -24.74
CA GLY C 61 18.64 -14.63 -26.13
C GLY C 61 19.49 -13.60 -26.85
N ILE C 62 19.90 -13.82 -28.09
CA ILE C 62 20.86 -12.91 -28.79
C ILE C 62 20.08 -12.06 -29.79
N ASP C 63 19.52 -12.67 -30.83
CA ASP C 63 18.62 -11.97 -31.79
C ASP C 63 17.22 -12.60 -31.71
N CYS C 64 16.97 -13.41 -30.68
CA CYS C 64 15.71 -14.15 -30.50
C CYS C 64 14.91 -13.56 -29.35
N THR C 65 13.60 -13.38 -29.56
CA THR C 65 12.58 -13.14 -28.49
C THR C 65 12.16 -14.49 -27.91
N LEU C 66 11.50 -14.52 -26.76
CA LEU C 66 11.06 -15.79 -26.16
C LEU C 66 9.91 -16.36 -26.99
N ILE C 67 9.17 -15.56 -27.76
CA ILE C 67 8.00 -16.10 -28.52
C ILE C 67 8.49 -16.67 -29.86
N ASP C 68 9.65 -16.24 -30.37
CA ASP C 68 10.29 -16.85 -31.57
C ASP C 68 10.99 -18.16 -31.22
N ALA C 69 11.61 -18.25 -30.05
CA ALA C 69 12.29 -19.47 -29.56
C ALA C 69 11.28 -20.61 -29.39
N LEU C 70 10.08 -20.30 -28.92
CA LEU C 70 9.03 -21.31 -28.63
C LEU C 70 8.48 -21.83 -29.95
N LEU C 71 8.17 -20.92 -30.89
CA LEU C 71 7.56 -21.33 -32.18
C LEU C 71 8.57 -22.11 -33.00
N GLY C 72 9.88 -21.87 -32.82
CA GLY C 72 10.97 -22.54 -33.57
C GLY C 72 11.27 -21.85 -34.89
N ASP C 73 11.57 -20.54 -34.83
CA ASP C 73 12.12 -19.71 -35.94
C ASP C 73 13.52 -20.22 -36.28
N PRO C 74 13.93 -20.31 -37.57
CA PRO C 74 15.24 -20.85 -37.94
C PRO C 74 16.50 -20.28 -37.28
N HIS C 75 16.59 -18.97 -37.06
CA HIS C 75 17.79 -18.38 -36.39
C HIS C 75 17.73 -18.60 -34.87
N CYS C 76 16.79 -19.44 -34.36
CA CYS C 76 16.53 -19.67 -32.92
C CYS C 76 16.57 -21.18 -32.58
N ASP C 77 17.34 -21.98 -33.33
CA ASP C 77 17.30 -23.47 -33.21
C ASP C 77 18.33 -23.96 -32.20
N VAL C 78 19.12 -23.04 -31.64
CA VAL C 78 20.09 -23.24 -30.54
C VAL C 78 19.35 -23.48 -29.22
N PHE C 79 18.07 -23.10 -29.15
CA PHE C 79 17.32 -22.91 -27.89
C PHE C 79 16.40 -24.09 -27.57
N GLN C 80 16.41 -25.14 -28.41
CA GLN C 80 15.49 -26.29 -28.24
C GLN C 80 15.82 -27.05 -26.95
N ASN C 81 14.81 -27.39 -26.14
CA ASN C 81 14.97 -28.06 -24.82
C ASN C 81 15.91 -27.25 -23.94
N GLU C 82 15.68 -25.94 -23.84
CA GLU C 82 16.47 -25.11 -22.92
C GLU C 82 15.70 -24.92 -21.62
N THR C 83 16.40 -24.51 -20.58
CA THR C 83 15.84 -24.23 -19.25
C THR C 83 16.52 -23.00 -18.70
N TRP C 84 15.88 -22.29 -17.78
CA TRP C 84 16.42 -21.02 -17.23
C TRP C 84 15.78 -20.70 -15.90
N ASP C 85 16.44 -19.86 -15.13
CA ASP C 85 15.82 -19.16 -14.01
C ASP C 85 15.44 -17.78 -14.51
N LEU C 86 16.35 -17.07 -15.17
CA LEU C 86 16.03 -15.77 -15.82
C LEU C 86 16.36 -15.82 -17.30
N PHE C 87 15.43 -15.47 -18.18
CA PHE C 87 15.64 -15.32 -19.64
C PHE C 87 15.90 -13.85 -19.98
N VAL C 88 16.96 -13.46 -20.70
CA VAL C 88 17.27 -12.03 -21.00
C VAL C 88 17.08 -11.73 -22.48
N GLU C 89 16.12 -10.86 -22.84
CA GLU C 89 15.86 -10.46 -24.26
C GLU C 89 16.65 -9.19 -24.57
N ARG C 90 17.18 -9.09 -25.79
CA ARG C 90 18.03 -7.95 -26.24
C ARG C 90 17.23 -7.06 -27.19
N SER C 91 17.57 -5.77 -27.25
CA SER C 91 16.79 -4.75 -28.02
C SER C 91 17.10 -4.82 -29.52
N LYS C 92 18.16 -5.54 -29.91
CA LYS C 92 18.60 -5.73 -31.32
C LYS C 92 17.85 -6.92 -31.95
N ALA C 93 17.00 -7.62 -31.19
CA ALA C 93 16.28 -8.84 -31.62
C ALA C 93 15.28 -8.49 -32.71
N PHE C 94 15.07 -9.43 -33.63
CA PHE C 94 14.19 -9.30 -34.82
C PHE C 94 13.55 -10.67 -35.11
N SER C 95 12.69 -10.71 -36.14
CA SER C 95 11.98 -11.92 -36.63
C SER C 95 12.27 -12.13 -38.12
N ASN C 96 12.47 -13.39 -38.53
CA ASN C 96 12.85 -13.72 -39.93
C ASN C 96 12.12 -15.00 -40.38
N CYS C 97 10.80 -15.00 -40.31
CA CYS C 97 9.94 -16.14 -40.72
C CYS C 97 8.65 -15.57 -41.29
N TYR C 98 7.58 -16.37 -41.33
CA TYR C 98 6.22 -15.90 -41.70
C TYR C 98 5.83 -14.78 -40.74
N PRO C 99 5.25 -13.65 -41.22
CA PRO C 99 4.74 -12.61 -40.30
C PRO C 99 3.56 -13.07 -39.42
N TYR C 100 3.51 -12.72 -38.12
CA TYR C 100 2.47 -13.26 -37.20
C TYR C 100 2.09 -12.25 -36.11
N ASP C 101 0.90 -12.45 -35.52
CA ASP C 101 0.39 -11.70 -34.35
C ASP C 101 -0.19 -12.68 -33.32
N VAL C 102 -0.06 -12.36 -32.04
CA VAL C 102 -0.65 -13.17 -30.95
C VAL C 102 -1.65 -12.27 -30.22
N PRO C 103 -2.97 -12.53 -30.33
CA PRO C 103 -3.95 -11.90 -29.44
C PRO C 103 -3.60 -12.25 -27.98
N ASP C 104 -3.57 -11.27 -27.08
CA ASP C 104 -3.16 -11.48 -25.66
C ASP C 104 -1.74 -12.03 -25.65
N TYR C 105 -0.88 -11.39 -26.43
CA TYR C 105 0.57 -11.64 -26.53
C TYR C 105 1.16 -11.60 -25.13
N ALA C 106 0.78 -10.58 -24.36
CA ALA C 106 1.34 -10.29 -23.03
C ALA C 106 1.07 -11.45 -22.08
N SER C 107 -0.11 -12.05 -22.16
CA SER C 107 -0.50 -13.19 -21.30
C SER C 107 0.35 -14.40 -21.62
N LEU C 108 0.55 -14.71 -22.91
CA LEU C 108 1.29 -15.94 -23.30
C LEU C 108 2.73 -15.76 -22.90
N ARG C 109 3.32 -14.61 -23.18
CA ARG C 109 4.73 -14.34 -22.81
C ARG C 109 4.94 -14.57 -21.30
N SER C 110 4.02 -14.12 -20.44
CA SER C 110 4.15 -14.21 -18.96
C SER C 110 4.01 -15.66 -18.48
N LEU C 111 3.13 -16.43 -19.13
CA LEU C 111 2.85 -17.85 -18.79
C LEU C 111 4.09 -18.71 -19.08
N VAL C 112 4.70 -18.52 -20.23
CA VAL C 112 5.85 -19.35 -20.69
C VAL C 112 7.06 -18.95 -19.86
N ALA C 113 7.19 -17.70 -19.46
CA ALA C 113 8.40 -17.25 -18.71
C ALA C 113 8.40 -17.85 -17.30
N SER C 114 7.25 -17.97 -16.66
CA SER C 114 7.19 -18.51 -15.28
C SER C 114 7.36 -20.03 -15.27
N SER C 115 7.12 -20.70 -16.40
CA SER C 115 7.28 -22.18 -16.54
C SER C 115 8.77 -22.53 -16.45
N GLY C 116 9.58 -21.93 -17.32
CA GLY C 116 11.04 -21.96 -17.23
C GLY C 116 11.67 -23.05 -18.07
N THR C 117 10.97 -23.57 -19.06
CA THR C 117 11.48 -24.68 -19.89
C THR C 117 10.89 -24.58 -21.29
N LEU C 118 11.55 -25.21 -22.25
CA LEU C 118 11.00 -25.40 -23.61
C LEU C 118 10.95 -26.90 -23.96
N GLU C 119 10.88 -27.80 -22.97
CA GLU C 119 10.77 -29.29 -23.19
C GLU C 119 9.58 -29.62 -24.08
N PHE C 120 9.82 -30.28 -25.21
CA PHE C 120 8.81 -30.58 -26.24
C PHE C 120 8.78 -32.09 -26.49
N ILE C 121 7.59 -32.65 -26.45
CA ILE C 121 7.33 -34.10 -26.61
C ILE C 121 6.52 -34.24 -27.87
N THR C 122 7.09 -34.86 -28.90
CA THR C 122 6.37 -35.13 -30.16
C THR C 122 5.31 -36.20 -29.87
N GLU C 123 4.09 -35.99 -30.36
CA GLU C 123 2.94 -36.91 -30.19
C GLU C 123 2.51 -37.38 -31.57
N GLY C 124 1.93 -38.57 -31.60
CA GLY C 124 1.35 -39.21 -32.81
C GLY C 124 -0.05 -38.71 -33.07
N PHE C 125 -0.14 -37.61 -33.83
CA PHE C 125 -1.40 -37.04 -34.35
C PHE C 125 -1.59 -37.58 -35.76
N THR C 126 -2.80 -38.06 -36.07
CA THR C 126 -3.14 -38.66 -37.39
C THR C 126 -4.01 -37.69 -38.17
N TRP C 127 -3.37 -36.88 -39.00
CA TRP C 127 -4.05 -35.98 -39.95
C TRP C 127 -4.32 -36.83 -41.20
N THR C 128 -5.58 -36.93 -41.63
CA THR C 128 -6.03 -37.92 -42.63
C THR C 128 -6.71 -37.23 -43.82
N GLY C 129 -6.19 -37.44 -45.03
CA GLY C 129 -6.72 -36.89 -46.30
C GLY C 129 -6.19 -35.50 -46.61
N VAL C 130 -5.04 -35.12 -46.04
CA VAL C 130 -4.43 -33.76 -46.18
C VAL C 130 -2.93 -33.91 -46.41
N THR C 131 -2.31 -32.87 -46.96
CA THR C 131 -0.85 -32.76 -47.23
C THR C 131 -0.19 -31.94 -46.11
N GLN C 132 0.80 -32.51 -45.42
CA GLN C 132 1.48 -31.87 -44.26
C GLN C 132 2.73 -31.12 -44.72
N ASN C 133 3.39 -30.40 -43.81
CA ASN C 133 4.72 -29.74 -43.99
C ASN C 133 4.69 -28.68 -45.11
N GLY C 134 3.66 -27.82 -45.13
CA GLY C 134 3.59 -26.63 -46.00
C GLY C 134 4.71 -25.65 -45.71
N GLY C 135 5.17 -24.88 -46.71
CA GLY C 135 6.40 -24.05 -46.63
C GLY C 135 6.26 -22.69 -47.29
N SER C 136 7.26 -21.81 -47.10
CA SER C 136 7.33 -20.42 -47.63
C SER C 136 8.78 -19.91 -47.67
N ASN C 137 9.08 -19.02 -48.62
CA ASN C 137 10.41 -18.39 -48.84
C ASN C 137 10.55 -17.12 -48.00
N ALA C 138 9.59 -16.85 -47.11
CA ALA C 138 9.69 -15.86 -46.01
C ALA C 138 10.47 -16.48 -44.86
N CYS C 139 10.60 -17.81 -44.88
CA CYS C 139 11.25 -18.61 -43.82
C CYS C 139 12.15 -19.66 -44.48
N LYS C 140 13.35 -19.25 -44.90
CA LYS C 140 14.35 -20.11 -45.58
C LYS C 140 15.23 -20.79 -44.52
N ARG C 141 15.07 -22.11 -44.33
CA ARG C 141 15.98 -22.97 -43.54
C ARG C 141 16.94 -23.65 -44.53
N GLY C 142 18.13 -23.07 -44.72
CA GLY C 142 19.04 -23.40 -45.84
C GLY C 142 18.56 -22.77 -47.14
N PRO C 143 18.93 -23.32 -48.32
CA PRO C 143 18.48 -22.77 -49.60
C PRO C 143 16.98 -22.97 -49.84
N GLY C 144 16.43 -24.10 -49.36
CA GLY C 144 15.00 -24.43 -49.47
C GLY C 144 14.12 -23.53 -48.64
N SER C 145 12.81 -23.56 -48.92
CA SER C 145 11.73 -22.94 -48.10
C SER C 145 11.60 -23.72 -46.78
N GLY C 146 11.05 -23.08 -45.74
CA GLY C 146 10.89 -23.65 -44.40
C GLY C 146 9.76 -22.99 -43.63
N PHE C 147 9.59 -23.39 -42.36
CA PHE C 147 8.48 -22.95 -41.47
C PHE C 147 8.93 -23.18 -40.02
N PHE C 148 8.23 -22.57 -39.08
CA PHE C 148 8.35 -22.87 -37.64
C PHE C 148 8.45 -24.38 -37.39
N SER C 149 9.45 -24.79 -36.61
CA SER C 149 9.81 -26.21 -36.32
C SER C 149 8.74 -26.94 -35.52
N ARG C 150 7.88 -26.23 -34.78
CA ARG C 150 6.95 -26.84 -33.80
C ARG C 150 5.50 -26.78 -34.28
N LEU C 151 5.24 -26.22 -35.46
CA LEU C 151 3.86 -26.13 -36.00
C LEU C 151 3.81 -26.84 -37.34
N ASN C 152 2.63 -27.36 -37.73
CA ASN C 152 2.44 -28.11 -39.00
C ASN C 152 1.37 -27.39 -39.86
N TRP C 153 1.78 -26.70 -40.94
CA TRP C 153 0.88 -26.11 -41.96
C TRP C 153 0.24 -27.25 -42.76
N LEU C 154 -1.08 -27.40 -42.73
CA LEU C 154 -1.80 -28.44 -43.50
C LEU C 154 -2.56 -27.80 -44.66
N THR C 155 -2.63 -28.49 -45.81
CA THR C 155 -3.20 -27.99 -47.09
C THR C 155 -3.95 -29.12 -47.82
N LYS C 156 -4.77 -28.76 -48.81
CA LYS C 156 -5.64 -29.69 -49.57
C LYS C 156 -4.78 -30.78 -50.25
N SER C 157 -5.24 -32.03 -50.17
CA SER C 157 -4.67 -33.20 -50.90
C SER C 157 -5.55 -33.51 -52.11
N GLY C 158 -5.00 -33.39 -53.32
CA GLY C 158 -5.74 -33.55 -54.59
C GLY C 158 -6.65 -32.37 -54.84
N SER C 159 -7.97 -32.55 -54.65
CA SER C 159 -8.99 -31.48 -54.77
C SER C 159 -9.93 -31.49 -53.55
N THR C 160 -9.42 -31.83 -52.36
CA THR C 160 -10.25 -31.96 -51.14
C THR C 160 -9.47 -31.65 -49.86
N TYR C 161 -10.18 -31.05 -48.90
CA TYR C 161 -9.80 -30.88 -47.48
C TYR C 161 -10.96 -31.45 -46.68
N PRO C 162 -10.85 -32.69 -46.15
CA PRO C 162 -11.91 -33.25 -45.31
C PRO C 162 -12.03 -32.50 -43.98
N VAL C 163 -13.24 -32.49 -43.41
CA VAL C 163 -13.47 -32.10 -41.98
C VAL C 163 -12.49 -32.95 -41.15
N LEU C 164 -11.63 -32.29 -40.39
CA LEU C 164 -10.63 -32.98 -39.53
C LEU C 164 -11.22 -33.11 -38.14
N ASN C 165 -11.14 -34.31 -37.56
CA ASN C 165 -11.67 -34.60 -36.20
C ASN C 165 -10.66 -35.51 -35.50
N VAL C 166 -9.86 -34.96 -34.59
CA VAL C 166 -8.87 -35.75 -33.82
C VAL C 166 -9.08 -35.50 -32.34
N THR C 167 -8.62 -36.45 -31.53
CA THR C 167 -8.67 -36.39 -30.04
C THR C 167 -7.31 -36.81 -29.48
N MET C 168 -6.90 -36.22 -28.38
CA MET C 168 -5.71 -36.66 -27.62
C MET C 168 -6.03 -36.61 -26.14
N PRO C 169 -5.93 -37.74 -25.41
CA PRO C 169 -6.18 -37.76 -23.96
C PRO C 169 -4.92 -37.58 -23.11
N ASN C 170 -5.05 -36.88 -21.99
CA ASN C 170 -4.01 -36.79 -20.93
C ASN C 170 -4.30 -37.90 -19.91
N ASN C 171 -3.43 -38.92 -19.85
CA ASN C 171 -3.48 -39.99 -18.81
C ASN C 171 -2.31 -39.85 -17.85
N ASP C 172 -1.41 -38.88 -18.07
CA ASP C 172 -0.21 -38.59 -17.22
C ASP C 172 -0.66 -37.86 -15.96
N ASN C 173 0.28 -37.35 -15.17
CA ASN C 173 0.00 -36.71 -13.85
C ASN C 173 0.50 -35.26 -13.87
N PHE C 174 0.65 -34.68 -15.06
CA PHE C 174 1.11 -33.27 -15.24
C PHE C 174 0.25 -32.61 -16.34
N ASP C 175 0.36 -31.28 -16.43
CA ASP C 175 -0.40 -30.38 -17.35
C ASP C 175 0.32 -30.26 -18.69
N LYS C 176 -0.43 -30.17 -19.78
CA LYS C 176 0.09 -30.21 -21.15
C LYS C 176 -0.37 -28.97 -21.92
N LEU C 177 0.56 -28.17 -22.43
CA LEU C 177 0.27 -26.90 -23.15
C LEU C 177 0.37 -27.17 -24.64
N TYR C 178 -0.72 -27.00 -25.37
CA TYR C 178 -0.71 -27.11 -26.85
C TYR C 178 -0.73 -25.72 -27.47
N ILE C 179 0.19 -25.39 -28.36
CA ILE C 179 0.17 -24.12 -29.14
C ILE C 179 -0.37 -24.50 -30.51
N TRP C 180 -1.30 -23.73 -31.07
CA TRP C 180 -1.85 -23.96 -32.43
C TRP C 180 -2.15 -22.61 -33.06
N GLY C 181 -2.64 -22.56 -34.30
CA GLY C 181 -2.93 -21.25 -34.92
C GLY C 181 -3.93 -21.36 -36.06
N ILE C 182 -4.08 -20.26 -36.82
CA ILE C 182 -4.98 -20.15 -38.02
C ILE C 182 -4.36 -19.16 -39.03
N HIS C 183 -4.50 -19.47 -40.32
CA HIS C 183 -3.96 -18.66 -41.44
C HIS C 183 -5.04 -17.68 -41.93
N HIS C 184 -4.68 -16.40 -42.10
CA HIS C 184 -5.53 -15.32 -42.67
C HIS C 184 -5.09 -14.98 -44.08
N PRO C 185 -5.66 -15.58 -45.17
CA PRO C 185 -5.23 -15.30 -46.53
C PRO C 185 -5.68 -13.92 -47.04
N SER C 186 -4.98 -13.34 -48.02
CA SER C 186 -5.17 -11.92 -48.43
C SER C 186 -6.29 -11.76 -49.47
N THR C 187 -6.69 -12.81 -50.19
CA THR C 187 -7.75 -12.73 -51.24
C THR C 187 -8.76 -13.86 -51.05
N ASN C 188 -9.83 -13.84 -51.86
CA ASN C 188 -10.89 -14.88 -51.94
C ASN C 188 -10.43 -16.00 -52.89
N GLN C 189 -9.37 -15.70 -53.65
CA GLN C 189 -8.80 -16.55 -54.72
C GLN C 189 -7.67 -17.40 -54.13
N GLU C 190 -7.06 -16.95 -53.02
CA GLU C 190 -5.98 -17.68 -52.32
C GLU C 190 -6.63 -18.67 -51.35
N GLN C 191 -7.69 -18.25 -50.67
CA GLN C 191 -8.44 -19.11 -49.72
C GLN C 191 -8.81 -20.40 -50.45
N THR C 192 -9.47 -20.31 -51.61
CA THR C 192 -9.93 -21.47 -52.43
C THR C 192 -8.72 -22.29 -52.90
N SER C 193 -7.62 -21.62 -53.28
CA SER C 193 -6.40 -22.27 -53.79
C SER C 193 -5.80 -23.19 -52.72
N LEU C 194 -5.73 -22.73 -51.47
CA LEU C 194 -5.11 -23.52 -50.36
C LEU C 194 -6.14 -24.49 -49.78
N TYR C 195 -7.37 -24.03 -49.52
CA TYR C 195 -8.44 -24.84 -48.86
C TYR C 195 -9.67 -24.84 -49.76
N VAL C 196 -10.22 -26.01 -50.10
CA VAL C 196 -11.30 -26.13 -51.11
C VAL C 196 -12.47 -25.21 -50.76
N GLN C 197 -12.78 -25.06 -49.47
CA GLN C 197 -13.94 -24.25 -48.98
C GLN C 197 -13.69 -22.75 -49.21
N ALA C 198 -14.71 -21.93 -48.97
CA ALA C 198 -14.64 -20.46 -49.12
C ALA C 198 -14.46 -19.74 -47.78
N SER C 199 -14.78 -20.41 -46.66
CA SER C 199 -14.69 -19.84 -45.29
C SER C 199 -14.26 -20.95 -44.33
N GLY C 200 -13.20 -20.71 -43.56
CA GLY C 200 -12.67 -21.66 -42.58
C GLY C 200 -13.35 -21.53 -41.23
N ARG C 201 -12.93 -22.37 -40.30
CA ARG C 201 -13.49 -22.48 -38.93
C ARG C 201 -12.55 -23.38 -38.16
N VAL C 202 -12.21 -23.07 -36.93
CA VAL C 202 -11.31 -23.94 -36.13
C VAL C 202 -11.84 -23.97 -34.72
N THR C 203 -12.23 -25.14 -34.22
CA THR C 203 -12.84 -25.28 -32.88
C THR C 203 -11.90 -26.15 -32.04
N VAL C 204 -11.55 -25.73 -30.84
CA VAL C 204 -10.58 -26.51 -30.03
C VAL C 204 -11.09 -26.53 -28.59
N SER C 205 -11.37 -27.71 -28.04
CA SER C 205 -12.17 -27.86 -26.80
C SER C 205 -11.65 -28.94 -25.86
N THR C 206 -11.96 -28.78 -24.59
CA THR C 206 -11.77 -29.79 -23.52
C THR C 206 -13.19 -30.19 -23.05
N ARG C 207 -13.30 -30.90 -21.93
CA ARG C 207 -14.59 -31.21 -21.27
C ARG C 207 -15.19 -29.95 -20.64
N ARG C 208 -14.34 -28.98 -20.26
CA ARG C 208 -14.76 -27.83 -19.40
C ARG C 208 -14.71 -26.49 -20.17
N SER C 209 -14.01 -26.38 -21.31
CA SER C 209 -13.82 -25.10 -22.06
C SER C 209 -13.99 -25.31 -23.56
N GLN C 210 -14.19 -24.23 -24.31
CA GLN C 210 -14.16 -24.24 -25.80
C GLN C 210 -13.73 -22.87 -26.36
N GLN C 211 -13.03 -22.84 -27.50
CA GLN C 211 -12.71 -21.62 -28.29
C GLN C 211 -13.00 -21.91 -29.75
N THR C 212 -13.62 -20.97 -30.46
CA THR C 212 -13.81 -21.05 -31.93
C THR C 212 -13.34 -19.76 -32.57
N ILE C 213 -12.55 -19.86 -33.63
CA ILE C 213 -12.01 -18.70 -34.38
C ILE C 213 -12.49 -18.82 -35.82
N ILE C 214 -12.81 -17.70 -36.47
CA ILE C 214 -13.05 -17.67 -37.95
C ILE C 214 -11.92 -16.87 -38.58
N PRO C 215 -11.45 -17.23 -39.80
CA PRO C 215 -10.51 -16.37 -40.54
C PRO C 215 -11.05 -15.11 -41.24
N ASN C 216 -10.22 -14.05 -41.28
CA ASN C 216 -10.50 -12.72 -41.88
C ASN C 216 -9.65 -12.55 -43.12
N ILE C 217 -10.26 -12.16 -44.23
CA ILE C 217 -9.59 -12.07 -45.57
C ILE C 217 -9.54 -10.60 -45.99
N GLY C 218 -8.44 -10.19 -46.61
CA GLY C 218 -8.18 -8.80 -47.04
C GLY C 218 -6.70 -8.49 -47.04
N SER C 219 -6.34 -7.29 -47.47
CA SER C 219 -4.96 -6.91 -47.83
C SER C 219 -4.31 -6.18 -46.67
N ARG C 220 -3.04 -6.47 -46.40
CA ARG C 220 -2.27 -5.82 -45.32
C ARG C 220 -0.97 -5.30 -45.89
N PRO C 221 -0.24 -4.39 -45.18
CA PRO C 221 1.13 -4.02 -45.55
C PRO C 221 2.02 -5.24 -45.85
N TRP C 222 2.95 -5.08 -46.79
CA TRP C 222 3.96 -6.11 -47.12
C TRP C 222 4.99 -6.19 -45.99
N VAL C 223 5.23 -7.40 -45.50
CA VAL C 223 6.41 -7.75 -44.65
C VAL C 223 7.04 -8.99 -45.28
N ARG C 224 8.31 -8.88 -45.68
CA ARG C 224 9.11 -10.00 -46.26
C ARG C 224 8.27 -10.70 -47.35
N GLY C 225 7.66 -9.90 -48.23
CA GLY C 225 7.08 -10.37 -49.51
C GLY C 225 5.70 -11.02 -49.38
N LEU C 226 4.98 -10.82 -48.28
CA LEU C 226 3.65 -11.43 -48.03
C LEU C 226 2.68 -10.38 -47.49
N SER C 227 1.41 -10.45 -47.91
CA SER C 227 0.30 -9.61 -47.38
C SER C 227 -0.70 -10.47 -46.61
N SER C 228 -0.29 -11.69 -46.22
CA SER C 228 -1.04 -12.65 -45.37
C SER C 228 -0.38 -12.73 -43.98
N ARG C 229 -1.10 -13.23 -42.97
CA ARG C 229 -0.60 -13.33 -41.59
C ARG C 229 -1.11 -14.62 -40.93
N ILE C 230 -0.47 -15.03 -39.83
CA ILE C 230 -0.89 -16.15 -38.94
C ILE C 230 -1.22 -15.61 -37.54
N SER C 231 -2.26 -16.16 -36.91
CA SER C 231 -2.76 -15.82 -35.55
C SER C 231 -2.54 -17.01 -34.63
N ILE C 232 -1.86 -16.81 -33.51
CA ILE C 232 -1.46 -17.92 -32.62
C ILE C 232 -2.40 -17.99 -31.42
N TYR C 233 -2.84 -19.20 -31.04
CA TYR C 233 -3.76 -19.47 -29.90
C TYR C 233 -3.14 -20.52 -28.98
N TRP C 234 -3.77 -20.86 -27.86
CA TRP C 234 -3.20 -21.87 -26.93
C TRP C 234 -4.31 -22.52 -26.08
N THR C 235 -4.09 -23.75 -25.61
CA THR C 235 -5.03 -24.49 -24.72
C THR C 235 -4.23 -25.26 -23.68
N ILE C 236 -4.66 -25.27 -22.41
CA ILE C 236 -4.04 -26.12 -21.36
C ILE C 236 -4.97 -27.27 -20.97
N VAL C 237 -4.47 -28.51 -20.98
CA VAL C 237 -5.26 -29.74 -20.71
C VAL C 237 -4.76 -30.36 -19.41
N LYS C 238 -5.62 -30.51 -18.41
CA LYS C 238 -5.25 -31.00 -17.05
C LYS C 238 -5.24 -32.53 -16.99
N PRO C 239 -4.61 -33.15 -15.95
CA PRO C 239 -4.60 -34.60 -15.81
C PRO C 239 -6.02 -35.12 -15.61
N GLY C 240 -6.42 -36.04 -16.48
CA GLY C 240 -7.76 -36.67 -16.49
C GLY C 240 -8.62 -36.16 -17.63
N ASP C 241 -8.26 -35.03 -18.24
CA ASP C 241 -9.10 -34.36 -19.28
C ASP C 241 -8.65 -34.82 -20.67
N VAL C 242 -9.44 -34.47 -21.70
CA VAL C 242 -9.20 -34.82 -23.13
C VAL C 242 -9.07 -33.52 -23.91
N LEU C 243 -8.45 -33.58 -25.10
CA LEU C 243 -8.41 -32.48 -26.08
C LEU C 243 -9.10 -32.98 -27.34
N VAL C 244 -9.93 -32.17 -27.96
CA VAL C 244 -10.47 -32.43 -29.32
C VAL C 244 -10.10 -31.24 -30.19
N ILE C 245 -9.81 -31.47 -31.47
CA ILE C 245 -9.60 -30.41 -32.48
C ILE C 245 -10.53 -30.70 -33.64
N ASN C 246 -11.29 -29.72 -34.12
CA ASN C 246 -12.27 -29.96 -35.22
C ASN C 246 -12.25 -28.79 -36.20
N SER C 247 -11.42 -28.83 -37.24
CA SER C 247 -11.33 -27.75 -38.25
C SER C 247 -11.87 -28.20 -39.60
N ASN C 248 -12.52 -27.31 -40.37
CA ASN C 248 -12.88 -27.59 -41.79
C ASN C 248 -11.99 -26.80 -42.77
N GLY C 249 -11.08 -25.97 -42.26
CA GLY C 249 -10.09 -25.23 -43.07
C GLY C 249 -9.16 -24.35 -42.24
N ASN C 250 -8.02 -23.97 -42.82
CA ASN C 250 -7.08 -22.91 -42.36
C ASN C 250 -6.48 -23.27 -41.00
N LEU C 251 -6.14 -24.54 -40.74
CA LEU C 251 -5.60 -24.94 -39.42
C LEU C 251 -4.08 -25.06 -39.47
N ILE C 252 -3.35 -24.35 -38.61
CA ILE C 252 -1.90 -24.58 -38.36
C ILE C 252 -1.83 -25.57 -37.20
N ALA C 253 -1.68 -26.86 -37.48
CA ALA C 253 -1.86 -27.92 -36.47
C ALA C 253 -0.69 -27.97 -35.49
N PRO C 254 -0.87 -28.46 -34.24
CA PRO C 254 0.27 -28.72 -33.36
C PRO C 254 0.99 -30.02 -33.73
N ARG C 255 2.28 -30.14 -33.35
CA ARG C 255 3.13 -31.34 -33.55
C ARG C 255 3.30 -32.13 -32.26
N GLY C 256 3.16 -31.48 -31.10
CA GLY C 256 3.33 -32.09 -29.78
C GLY C 256 2.87 -31.17 -28.68
N TYR C 257 3.20 -31.47 -27.44
CA TYR C 257 2.87 -30.60 -26.28
C TYR C 257 4.16 -30.11 -25.63
N PHE C 258 4.06 -29.09 -24.79
CA PHE C 258 5.18 -28.65 -23.94
C PHE C 258 4.86 -29.04 -22.50
N LYS C 259 5.84 -29.54 -21.74
CA LYS C 259 5.69 -29.70 -20.27
C LYS C 259 5.64 -28.32 -19.61
N MET C 260 5.00 -28.26 -18.44
CA MET C 260 4.76 -27.03 -17.65
C MET C 260 5.20 -27.30 -16.22
N ARG C 261 5.96 -26.38 -15.62
CA ARG C 261 6.36 -26.49 -14.20
C ARG C 261 5.90 -25.22 -13.47
N THR C 262 5.72 -25.33 -12.16
CA THR C 262 5.64 -24.18 -11.24
C THR C 262 6.98 -24.05 -10.53
N GLY C 263 7.60 -22.86 -10.58
CA GLY C 263 8.94 -22.62 -10.01
C GLY C 263 9.23 -21.14 -9.84
N LYS C 264 10.51 -20.76 -9.87
CA LYS C 264 10.94 -19.36 -9.59
C LYS C 264 11.43 -18.69 -10.88
N SER C 265 11.01 -19.12 -12.07
CA SER C 265 11.56 -18.56 -13.34
C SER C 265 10.85 -17.26 -13.76
N SER C 266 11.54 -16.37 -14.49
CA SER C 266 11.01 -15.08 -15.01
C SER C 266 11.75 -14.63 -16.29
N ILE C 267 11.46 -13.43 -16.79
CA ILE C 267 12.07 -12.82 -18.01
C ILE C 267 12.40 -11.35 -17.74
N MET C 268 13.42 -10.76 -18.39
CA MET C 268 13.81 -9.32 -18.23
C MET C 268 14.33 -8.76 -19.55
N ARG C 269 13.91 -7.58 -19.98
CA ARG C 269 14.49 -6.91 -21.19
C ARG C 269 15.67 -6.06 -20.74
N SER C 270 16.89 -6.41 -21.17
CA SER C 270 18.16 -5.74 -20.77
C SER C 270 19.08 -5.61 -21.98
N ASP C 271 20.16 -4.83 -21.84
CA ASP C 271 21.21 -4.70 -22.88
C ASP C 271 22.62 -4.81 -22.29
N ALA C 272 22.76 -5.30 -21.06
CA ALA C 272 24.06 -5.41 -20.34
C ALA C 272 24.80 -6.68 -20.79
N PRO C 273 26.15 -6.67 -20.92
CA PRO C 273 26.90 -7.92 -21.14
C PRO C 273 26.92 -8.89 -19.94
N ILE C 274 27.11 -10.18 -20.23
CA ILE C 274 27.18 -11.27 -19.21
C ILE C 274 28.63 -11.50 -18.80
N ASP C 275 28.88 -11.80 -17.53
CA ASP C 275 30.25 -11.96 -16.97
C ASP C 275 30.27 -13.06 -15.91
N THR C 276 31.48 -13.49 -15.51
CA THR C 276 31.74 -14.55 -14.49
C THR C 276 32.04 -13.92 -13.12
N CYS C 277 31.11 -14.07 -12.18
CA CYS C 277 31.12 -13.49 -10.80
C CYS C 277 29.89 -14.05 -10.05
N ILE C 278 29.73 -13.77 -8.76
CA ILE C 278 28.57 -14.27 -7.97
C ILE C 278 27.75 -13.09 -7.43
N SER C 279 26.47 -12.97 -7.83
CA SER C 279 25.52 -11.92 -7.36
C SER C 279 24.06 -12.40 -7.38
N GLU C 280 23.33 -12.18 -6.28
CA GLU C 280 21.95 -12.69 -6.05
C GLU C 280 20.86 -11.81 -6.69
N CYS C 281 21.06 -10.48 -6.74
CA CYS C 281 20.08 -9.48 -7.26
C CYS C 281 20.48 -9.06 -8.67
N ILE C 282 19.58 -9.14 -9.64
CA ILE C 282 19.87 -8.70 -11.03
C ILE C 282 18.91 -7.59 -11.41
N THR C 283 19.37 -6.49 -12.01
CA THR C 283 18.53 -5.38 -12.56
C THR C 283 18.84 -5.27 -14.04
N PRO C 284 18.07 -4.51 -14.83
CA PRO C 284 18.39 -4.31 -16.24
C PRO C 284 19.66 -3.48 -16.49
N ASN C 285 20.17 -2.84 -15.44
CA ASN C 285 21.40 -2.04 -15.48
C ASN C 285 22.55 -2.87 -14.94
N GLY C 286 22.38 -4.19 -14.82
CA GLY C 286 23.40 -5.13 -14.30
C GLY C 286 23.17 -5.47 -12.84
N SER C 287 23.99 -6.36 -12.30
CA SER C 287 23.85 -6.90 -10.92
C SER C 287 24.28 -5.84 -9.91
N ILE C 288 23.57 -5.77 -8.79
CA ILE C 288 23.92 -4.86 -7.66
C ILE C 288 24.11 -5.73 -6.43
N PRO C 289 24.94 -5.30 -5.45
CA PRO C 289 25.05 -6.01 -4.17
C PRO C 289 23.83 -5.78 -3.25
N ASN C 290 23.63 -6.64 -2.26
CA ASN C 290 22.38 -6.66 -1.45
C ASN C 290 22.68 -6.52 0.05
N ASP C 291 23.63 -5.66 0.40
CA ASP C 291 24.03 -5.44 1.81
C ASP C 291 23.11 -4.38 2.43
N LYS C 292 22.71 -3.38 1.65
CA LYS C 292 21.88 -2.23 2.10
C LYS C 292 20.40 -2.59 1.99
N PRO C 293 19.50 -2.03 2.84
CA PRO C 293 18.07 -2.31 2.77
C PRO C 293 17.29 -1.68 1.61
N PHE C 294 17.69 -0.53 1.12
CA PHE C 294 17.01 0.19 0.02
C PHE C 294 17.92 0.18 -1.18
N GLN C 295 17.51 0.73 -2.32
CA GLN C 295 18.17 0.66 -3.64
C GLN C 295 17.72 1.92 -4.35
N ASN C 296 18.37 2.41 -5.38
CA ASN C 296 17.78 3.49 -6.19
C ASN C 296 18.12 3.32 -7.66
N VAL C 297 18.42 2.12 -8.06
CA VAL C 297 18.98 1.89 -9.41
C VAL C 297 17.86 1.71 -10.45
N ASN C 298 16.87 0.87 -10.16
CA ASN C 298 15.79 0.55 -11.11
C ASN C 298 14.64 -0.09 -10.34
N LYS C 299 13.40 0.16 -10.75
CA LYS C 299 12.20 -0.38 -10.06
C LYS C 299 12.01 -1.86 -10.47
N ILE C 300 12.53 -2.26 -11.61
CA ILE C 300 12.49 -3.67 -12.07
C ILE C 300 13.64 -4.48 -11.48
N THR C 301 13.39 -5.69 -10.98
CA THR C 301 14.37 -6.53 -10.23
C THR C 301 14.10 -8.03 -10.42
N TYR C 302 15.02 -8.90 -9.96
CA TYR C 302 14.85 -10.38 -9.89
C TYR C 302 15.69 -10.94 -8.75
N GLY C 303 15.16 -11.87 -7.97
CA GLY C 303 15.86 -12.49 -6.83
C GLY C 303 15.86 -11.63 -5.56
N ALA C 304 16.71 -11.98 -4.59
CA ALA C 304 16.87 -11.27 -3.29
C ALA C 304 17.49 -9.90 -3.53
N CYS C 305 16.75 -8.84 -3.19
CA CYS C 305 17.02 -7.44 -3.63
C CYS C 305 16.62 -6.46 -2.55
N PRO C 306 17.21 -5.25 -2.53
CA PRO C 306 16.73 -4.19 -1.66
C PRO C 306 15.45 -3.55 -2.20
N LYS C 307 14.71 -2.80 -1.37
CA LYS C 307 13.45 -2.13 -1.78
C LYS C 307 13.74 -0.84 -2.56
N TYR C 308 13.00 -0.60 -3.64
CA TYR C 308 13.18 0.63 -4.46
C TYR C 308 12.55 1.83 -3.78
N VAL C 309 13.22 2.95 -3.69
CA VAL C 309 12.65 4.18 -3.12
C VAL C 309 13.00 5.33 -4.05
N LYS C 310 12.45 6.52 -3.83
CA LYS C 310 12.64 7.67 -4.72
C LYS C 310 13.90 8.45 -4.36
N GLN C 311 14.33 8.38 -3.11
CA GLN C 311 15.50 9.16 -2.60
C GLN C 311 16.81 8.64 -3.20
N ASN C 312 17.83 9.50 -3.29
CA ASN C 312 19.20 9.11 -3.73
C ASN C 312 20.13 8.93 -2.52
N THR C 313 19.75 9.42 -1.34
CA THR C 313 20.63 9.36 -0.13
C THR C 313 19.81 9.33 1.16
N LEU C 314 20.15 8.41 2.05
CA LEU C 314 19.58 8.31 3.41
C LEU C 314 20.71 7.90 4.31
N LYS C 315 21.10 8.77 5.24
CA LYS C 315 22.28 8.55 6.12
C LYS C 315 21.83 8.20 7.54
N LEU C 316 22.21 7.03 8.04
CA LEU C 316 21.91 6.56 9.40
C LEU C 316 23.10 6.89 10.29
N ALA C 317 22.88 7.67 11.34
CA ALA C 317 23.95 8.08 12.29
C ALA C 317 24.47 6.87 13.06
N THR C 318 25.76 6.59 12.94
CA THR C 318 26.44 5.48 13.67
C THR C 318 27.31 6.06 14.79
N GLY C 319 27.17 7.35 15.07
CA GLY C 319 28.00 8.03 16.08
C GLY C 319 27.19 9.02 16.87
N MET C 320 27.84 9.86 17.66
CA MET C 320 27.17 10.87 18.51
C MET C 320 27.16 12.24 17.81
N ARG C 321 26.70 13.29 18.49
CA ARG C 321 26.73 14.67 17.97
C ARG C 321 28.16 15.22 18.09
N ASN C 322 28.53 16.16 17.23
CA ASN C 322 29.93 16.62 17.03
C ASN C 322 30.03 18.12 17.33
N VAL C 323 30.30 18.46 18.59
CA VAL C 323 30.59 19.87 19.00
C VAL C 323 32.07 20.13 18.72
N PRO C 324 32.48 20.75 17.60
CA PRO C 324 33.89 20.84 17.27
C PRO C 324 34.44 21.85 18.28
N GLU C 325 35.65 21.58 18.76
CA GLU C 325 36.25 22.11 20.03
C GLU C 325 36.37 23.62 20.00
N LYS C 326 36.13 24.26 21.15
CA LYS C 326 36.55 25.66 21.42
C LYS C 326 38.06 25.68 21.60
N GLN C 327 38.81 25.92 20.53
CA GLN C 327 40.23 26.31 20.64
C GLN C 327 40.26 27.71 21.27
N THR C 328 39.09 28.39 21.32
CA THR C 328 38.83 29.45 22.33
C THR C 328 39.07 28.77 23.67
N ARG C 329 40.12 29.19 24.37
CA ARG C 329 40.70 28.46 25.53
C ARG C 329 41.24 29.49 26.51
N GLY C 330 41.72 29.02 27.66
CA GLY C 330 42.53 29.79 28.63
C GLY C 330 44.04 29.64 28.43
N LEU C 331 44.81 30.38 29.24
CA LEU C 331 46.30 30.27 29.33
C LEU C 331 46.64 28.83 29.70
N PHE C 332 45.87 28.25 30.63
CA PHE C 332 45.98 26.85 31.12
C PHE C 332 45.25 25.88 30.18
N GLY C 333 44.45 26.41 29.25
CA GLY C 333 43.36 25.63 28.62
C GLY C 333 42.79 24.75 29.68
N ALA C 334 42.37 25.40 30.78
CA ALA C 334 41.85 24.68 31.95
C ALA C 334 41.03 23.57 31.33
N ILE C 335 41.30 22.34 31.76
CA ILE C 335 40.55 21.13 31.30
C ILE C 335 39.07 21.53 31.26
N ALA C 336 38.41 21.33 30.13
CA ALA C 336 36.98 21.67 29.96
C ALA C 336 36.21 20.45 29.47
N GLY C 337 35.02 20.22 30.06
CA GLY C 337 34.23 18.98 29.93
C GLY C 337 33.16 19.07 28.85
N PHE C 338 32.14 18.22 28.97
CA PHE C 338 31.17 17.94 27.88
C PHE C 338 30.15 19.07 27.80
N ILE C 339 29.79 19.67 28.94
CA ILE C 339 28.79 20.79 28.98
C ILE C 339 29.24 21.88 28.01
N GLU C 340 30.56 22.06 27.86
CA GLU C 340 31.19 23.06 26.96
C GLU C 340 31.24 22.53 25.52
N ASN C 341 32.14 21.58 25.24
CA ASN C 341 32.54 21.17 23.87
C ASN C 341 32.94 19.68 23.86
N GLY C 342 33.39 19.19 22.70
CA GLY C 342 34.00 17.85 22.52
C GLY C 342 35.51 17.92 22.63
N TRP C 343 36.18 16.75 22.78
CA TRP C 343 37.66 16.63 22.91
C TRP C 343 38.22 16.03 21.62
N GLU C 344 38.99 16.79 20.84
CA GLU C 344 39.53 16.30 19.53
C GLU C 344 40.85 15.55 19.73
N GLY C 345 41.38 15.48 20.96
CA GLY C 345 42.68 14.87 21.27
C GLY C 345 42.58 13.46 21.84
N MET C 346 41.42 12.82 21.74
CA MET C 346 41.15 11.48 22.33
C MET C 346 40.93 10.46 21.21
N ILE C 347 41.69 9.37 21.25
CA ILE C 347 41.77 8.38 20.13
C ILE C 347 41.37 6.97 20.62
N ASP C 348 41.69 6.63 21.88
CA ASP C 348 41.56 5.25 22.41
C ASP C 348 40.08 4.86 22.52
N GLY C 349 39.19 5.80 22.83
CA GLY C 349 37.76 5.55 23.11
C GLY C 349 36.89 6.81 23.07
N TRP C 350 35.56 6.62 23.12
CA TRP C 350 34.51 7.65 22.91
C TRP C 350 34.36 8.49 24.17
N TYR C 351 34.03 7.88 25.30
CA TYR C 351 33.88 8.54 26.61
C TYR C 351 35.20 8.39 27.38
N GLY C 352 35.67 9.41 28.12
CA GLY C 352 36.94 9.33 28.87
C GLY C 352 37.13 10.46 29.88
N PHE C 353 38.22 10.42 30.67
CA PHE C 353 38.50 11.31 31.83
C PHE C 353 39.81 12.06 31.62
N ARG C 354 39.86 13.35 31.97
CA ARG C 354 41.08 14.18 32.00
C ARG C 354 41.27 14.70 33.42
N HIS C 355 42.44 14.50 34.02
CA HIS C 355 42.71 14.83 35.46
C HIS C 355 43.82 15.88 35.55
N GLN C 356 43.61 16.93 36.33
CA GLN C 356 44.70 17.89 36.64
C GLN C 356 45.09 17.63 38.10
N ASN C 357 46.38 17.34 38.32
CA ASN C 357 46.93 17.00 39.65
C ASN C 357 48.27 17.71 39.84
N SER C 358 48.75 17.83 41.07
CA SER C 358 50.14 18.23 41.42
C SER C 358 51.14 17.43 40.57
N GLU C 359 50.91 16.13 40.42
CA GLU C 359 51.81 15.20 39.67
C GLU C 359 51.91 15.67 38.21
N GLY C 360 50.77 15.97 37.56
CA GLY C 360 50.71 16.48 36.17
C GLY C 360 49.31 16.57 35.62
N THR C 361 49.19 16.96 34.35
CA THR C 361 47.95 16.78 33.55
C THR C 361 48.02 15.39 32.92
N GLY C 362 46.87 14.80 32.63
CA GLY C 362 46.75 13.43 32.09
C GLY C 362 45.43 13.23 31.37
N GLN C 363 45.26 12.04 30.79
CA GLN C 363 44.07 11.65 30.01
C GLN C 363 44.02 10.12 29.94
N ALA C 364 42.83 9.58 29.69
CA ALA C 364 42.54 8.13 29.61
C ALA C 364 41.18 7.94 28.93
N ALA C 365 40.75 6.69 28.71
CA ALA C 365 39.43 6.36 28.11
C ALA C 365 38.70 5.34 29.00
N ASP C 366 37.44 5.05 28.68
CA ASP C 366 36.57 4.18 29.52
C ASP C 366 35.95 3.08 28.67
N LEU C 367 36.22 1.84 29.04
CA LEU C 367 35.83 0.68 28.21
C LEU C 367 34.35 0.36 28.44
N LYS C 368 33.91 0.32 29.69
CA LYS C 368 32.53 -0.13 30.04
C LYS C 368 31.53 0.62 29.16
N SER C 369 31.55 1.94 29.24
CA SER C 369 30.61 2.84 28.53
C SER C 369 30.80 2.70 27.02
N THR C 370 32.04 2.85 26.54
CA THR C 370 32.31 2.94 25.09
C THR C 370 31.81 1.65 24.46
N GLN C 371 32.06 0.54 25.13
CA GLN C 371 31.63 -0.78 24.64
C GLN C 371 30.12 -0.78 24.44
N ALA C 372 29.36 -0.44 25.47
CA ALA C 372 27.88 -0.57 25.55
C ALA C 372 27.19 0.27 24.48
N ALA C 373 27.57 1.54 24.36
CA ALA C 373 27.04 2.42 23.31
C ALA C 373 27.23 1.69 21.98
N ILE C 374 28.47 1.26 21.73
CA ILE C 374 28.85 0.66 20.44
C ILE C 374 27.93 -0.55 20.22
N ASP C 375 27.67 -1.31 21.29
CA ASP C 375 26.82 -2.53 21.25
C ASP C 375 25.42 -2.20 20.73
N GLN C 376 24.71 -1.26 21.35
CA GLN C 376 23.32 -0.93 20.94
C GLN C 376 23.36 -0.36 19.52
N ILE C 377 24.33 0.48 19.19
CA ILE C 377 24.31 1.08 17.82
C ILE C 377 24.44 -0.07 16.80
N ASN C 378 25.26 -1.07 17.13
CA ASN C 378 25.52 -2.19 16.20
C ASN C 378 24.27 -3.03 16.05
N GLY C 379 23.56 -3.25 17.17
CA GLY C 379 22.19 -3.82 17.20
C GLY C 379 21.30 -3.11 16.21
N LYS C 380 21.04 -1.80 16.41
CA LYS C 380 20.22 -0.99 15.47
C LYS C 380 20.59 -1.41 14.07
N LEU C 381 21.86 -1.28 13.73
CA LEU C 381 22.32 -1.56 12.36
C LEU C 381 21.74 -2.91 11.89
N ASN C 382 21.79 -3.96 12.72
CA ASN C 382 21.43 -5.34 12.29
C ASN C 382 19.92 -5.45 12.02
N ARG C 383 19.02 -4.98 12.91
CA ARG C 383 17.56 -5.00 12.61
C ARG C 383 17.39 -4.38 11.21
N VAL C 384 18.01 -3.21 10.97
CA VAL C 384 17.74 -2.35 9.78
C VAL C 384 18.25 -3.01 8.49
N ILE C 385 19.50 -3.49 8.41
CA ILE C 385 20.21 -3.62 7.09
C ILE C 385 19.88 -4.90 6.31
N GLU C 386 19.25 -5.91 6.89
CA GLU C 386 19.31 -7.27 6.27
C GLU C 386 18.10 -8.11 6.62
N LYS C 387 17.48 -8.66 5.58
CA LYS C 387 16.18 -9.35 5.70
C LYS C 387 15.73 -9.88 4.33
N THR C 388 14.67 -10.67 4.35
CA THR C 388 14.05 -11.27 3.13
C THR C 388 13.27 -10.23 2.32
N ASN C 389 13.72 -10.00 1.10
CA ASN C 389 12.89 -9.44 0.02
C ASN C 389 13.21 -10.25 -1.24
N GLU C 390 12.76 -11.50 -1.28
CA GLU C 390 13.16 -12.45 -2.33
C GLU C 390 11.97 -12.74 -3.25
N LYS C 391 12.00 -12.19 -4.47
CA LYS C 391 10.82 -12.14 -5.37
C LYS C 391 11.22 -12.45 -6.81
N PHE C 392 10.34 -13.14 -7.55
CA PHE C 392 10.71 -13.88 -8.80
C PHE C 392 9.90 -13.44 -10.01
N HIS C 393 8.59 -13.63 -10.01
CA HIS C 393 7.76 -13.16 -11.14
C HIS C 393 6.76 -12.10 -10.67
N GLN C 394 6.64 -11.04 -11.45
CA GLN C 394 5.87 -9.83 -11.08
C GLN C 394 5.22 -9.24 -12.33
N ILE C 395 4.49 -8.15 -12.16
CA ILE C 395 3.85 -7.42 -13.28
C ILE C 395 4.91 -6.73 -14.16
N GLU C 396 4.55 -6.37 -15.39
CA GLU C 396 5.35 -5.43 -16.25
C GLU C 396 5.32 -4.00 -15.67
N LYS C 397 6.44 -3.23 -15.66
CA LYS C 397 6.49 -1.84 -15.11
C LYS C 397 6.96 -0.83 -16.17
N GLU C 398 7.18 -1.26 -17.42
CA GLU C 398 7.51 -0.37 -18.55
C GLU C 398 6.71 -0.81 -19.77
N PHE C 399 6.17 0.15 -20.51
CA PHE C 399 5.29 -0.11 -21.68
C PHE C 399 5.80 0.72 -22.87
N SER C 400 5.65 0.17 -24.08
CA SER C 400 6.10 0.76 -25.36
C SER C 400 4.93 1.35 -26.18
N GLU C 401 3.70 0.87 -25.96
CA GLU C 401 2.48 1.32 -26.70
C GLU C 401 1.52 1.98 -25.71
N VAL C 402 0.45 2.59 -26.21
CA VAL C 402 -0.72 2.98 -25.37
C VAL C 402 -1.80 1.93 -25.56
N GLU C 403 -2.42 1.51 -24.47
CA GLU C 403 -3.41 0.40 -24.45
C GLU C 403 -4.72 0.86 -23.81
N GLY C 404 -4.65 1.74 -22.80
CA GLY C 404 -5.81 2.34 -22.10
C GLY C 404 -5.92 1.87 -20.66
N ARG C 405 -6.99 1.15 -20.33
CA ARG C 405 -7.51 0.93 -18.95
C ARG C 405 -6.52 0.12 -18.11
N ILE C 406 -6.20 -1.10 -18.56
CA ILE C 406 -5.43 -2.10 -17.76
C ILE C 406 -4.08 -1.48 -17.44
N GLN C 407 -3.46 -0.88 -18.45
CA GLN C 407 -2.10 -0.31 -18.35
C GLN C 407 -2.11 0.84 -17.35
N ASP C 408 -3.16 1.65 -17.33
CA ASP C 408 -3.29 2.77 -16.35
C ASP C 408 -3.36 2.22 -14.94
N LEU C 409 -4.10 1.13 -14.73
CA LEU C 409 -4.22 0.49 -13.39
C LEU C 409 -2.87 -0.11 -13.01
N GLU C 410 -2.15 -0.75 -13.93
CA GLU C 410 -0.80 -1.31 -13.62
C GLU C 410 0.14 -0.18 -13.24
N LYS C 411 0.10 0.97 -13.92
CA LYS C 411 0.99 2.12 -13.59
C LYS C 411 0.61 2.72 -12.22
N TYR C 412 -0.68 2.77 -11.91
CA TYR C 412 -1.20 3.35 -10.64
C TYR C 412 -0.82 2.43 -9.49
N VAL C 413 -0.86 1.13 -9.69
CA VAL C 413 -0.53 0.17 -8.60
C VAL C 413 0.94 0.34 -8.25
N GLU C 414 1.81 0.53 -9.25
CA GLU C 414 3.27 0.58 -8.99
C GLU C 414 3.62 1.89 -8.26
N ASP C 415 3.06 3.02 -8.69
CA ASP C 415 3.39 4.34 -8.08
C ASP C 415 2.91 4.40 -6.63
N THR C 416 1.76 3.81 -6.33
CA THR C 416 1.20 3.76 -4.96
C THR C 416 2.18 3.03 -4.05
N LYS C 417 2.69 1.90 -4.52
CA LYS C 417 3.67 1.07 -3.77
C LYS C 417 4.93 1.89 -3.52
N ILE C 418 5.42 2.62 -4.51
CA ILE C 418 6.71 3.35 -4.40
C ILE C 418 6.57 4.48 -3.38
N ASP C 419 5.50 5.25 -3.43
CA ASP C 419 5.34 6.38 -2.49
C ASP C 419 5.13 5.88 -1.07
N LEU C 420 4.55 4.70 -0.87
CA LEU C 420 4.32 4.20 0.51
C LEU C 420 5.62 3.66 1.09
N TRP C 421 6.50 3.08 0.26
CA TRP C 421 7.79 2.50 0.73
C TRP C 421 8.78 3.64 0.92
N SER C 422 8.60 4.73 0.20
CA SER C 422 9.52 5.88 0.31
C SER C 422 9.20 6.62 1.59
N TYR C 423 7.92 6.68 1.98
CA TYR C 423 7.52 7.36 3.22
C TYR C 423 8.03 6.52 4.38
N ASN C 424 7.99 5.19 4.24
CA ASN C 424 8.45 4.28 5.32
C ASN C 424 9.94 4.46 5.54
N ALA C 425 10.69 4.71 4.46
CA ALA C 425 12.17 4.78 4.49
C ALA C 425 12.57 6.12 5.10
N GLU C 426 11.81 7.17 4.85
CA GLU C 426 12.12 8.52 5.39
C GLU C 426 11.88 8.57 6.90
N LEU C 427 10.80 7.97 7.38
CA LEU C 427 10.45 8.03 8.82
C LEU C 427 11.39 7.14 9.61
N LEU C 428 11.73 5.95 9.12
CA LEU C 428 12.58 5.00 9.87
C LEU C 428 13.94 5.65 10.13
N VAL C 429 14.50 6.32 9.14
CA VAL C 429 15.84 6.94 9.30
C VAL C 429 15.73 8.04 10.36
N ALA C 430 14.72 8.91 10.26
CA ALA C 430 14.52 10.01 11.22
C ALA C 430 14.30 9.48 12.66
N LEU C 431 13.50 8.44 12.81
CA LEU C 431 13.21 7.86 14.14
C LEU C 431 14.49 7.32 14.73
N GLU C 432 15.17 6.48 13.97
CA GLU C 432 16.38 5.76 14.43
C GLU C 432 17.48 6.79 14.74
N ASN C 433 17.61 7.84 13.93
CA ASN C 433 18.67 8.85 14.17
C ASN C 433 18.42 9.59 15.46
N GLN C 434 17.18 9.96 15.74
CA GLN C 434 16.86 10.60 17.03
C GLN C 434 17.24 9.66 18.18
N HIS C 435 16.78 8.42 18.15
CA HIS C 435 17.04 7.44 19.23
C HIS C 435 18.54 7.29 19.44
N THR C 436 19.33 7.35 18.38
CA THR C 436 20.81 7.20 18.44
C THR C 436 21.42 8.36 19.22
N ILE C 437 21.13 9.59 18.83
CA ILE C 437 21.55 10.80 19.59
C ILE C 437 21.15 10.70 21.06
N ASP C 438 19.94 10.25 21.36
CA ASP C 438 19.42 10.21 22.75
C ASP C 438 20.21 9.17 23.56
N LEU C 439 20.47 7.98 22.99
CA LEU C 439 21.08 6.87 23.76
C LEU C 439 22.53 7.23 24.06
N THR C 440 23.19 7.93 23.16
CA THR C 440 24.61 8.30 23.35
C THR C 440 24.69 9.38 24.44
N ASP C 441 23.72 10.28 24.50
CA ASP C 441 23.76 11.43 25.47
C ASP C 441 23.39 10.94 26.87
N SER C 442 22.45 9.99 27.00
CA SER C 442 22.08 9.42 28.32
C SER C 442 23.26 8.62 28.88
N GLU C 443 23.95 7.89 28.02
CA GLU C 443 25.13 7.07 28.38
C GLU C 443 26.18 7.98 29.02
N MET C 444 26.39 9.15 28.43
CA MET C 444 27.30 10.19 28.97
C MET C 444 26.85 10.57 30.39
N ASN C 445 25.58 10.93 30.57
CA ASN C 445 25.06 11.44 31.87
C ASN C 445 25.03 10.30 32.91
N LYS C 446 25.02 9.04 32.47
CA LYS C 446 25.02 7.85 33.37
C LYS C 446 26.38 7.73 34.05
N LEU C 447 27.47 7.98 33.32
CA LEU C 447 28.85 7.90 33.87
C LEU C 447 29.03 8.98 34.94
N PHE C 448 28.41 10.13 34.72
CA PHE C 448 28.53 11.31 35.62
C PHE C 448 27.90 11.00 36.99
N GLU C 449 26.68 10.46 36.97
CA GLU C 449 25.91 10.19 38.20
C GLU C 449 26.61 9.08 38.99
N LYS C 450 27.16 8.10 38.28
CA LYS C 450 27.96 6.99 38.86
C LYS C 450 29.14 7.61 39.60
N THR C 451 29.83 8.55 38.96
CA THR C 451 31.00 9.25 39.55
C THR C 451 30.54 10.07 40.76
N ARG C 452 29.46 10.84 40.66
CA ARG C 452 28.96 11.70 41.77
C ARG C 452 28.59 10.84 42.97
N ARG C 453 27.98 9.68 42.70
CA ARG C 453 27.46 8.76 43.74
C ARG C 453 28.64 8.22 44.55
N GLN C 454 29.78 7.97 43.90
CA GLN C 454 30.97 7.41 44.59
C GLN C 454 31.62 8.47 45.48
N LEU C 455 31.65 9.75 45.05
CA LEU C 455 32.30 10.89 45.77
C LEU C 455 31.26 11.66 46.61
N ARG C 456 31.03 11.18 47.81
CA ARG C 456 29.76 11.39 48.56
C ARG C 456 29.71 12.84 49.03
N GLU C 457 30.70 13.24 49.83
CA GLU C 457 30.82 14.59 50.45
C GLU C 457 32.27 15.06 50.40
N ASN C 458 33.11 14.36 49.65
CA ASN C 458 34.56 14.64 49.54
C ASN C 458 34.80 15.36 48.20
N ALA C 459 33.75 15.53 47.38
CA ALA C 459 33.77 16.24 46.08
C ALA C 459 32.51 17.10 45.91
N GLU C 460 32.58 18.10 45.03
CA GLU C 460 31.45 19.00 44.66
C GLU C 460 31.48 19.21 43.14
N GLU C 461 30.33 19.56 42.56
CA GLU C 461 30.19 19.88 41.11
C GLU C 461 30.37 21.39 40.87
N MET C 462 31.07 21.76 39.79
CA MET C 462 31.39 23.16 39.39
C MET C 462 30.42 23.66 38.31
N GLY C 463 29.99 22.77 37.41
CA GLY C 463 29.05 23.08 36.31
C GLY C 463 29.75 23.27 34.99
N ASN C 464 31.05 23.02 34.92
CA ASN C 464 31.82 22.96 33.64
C ASN C 464 31.86 21.52 33.10
N GLY C 465 31.27 20.56 33.84
CA GLY C 465 31.34 19.11 33.61
C GLY C 465 32.40 18.45 34.50
N CYS C 466 32.71 19.09 35.63
CA CYS C 466 33.97 18.94 36.41
C CYS C 466 33.63 18.78 37.89
N PHE C 467 34.50 18.10 38.63
CA PHE C 467 34.30 17.78 40.06
C PHE C 467 35.47 18.36 40.85
N LYS C 468 35.25 19.48 41.54
CA LYS C 468 36.27 20.01 42.49
C LYS C 468 36.32 19.09 43.73
N ILE C 469 37.38 18.29 43.85
CA ILE C 469 37.60 17.36 44.99
C ILE C 469 38.36 18.16 46.03
N TYR C 470 37.86 18.31 47.26
CA TYR C 470 38.46 19.17 48.32
C TYR C 470 39.46 18.39 49.19
N HIS C 471 40.12 17.34 48.66
CA HIS C 471 41.24 16.64 49.32
C HIS C 471 42.41 16.47 48.34
N LYS C 472 43.53 15.96 48.83
CA LYS C 472 44.78 15.77 48.03
C LYS C 472 44.68 14.43 47.30
N CYS C 473 44.31 14.46 46.02
CA CYS C 473 44.22 13.27 45.14
C CYS C 473 45.55 13.15 44.37
N ASP C 474 46.20 11.98 44.45
CA ASP C 474 47.38 11.62 43.62
C ASP C 474 46.93 10.75 42.44
N ASN C 475 47.87 10.27 41.62
CA ASN C 475 47.58 9.44 40.43
C ASN C 475 46.83 8.18 40.86
N ALA C 476 47.24 7.52 41.95
CA ALA C 476 46.62 6.28 42.46
C ALA C 476 45.14 6.53 42.81
N CYS C 477 44.84 7.64 43.49
CA CYS C 477 43.46 8.08 43.90
C CYS C 477 42.60 8.32 42.65
N ILE C 478 43.13 9.03 41.66
CA ILE C 478 42.39 9.32 40.40
C ILE C 478 42.09 7.95 39.78
N GLU C 479 43.08 7.07 39.80
CA GLU C 479 42.96 5.75 39.15
C GLU C 479 41.85 4.97 39.85
N SER C 480 41.80 5.03 41.19
CA SER C 480 40.74 4.33 41.96
C SER C 480 39.36 4.85 41.51
N ILE C 481 39.14 6.18 41.43
CA ILE C 481 37.81 6.71 41.00
C ILE C 481 37.50 6.10 39.64
N ARG C 482 38.41 6.29 38.69
CA ARG C 482 38.25 5.84 37.29
C ARG C 482 37.89 4.34 37.31
N ASN C 483 38.47 3.62 38.26
CA ASN C 483 38.44 2.14 38.36
C ASN C 483 37.08 1.65 38.84
N GLY C 484 36.54 2.31 39.87
CA GLY C 484 35.30 1.92 40.58
C GLY C 484 35.59 1.25 41.92
N THR C 485 36.62 1.70 42.63
CA THR C 485 37.01 1.20 43.98
C THR C 485 37.29 2.37 44.94
N TYR C 486 36.92 3.61 44.60
CA TYR C 486 37.19 4.82 45.43
C TYR C 486 36.46 4.66 46.79
N ASP C 487 37.21 4.72 47.90
CA ASP C 487 36.68 4.59 49.28
C ASP C 487 36.69 5.95 50.00
N HIS C 488 35.54 6.63 49.92
CA HIS C 488 35.30 8.00 50.43
C HIS C 488 35.74 8.17 51.89
N ASP C 489 35.55 7.15 52.73
CA ASP C 489 35.75 7.23 54.20
C ASP C 489 37.16 7.75 54.53
N VAL C 490 38.17 7.33 53.76
CA VAL C 490 39.61 7.58 54.05
C VAL C 490 39.86 9.10 54.11
N TYR C 491 39.32 9.88 53.19
CA TYR C 491 39.64 11.33 53.01
C TYR C 491 38.47 12.22 53.51
N ARG C 492 37.50 11.65 54.22
CA ARG C 492 36.20 12.32 54.49
C ARG C 492 36.44 13.52 55.42
N ASP C 493 37.13 13.28 56.54
CA ASP C 493 37.34 14.28 57.61
C ASP C 493 38.10 15.48 57.04
N GLU C 494 39.20 15.20 56.32
CA GLU C 494 40.09 16.22 55.71
C GLU C 494 39.27 17.09 54.74
N ALA C 495 38.51 16.45 53.84
CA ALA C 495 37.71 17.12 52.79
C ALA C 495 36.63 18.00 53.44
N LEU C 496 35.93 17.49 54.46
CA LEU C 496 34.84 18.23 55.16
C LEU C 496 35.42 19.48 55.84
N ASN C 497 36.59 19.35 56.47
CA ASN C 497 37.27 20.49 57.14
C ASN C 497 37.79 21.46 56.08
N ASN C 498 38.11 21.00 54.87
CA ASN C 498 38.68 21.87 53.81
C ASN C 498 37.57 22.65 53.09
N ARG C 499 36.40 22.04 52.85
CA ARG C 499 35.30 22.60 51.98
C ARG C 499 34.39 23.55 52.77
N PHE C 500 34.07 23.25 54.03
CA PHE C 500 33.05 23.96 54.84
C PHE C 500 33.69 24.93 55.85
N GLN C 501 35.01 24.91 56.02
CA GLN C 501 35.77 25.82 56.94
C GLN C 501 37.06 26.25 56.24
C1 NAG D . -2.18 29.38 18.19
C2 NAG D . -1.71 30.82 18.21
C3 NAG D . -2.33 31.59 17.07
C4 NAG D . -2.11 30.87 15.73
C5 NAG D . -2.50 29.41 15.86
C6 NAG D . -2.22 28.66 14.56
C7 NAG D . -1.30 31.61 20.48
C8 NAG D . -1.95 32.15 21.71
N2 NAG D . -2.13 31.42 19.45
O3 NAG D . -1.75 32.89 17.05
O4 NAG D . -2.91 31.49 14.72
O5 NAG D . -1.83 28.78 16.95
O6 NAG D . -3.33 28.86 13.68
O7 NAG D . -0.10 31.35 20.44
C1 NAG D . -2.17 32.43 13.91
C2 NAG D . -2.77 32.44 12.51
C3 NAG D . -2.09 33.49 11.63
C4 NAG D . -2.14 34.87 12.31
C5 NAG D . -1.56 34.76 13.73
C6 NAG D . -1.68 36.07 14.50
C7 NAG D . -1.65 30.53 11.40
C8 NAG D . -1.81 29.91 10.05
N2 NAG D . -2.76 31.18 11.77
O3 NAG D . -2.73 33.58 10.34
O4 NAG D . -1.40 35.81 11.53
O5 NAG D . -2.23 33.74 14.48
O6 NAG D . -0.89 37.09 13.88
O7 NAG D . -0.57 30.56 11.96
C1 NAG E . -7.85 23.67 -36.96
C2 NAG E . -8.19 24.80 -37.91
C3 NAG E . -7.82 24.42 -39.31
C4 NAG E . -6.35 24.04 -39.34
C5 NAG E . -6.09 22.92 -38.36
C6 NAG E . -4.63 22.56 -38.29
C7 NAG E . -10.12 25.92 -36.95
C8 NAG E . -11.61 25.88 -36.82
N2 NAG E . -9.60 25.07 -37.83
O3 NAG E . -8.08 25.54 -40.14
O4 NAG E . -5.90 23.58 -40.61
O5 NAG E . -6.48 23.32 -37.06
O6 NAG E . -3.90 23.77 -38.09
O7 NAG E . -9.43 26.65 -36.24
C1 NAG E . -5.33 24.65 -41.36
C2 NAG E . -4.03 24.19 -41.97
C3 NAG E . -3.45 25.29 -42.85
C4 NAG E . -4.48 25.65 -43.91
C5 NAG E . -5.77 26.09 -43.22
C6 NAG E . -6.88 26.42 -44.22
C7 NAG E . -2.37 22.71 -41.00
C8 NAG E . -2.96 21.55 -41.77
N2 NAG E . -3.04 23.86 -40.96
O3 NAG E . -2.22 24.83 -43.43
O4 NAG E . -3.98 26.69 -44.77
O5 NAG E . -6.23 25.04 -42.38
O6 NAG E . -7.22 25.25 -44.97
O7 NAG E . -1.27 22.61 -40.48
C1 BMA E . -3.49 26.13 -46.00
C2 BMA E . -4.51 26.29 -47.12
C3 BMA E . -3.98 25.58 -48.36
C4 BMA E . -2.59 26.10 -48.73
C5 BMA E . -1.65 26.04 -47.52
C6 BMA E . -0.32 26.72 -47.83
O2 BMA E . -4.74 27.68 -47.43
O3 BMA E . -4.87 25.76 -49.48
O4 BMA E . -2.06 25.30 -49.78
O5 BMA E . -2.23 26.67 -46.38
O6 BMA E . 0.58 26.46 -46.76
C1 FUC E . -3.11 23.68 -36.89
C2 FUC E . -1.89 24.58 -37.04
C3 FUC E . -2.30 26.04 -37.02
C4 FUC E . -3.14 26.33 -35.79
C5 FUC E . -4.33 25.37 -35.72
C6 FUC E . -5.14 25.62 -34.45
O2 FUC E . -1.21 24.27 -38.25
O3 FUC E . -1.13 26.85 -37.04
O4 FUC E . -2.35 26.18 -34.60
O5 FUC E . -3.86 24.03 -35.73
C1 NAG F . -4.01 -2.76 -51.86
C2 NAG F . -3.32 -3.62 -52.88
C3 NAG F . -1.96 -4.05 -52.39
C4 NAG F . -1.16 -2.84 -51.99
C5 NAG F . -1.95 -2.05 -50.96
C6 NAG F . -1.19 -0.81 -50.50
C7 NAG F . -5.03 -4.86 -54.00
C8 NAG F . -5.74 -6.18 -54.10
N2 NAG F . -4.07 -4.83 -53.10
O3 NAG F . -1.32 -4.73 -53.46
O4 NAG F . 0.08 -3.24 -51.42
O5 NAG F . -3.20 -1.64 -51.52
O6 NAG F . -0.86 -0.03 -51.65
O7 NAG F . -5.35 -3.90 -54.69
C1 NAG F . 1.18 -2.93 -52.28
C2 NAG F . 2.40 -2.76 -51.41
C3 NAG F . 3.63 -2.45 -52.23
C4 NAG F . 3.83 -3.56 -53.25
C5 NAG F . 2.55 -3.73 -54.06
C6 NAG F . 2.67 -4.91 -55.01
C7 NAG F . 2.41 -1.88 -49.18
C8 NAG F . 2.83 -0.69 -48.41
N2 NAG F . 2.25 -1.67 -50.48
O3 NAG F . 4.74 -2.35 -51.35
O4 NAG F . 4.89 -3.24 -54.14
O5 NAG F . 1.42 -3.96 -53.23
O6 NAG F . 2.94 -6.08 -54.25
O7 NAG F . 2.32 -2.98 -48.68
C1 BMA F . 6.10 -3.92 -53.79
C2 BMA F . 6.95 -4.11 -55.04
C3 BMA F . 8.23 -4.84 -54.63
C4 BMA F . 8.96 -4.07 -53.55
C5 BMA F . 8.02 -3.91 -52.39
C6 BMA F . 8.68 -3.17 -51.24
O2 BMA F . 7.28 -2.85 -55.60
O3 BMA F . 9.09 -4.97 -55.75
O4 BMA F . 10.11 -4.83 -53.15
O5 BMA F . 6.84 -3.21 -52.80
O6 BMA F . 9.18 -1.93 -51.75
C1 MAN F . 8.73 -6.11 -56.53
C2 MAN F . 9.86 -7.14 -56.46
C3 MAN F . 11.10 -6.55 -57.11
C4 MAN F . 10.80 -6.04 -58.51
C5 MAN F . 9.60 -5.09 -58.49
C6 MAN F . 9.21 -4.68 -59.90
O2 MAN F . 9.44 -8.32 -57.17
O3 MAN F . 12.13 -7.53 -57.18
O4 MAN F . 11.95 -5.37 -59.03
O5 MAN F . 8.47 -5.71 -57.86
O6 MAN F . 10.17 -3.74 -60.40
C1 MAN F . 10.42 -1.63 -51.11
C2 MAN F . 10.61 -0.12 -51.01
C3 MAN F . 10.85 0.47 -52.39
C4 MAN F . 12.01 -0.25 -53.05
C5 MAN F . 11.79 -1.76 -53.07
C6 MAN F . 13.00 -2.49 -53.60
O2 MAN F . 11.72 0.14 -50.15
O3 MAN F . 11.14 1.86 -52.30
O4 MAN F . 12.17 0.23 -54.40
O5 MAN F . 11.53 -2.25 -51.75
O6 MAN F . 14.14 -2.21 -52.79
C1 NAG G . -18.40 16.74 -1.94
C2 NAG G . -18.89 16.63 -0.52
C3 NAG G . -19.14 15.19 -0.19
C4 NAG G . -20.08 14.57 -1.19
C5 NAG G . -19.54 14.78 -2.59
C6 NAG G . -20.43 14.13 -3.66
C7 NAG G . -17.84 18.41 0.74
C8 NAG G . -16.64 18.77 1.58
N2 NAG G . -17.88 17.14 0.36
O3 NAG G . -19.70 15.13 1.11
O4 NAG G . -20.15 13.18 -0.88
O5 NAG G . -19.36 16.18 -2.83
O6 NAG G . -19.95 14.46 -4.98
O7 NAG G . -18.68 19.24 0.39
C1 NAG G . -21.50 12.80 -0.59
C2 NAG G . -21.67 11.31 -0.81
C3 NAG G . -23.13 10.94 -0.72
C4 NAG G . -23.60 11.28 0.69
C5 NAG G . -23.27 12.74 1.03
C6 NAG G . -23.53 13.01 2.51
C7 NAG G . -20.16 10.01 -2.13
C8 NAG G . -20.03 9.33 -3.46
N2 NAG G . -21.18 10.86 -2.08
O3 NAG G . -23.27 9.54 -0.96
O4 NAG G . -25.01 11.07 0.81
O5 NAG G . -21.90 13.07 0.75
O6 NAG G . -22.69 12.15 3.28
O7 NAG G . -19.43 9.75 -1.19
C1 BMA G . -25.32 9.90 1.60
C2 BMA G . -26.79 9.98 2.02
C3 BMA G . -27.14 8.76 2.89
C4 BMA G . -26.78 7.46 2.15
C5 BMA G . -25.32 7.49 1.69
C6 BMA G . -24.92 6.25 0.90
O2 BMA G . -27.62 10.01 0.87
O3 BMA G . -28.53 8.78 3.22
O4 BMA G . -26.99 6.35 3.02
O5 BMA G . -25.07 8.67 0.90
O6 BMA G . -25.66 6.17 -0.33
C1 NAG H . -0.36 -11.42 32.69
C2 NAG H . -1.22 -11.50 33.93
C3 NAG H . -2.42 -12.40 33.69
C4 NAG H . -3.17 -11.99 32.44
C5 NAG H . -2.20 -11.84 31.27
C6 NAG H . -2.92 -11.36 30.02
C7 NAG H . 0.11 -11.30 35.95
C8 NAG H . 0.96 -12.04 36.93
N2 NAG H . -0.43 -12.05 35.01
O3 NAG H . -3.26 -12.32 34.84
O4 NAG H . -4.13 -13.00 32.11
O5 NAG H . -1.14 -10.94 31.60
O6 NAG H . -3.49 -12.50 29.36
O7 NAG H . -0.07 -10.09 36.05
C1 NAG H . -5.47 -12.68 32.56
C2 NAG H . -6.48 -13.29 31.59
C3 NAG H . -7.91 -13.08 32.06
C4 NAG H . -8.07 -13.57 33.51
C5 NAG H . -7.00 -12.92 34.39
C6 NAG H . -7.05 -13.44 35.84
C7 NAG H . -6.63 -11.61 29.77
C8 NAG H . -7.36 -11.59 28.47
N2 NAG H . -6.40 -12.86 30.20
O3 NAG H . -8.85 -13.75 31.22
O4 NAG H . -9.38 -13.24 33.99
O5 NAG H . -5.70 -13.17 33.88
O6 NAG H . -8.28 -13.06 36.47
O7 NAG H . -6.43 -10.59 30.41
C1 NAG I . -40.81 -17.16 -5.22
C2 NAG I . -42.11 -17.91 -4.99
C3 NAG I . -43.14 -17.49 -6.00
C4 NAG I . -43.30 -15.98 -5.92
C5 NAG I . -41.97 -15.31 -6.16
C6 NAG I . -42.06 -13.81 -6.02
C7 NAG I . -41.47 -20.06 -4.06
C8 NAG I . -41.00 -21.44 -4.41
N2 NAG I . -41.85 -19.32 -5.10
O3 NAG I . -44.35 -18.16 -5.68
O4 NAG I . -44.20 -15.46 -6.91
O5 NAG I . -41.05 -15.76 -5.19
O6 NAG I . -42.72 -13.53 -4.78
O7 NAG I . -41.45 -19.64 -2.91
C1 NAG I . -45.51 -15.33 -6.37
C2 NAG I . -46.07 -13.97 -6.73
C3 NAG I . -47.50 -13.84 -6.25
C4 NAG I . -48.31 -14.99 -6.85
C5 NAG I . -47.69 -16.31 -6.43
C6 NAG I . -48.42 -17.51 -7.03
C7 NAG I . -44.87 -11.86 -6.90
C8 NAG I . -44.75 -12.04 -8.37
N2 NAG I . -45.30 -12.89 -6.15
O3 NAG I . -48.01 -12.56 -6.62
O4 NAG I . -49.68 -14.92 -6.42
O5 NAG I . -46.34 -16.36 -6.89
O6 NAG I . -48.33 -17.48 -8.47
O7 NAG I . -44.66 -10.78 -6.37
C1 BMA I . -50.49 -14.32 -7.45
C2 BMA I . -51.25 -15.39 -8.23
C3 BMA I . -52.01 -14.69 -9.37
C4 BMA I . -52.91 -13.59 -8.83
C5 BMA I . -52.13 -12.63 -7.93
C6 BMA I . -53.05 -11.63 -7.25
O2 BMA I . -52.19 -16.08 -7.40
O3 BMA I . -52.80 -15.64 -10.10
O4 BMA I . -53.45 -12.86 -9.93
O5 BMA I . -51.39 -13.34 -6.92
O6 BMA I . -52.25 -10.64 -6.60
C1 FUC I . -41.87 -12.72 -3.95
C2 FUC I . -42.77 -11.89 -3.03
C3 FUC I . -43.44 -12.78 -1.99
C4 FUC I . -42.39 -13.62 -1.28
C5 FUC I . -41.55 -14.39 -2.27
C6 FUC I . -40.46 -15.19 -1.55
O2 FUC I . -43.74 -11.19 -3.80
O3 FUC I . -44.16 -11.96 -1.07
O4 FUC I . -41.54 -12.77 -0.49
O5 FUC I . -40.94 -13.49 -3.20
C1 NAG J . -39.74 -5.05 -33.27
C2 NAG J . -40.27 -4.13 -34.36
C3 NAG J . -39.97 -2.70 -34.06
C4 NAG J . -40.48 -2.35 -32.68
C5 NAG J . -39.88 -3.32 -31.67
C6 NAG J . -40.34 -3.02 -30.26
C7 NAG J . -40.12 -5.37 -36.40
C8 NAG J . -39.32 -5.60 -37.66
N2 NAG J . -39.64 -4.44 -35.60
O3 NAG J . -40.63 -1.92 -35.04
O4 NAG J . -40.09 -1.03 -32.33
O5 NAG J . -40.26 -4.66 -32.01
O6 NAG J . -41.78 -3.04 -30.24
O7 NAG J . -41.12 -6.02 -36.14
C1 NAG J . -41.22 -0.15 -32.30
C2 NAG J . -40.89 0.98 -31.36
C3 NAG J . -42.02 1.99 -31.29
C4 NAG J . -42.29 2.51 -32.67
C5 NAG J . -42.56 1.34 -33.61
C6 NAG J . -42.73 1.83 -35.04
C7 NAG J . -39.55 0.77 -29.39
C8 NAG J . -39.66 0.79 -27.89
N2 NAG J . -40.68 0.50 -30.02
O3 NAG J . -41.61 3.03 -30.41
O4 NAG J . -43.43 3.38 -32.68
O5 NAG J . -41.50 0.40 -33.60
O6 NAG J . -41.54 2.52 -35.43
O7 NAG J . -38.53 1.10 -29.97
C1 BMA J . -43.06 4.75 -32.69
C2 BMA J . -44.17 5.57 -33.34
C3 BMA J . -43.76 7.04 -33.33
C4 BMA J . -43.45 7.50 -31.92
C5 BMA J . -42.37 6.60 -31.37
C6 BMA J . -41.99 7.02 -29.96
O2 BMA J . -45.38 5.41 -32.60
O3 BMA J . -44.79 7.84 -33.85
O4 BMA J . -42.99 8.84 -31.97
O5 BMA J . -42.82 5.24 -31.37
O6 BMA J . -43.17 7.03 -29.18
C1 MAN J . -44.73 7.87 -35.28
C2 MAN J . -44.41 9.29 -35.74
C3 MAN J . -45.53 10.22 -35.32
C4 MAN J . -46.87 9.70 -35.83
C5 MAN J . -47.07 8.24 -35.40
C6 MAN J . -48.35 7.67 -36.01
O2 MAN J . -44.25 9.28 -37.16
O3 MAN J . -45.30 11.52 -35.85
O4 MAN J . -47.92 10.51 -35.31
O5 MAN J . -45.97 7.43 -35.81
O6 MAN J . -49.47 8.21 -35.31
C1 MAN J . -43.10 8.13 -28.23
C2 MAN J . -43.88 7.78 -26.97
C3 MAN J . -45.38 7.74 -27.25
C4 MAN J . -45.80 9.05 -27.88
C5 MAN J . -44.95 9.36 -29.11
C6 MAN J . -45.28 10.74 -29.68
O2 MAN J . -43.59 8.76 -25.99
O3 MAN J . -46.11 7.53 -26.05
O4 MAN J . -47.17 8.98 -28.26
O5 MAN J . -43.56 9.35 -28.80
O6 MAN J . -45.04 11.74 -28.68
C1 NAG K . -6.18 -23.12 7.04
C2 NAG K . -4.86 -23.48 7.65
C3 NAG K . -3.75 -23.20 6.67
C4 NAG K . -4.02 -23.91 5.37
C5 NAG K . -5.40 -23.53 4.85
C6 NAG K . -5.71 -24.19 3.51
C7 NAG K . -5.03 -23.06 10.03
C8 NAG K . -4.82 -22.02 11.10
N2 NAG K . -4.64 -22.68 8.82
O3 NAG K . -2.54 -23.65 7.24
O4 NAG K . -3.01 -23.49 4.46
O5 NAG K . -6.37 -23.87 5.84
O6 NAG K . -7.08 -23.91 3.12
O7 NAG K . -5.55 -24.15 10.24
C1 NAG K . -2.25 -24.61 3.98
C2 NAG K . -1.60 -24.25 2.66
C3 NAG K . -0.98 -25.48 2.06
C4 NAG K . 0.09 -25.99 3.01
C5 NAG K . -0.49 -26.17 4.42
C6 NAG K . 0.62 -26.45 5.41
C7 NAG K . -2.34 -22.45 1.28
C8 NAG K . -3.07 -22.14 0.02
N2 NAG K . -2.50 -23.70 1.70
O3 NAG K . -0.40 -25.13 0.80
O4 NAG K . 0.62 -27.23 2.55
O5 NAG K . -1.21 -25.02 4.87
O6 NAG K . 1.51 -25.34 5.43
O7 NAG K . -1.60 -21.63 1.81
C1 BMA K . 1.96 -27.09 2.03
C2 BMA K . 2.61 -28.48 1.95
C3 BMA K . 4.04 -28.36 1.43
C4 BMA K . 4.06 -27.60 0.10
C5 BMA K . 3.33 -26.26 0.24
C6 BMA K . 3.26 -25.48 -1.09
O2 BMA K . 1.82 -29.31 1.08
O3 BMA K . 4.62 -29.65 1.27
O4 BMA K . 5.41 -27.38 -0.30
O5 BMA K . 2.00 -26.46 0.75
O6 BMA K . 2.49 -26.19 -2.05
C1 NAG L . 32.75 5.04 10.06
C2 NAG L . 33.99 4.31 10.52
C3 NAG L . 34.56 3.49 9.38
C4 NAG L . 33.50 2.58 8.76
C5 NAG L . 32.25 3.40 8.45
C6 NAG L . 31.13 2.50 7.90
C7 NAG L . 35.22 5.55 12.20
C8 NAG L . 36.21 6.66 12.42
N2 NAG L . 34.97 5.27 10.92
O3 NAG L . 35.64 2.70 9.90
O4 NAG L . 33.99 2.01 7.55
O5 NAG L . 31.78 4.10 9.60
O6 NAG L . 31.35 2.33 6.50
O7 NAG L . 34.68 4.97 13.13
C1 NAG L . 34.49 0.67 7.71
C2 NAG L . 34.27 -0.10 6.41
C3 NAG L . 34.89 -1.51 6.50
C4 NAG L . 36.36 -1.42 6.92
C5 NAG L . 36.48 -0.61 8.21
C6 NAG L . 37.94 -0.40 8.63
C7 NAG L . 31.94 -0.90 6.61
C8 NAG L . 31.04 -1.65 5.70
N2 NAG L . 32.90 -0.25 5.96
O3 NAG L . 34.78 -2.19 5.25
O4 NAG L . 36.86 -2.74 7.12
O5 NAG L . 35.89 0.68 8.04
O6 NAG L . 38.55 -1.66 8.96
O7 NAG L . 31.87 -1.04 7.83
C1 NAG M . 14.47 -32.54 -26.82
C2 NAG M . 15.37 -33.49 -27.60
C3 NAG M . 14.57 -34.64 -28.13
C4 NAG M . 13.86 -35.31 -26.96
C5 NAG M . 12.99 -34.30 -26.24
C6 NAG M . 12.34 -34.89 -25.02
C7 NAG M . 17.12 -32.10 -28.55
C8 NAG M . 17.46 -31.19 -29.69
N2 NAG M . 15.97 -32.76 -28.69
O3 NAG M . 15.48 -35.53 -28.76
O4 NAG M . 12.99 -36.37 -27.37
O5 NAG M . 13.81 -33.24 -25.78
O6 NAG M . 13.35 -35.55 -24.25
O7 NAG M . 17.83 -32.17 -27.55
C1 NAG M . 13.66 -37.62 -27.29
C2 NAG M . 12.77 -38.62 -26.60
C3 NAG M . 13.43 -39.99 -26.58
C4 NAG M . 13.75 -40.39 -28.02
C5 NAG M . 14.63 -39.33 -28.65
C6 NAG M . 14.95 -39.61 -30.12
C7 NAG M . 11.24 -38.23 -24.75
C8 NAG M . 10.10 -38.13 -25.72
N2 NAG M . 12.49 -38.25 -25.23
O3 NAG M . 12.56 -40.94 -25.95
O4 NAG M . 14.38 -41.67 -28.08
O5 NAG M . 13.99 -38.06 -28.60
O6 NAG M . 13.74 -39.60 -30.89
O7 NAG M . 11.04 -38.40 -23.56
C1 BMA M . 13.42 -42.69 -28.42
C2 BMA M . 13.51 -43.07 -29.89
C3 BMA M . 12.41 -44.07 -30.21
C4 BMA M . 12.47 -45.27 -29.28
C5 BMA M . 12.51 -44.82 -27.81
C6 BMA M . 12.76 -46.01 -26.88
O2 BMA M . 14.79 -43.67 -30.19
O3 BMA M . 12.49 -44.51 -31.57
O4 BMA M . 11.32 -46.09 -29.49
O5 BMA M . 13.53 -43.84 -27.59
O6 BMA M . 12.58 -45.58 -25.54
C1 FUC M . 13.40 -35.01 -22.92
C2 FUC M . 13.91 -36.10 -21.98
C3 FUC M . 15.38 -36.37 -22.25
C4 FUC M . 16.16 -35.07 -22.19
C5 FUC M . 15.57 -34.06 -23.16
C6 FUC M . 16.32 -32.72 -23.06
O2 FUC M . 13.15 -37.29 -22.14
O3 FUC M . 15.87 -37.29 -21.26
O4 FUC M . 16.15 -34.52 -20.86
O5 FUC M . 14.20 -33.83 -22.84
C1 NAG N . -15.04 -36.94 -33.49
C2 NAG N . -16.28 -37.80 -33.56
C3 NAG N . -16.87 -37.99 -32.19
C4 NAG N . -15.83 -38.54 -31.26
C5 NAG N . -14.63 -37.60 -31.26
C6 NAG N . -13.53 -38.07 -30.33
C7 NAG N . -17.32 -37.33 -35.66
C8 NAG N . -18.42 -36.58 -36.36
N2 NAG N . -17.29 -37.15 -34.35
O3 NAG N . -17.94 -38.92 -32.32
O4 NAG N . -16.34 -38.61 -29.93
O5 NAG N . -14.10 -37.50 -32.59
O6 NAG N . -13.17 -39.41 -30.69
O7 NAG N . -16.52 -38.03 -36.26
C1 NAG N . -16.53 -39.97 -29.52
C2 NAG N . -16.42 -40.01 -28.02
C3 NAG N . -16.64 -41.41 -27.49
C4 NAG N . -17.99 -41.91 -27.96
C5 NAG N . -18.07 -41.80 -29.48
C6 NAG N . -19.45 -42.19 -29.98
C7 NAG N . -15.04 -38.60 -26.68
C8 NAG N . -13.81 -38.64 -25.83
N2 NAG N . -15.14 -39.59 -27.56
O3 NAG N . -16.58 -41.36 -26.07
O4 NAG N . -18.17 -43.29 -27.60
O5 NAG N . -17.80 -40.47 -29.92
O6 NAG N . -20.41 -41.34 -29.37
O7 NAG N . -15.92 -37.79 -26.51
C1 BMA N . -19.00 -43.43 -26.45
C2 BMA N . -19.70 -44.78 -26.48
C3 BMA N . -20.57 -44.90 -25.23
C4 BMA N . -19.75 -44.72 -23.98
C5 BMA N . -19.07 -43.35 -24.07
C6 BMA N . -18.25 -43.07 -22.83
O2 BMA N . -18.73 -45.82 -26.49
O3 BMA N . -21.18 -46.17 -25.19
O4 BMA N . -20.61 -44.75 -22.85
O5 BMA N . -18.25 -43.30 -25.24
O6 BMA N . -17.34 -44.16 -22.67
C1 MAN N . -22.37 -46.19 -25.99
C2 MAN N . -23.58 -46.39 -25.08
C3 MAN N . -23.48 -47.74 -24.40
C4 MAN N . -23.29 -48.84 -25.44
C5 MAN N . -22.12 -48.52 -26.36
C6 MAN N . -22.02 -49.55 -27.49
O2 MAN N . -24.76 -46.30 -25.88
O3 MAN N . -24.66 -48.00 -23.65
O4 MAN N . -23.06 -50.08 -24.76
O5 MAN N . -22.27 -47.23 -26.95
O6 MAN N . -21.49 -50.77 -26.95
C1 MAN N . -17.17 -44.42 -21.26
C2 MAN N . -15.78 -44.97 -21.00
C3 MAN N . -15.63 -46.38 -21.59
C4 MAN N . -16.74 -47.27 -21.04
C5 MAN N . -18.10 -46.64 -21.30
C6 MAN N . -19.21 -47.45 -20.65
O2 MAN N . -15.57 -44.99 -19.58
O3 MAN N . -14.36 -46.93 -21.23
O4 MAN N . -16.67 -48.54 -21.68
O5 MAN N . -18.17 -45.32 -20.77
O6 MAN N . -19.00 -47.53 -19.25
C1 NAG O . 19.50 2.51 -15.36
C2 NAG O . 19.88 3.91 -14.94
C3 NAG O . 18.68 4.80 -15.00
C4 NAG O . 18.06 4.74 -16.38
C5 NAG O . 17.75 3.30 -16.74
C6 NAG O . 17.08 3.18 -18.11
C7 NAG O . 21.63 3.71 -13.28
C8 NAG O . 21.90 3.59 -11.80
N2 NAG O . 20.35 3.88 -13.58
O3 NAG O . 19.09 6.13 -14.72
O4 NAG O . 16.85 5.51 -16.32
O5 NAG O . 18.97 2.54 -16.68
O6 NAG O . 16.93 1.79 -18.46
O7 NAG O . 22.51 3.60 -14.13
C1 NAG O . 16.88 6.59 -17.27
C2 NAG O . 15.47 7.01 -17.58
C3 NAG O . 15.48 8.00 -18.73
C4 NAG O . 16.28 9.20 -18.29
C5 NAG O . 17.67 8.79 -17.77
C6 NAG O . 18.36 9.97 -17.11
C7 NAG O . 13.56 5.63 -17.18
C8 NAG O . 12.55 4.78 -17.87
N2 NAG O . 14.60 5.94 -17.94
O3 NAG O . 14.13 8.37 -19.03
O4 NAG O . 16.44 10.12 -19.38
O5 NAG O . 17.58 7.74 -16.80
O6 NAG O . 17.57 10.43 -16.01
O7 NAG O . 13.39 6.06 -16.04
C1 BMA O . 15.63 11.31 -19.23
C2 BMA O . 16.14 12.38 -20.18
C3 BMA O . 15.32 13.66 -20.02
C4 BMA O . 13.83 13.37 -20.18
C5 BMA O . 13.41 12.23 -19.24
C6 BMA O . 11.93 11.85 -19.39
O2 BMA O . 16.04 11.90 -21.53
O3 BMA O . 15.73 14.64 -20.98
O4 BMA O . 13.07 14.55 -19.88
O5 BMA O . 14.23 11.07 -19.45
O6 BMA O . 11.68 11.31 -20.70
C1 NAG P . 23.00 41.23 32.54
C2 NAG P . 24.04 42.27 33.02
C3 NAG P . 24.05 43.44 32.05
C4 NAG P . 24.27 42.91 30.65
C5 NAG P . 23.21 41.87 30.28
C6 NAG P . 23.38 41.29 28.88
C7 NAG P . 22.70 42.83 35.05
C8 NAG P . 21.79 44.00 34.73
N2 NAG P . 23.88 42.54 34.46
O3 NAG P . 25.10 44.28 32.47
O4 NAG P . 24.22 44.00 29.73
O5 NAG P . 23.27 40.79 31.20
O6 NAG P . 22.23 40.50 28.56
O7 NAG P . 22.24 41.90 35.70
C1 NAG Q . -13.88 29.47 26.88
C2 NAG Q . -14.34 30.88 26.48
C3 NAG Q . -15.85 31.06 26.57
C4 NAG Q . -16.56 29.92 25.85
C5 NAG Q . -16.06 28.56 26.33
C6 NAG Q . -16.68 27.41 25.54
C7 NAG Q . -12.70 32.70 26.99
C8 NAG Q . -12.34 32.84 25.54
N2 NAG Q . -13.65 31.82 27.35
O3 NAG Q . -16.19 32.31 25.99
O4 NAG Q . -17.97 30.02 26.06
O5 NAG Q . -14.64 28.47 26.21
O6 NAG Q . -16.21 27.46 24.17
O7 NAG Q . -12.17 33.40 27.83
C1 BOG R . 8.67 13.19 2.44
O1 BOG R . 8.48 13.37 3.83
C2 BOG R . 10.13 13.57 2.15
O2 BOG R . 10.34 14.96 2.34
C3 BOG R . 10.53 13.23 0.74
O3 BOG R . 11.94 13.29 0.70
C4 BOG R . 10.10 11.86 0.33
O4 BOG R . 10.31 11.78 -1.08
C5 BOG R . 8.63 11.70 0.63
O5 BOG R . 8.44 11.84 2.03
C6 BOG R . 8.10 10.33 0.19
O6 BOG R . 6.70 10.40 -0.09
C1' BOG R . 7.23 13.90 4.27
C2' BOG R . 7.01 13.48 5.70
C3' BOG R . 8.08 12.46 6.03
C4' BOG R . 8.03 12.04 7.46
C5' BOG R . 8.73 13.06 8.29
C6' BOG R . 8.82 12.46 9.66
C7' BOG R . 9.01 13.52 10.74
C8' BOG R . 9.66 12.91 11.96
C1 BOG S . -7.07 3.65 13.84
O1 BOG S . -6.00 3.46 14.73
C2 BOG S . -7.85 4.87 14.34
O2 BOG S . -8.49 4.58 15.57
C3 BOG S . -8.91 5.31 13.37
O3 BOG S . -9.31 6.61 13.76
C4 BOG S . -8.41 5.36 11.96
O4 BOG S . -9.56 5.52 11.14
C5 BOG S . -7.74 4.06 11.63
O5 BOG S . -6.63 3.89 12.50
C6 BOG S . -7.26 4.02 10.18
O6 BOG S . -7.19 2.66 9.70
C1' BOG S . -5.62 2.12 15.06
C2' BOG S . -4.18 2.13 15.51
C3' BOG S . -3.63 3.52 15.21
C4' BOG S . -2.24 3.68 15.70
C5' BOG S . -2.26 4.01 17.16
C6' BOG S . -0.85 4.38 17.52
C7' BOG S . -0.58 4.22 19.01
C8' BOG S . 0.59 5.09 19.40
C1 NAG T . -0.92 8.70 56.67
C2 NAG T . -1.33 9.32 58.02
C3 NAG T . -2.74 8.89 58.36
C4 NAG T . -3.65 9.22 57.19
C5 NAG T . -3.14 8.58 55.90
C6 NAG T . -4.01 8.89 54.69
C7 NAG T . 0.34 7.93 59.28
C8 NAG T . -0.35 6.66 59.75
N2 NAG T . -0.26 9.12 59.03
O3 NAG T . -3.10 9.59 59.53
O4 NAG T . -4.97 8.76 57.49
O5 NAG T . -1.83 9.05 55.62
O6 NAG T . -3.58 8.07 53.60
O7 NAG T . 1.48 7.87 58.82
C1 NAG U . 9.40 -22.05 34.78
C2 NAG U . 8.44 -22.99 35.51
C3 NAG U . 8.78 -24.46 35.32
C4 NAG U . 8.96 -24.77 33.84
C5 NAG U . 9.96 -23.81 33.20
C6 NAG U . 10.07 -24.02 31.69
C7 NAG U . 7.47 -22.06 37.62
C8 NAG U . 6.14 -21.83 36.98
N2 NAG U . 8.48 -22.62 36.92
O3 NAG U . 7.71 -25.25 35.86
O4 NAG U . 9.41 -26.11 33.67
O5 NAG U . 9.56 -22.45 33.42
O6 NAG U . 8.83 -23.67 31.06
O7 NAG U . 7.65 -21.76 38.79
C1 BOG V . 10.97 -7.30 9.03
O1 BOG V . 11.53 -6.19 9.69
C2 BOG V . 10.91 -8.41 10.07
O2 BOG V . 12.20 -8.86 10.41
C3 BOG V . 10.13 -9.62 9.58
O3 BOG V . 9.85 -10.42 10.70
C4 BOG V . 8.85 -9.23 8.91
O4 BOG V . 8.35 -10.40 8.27
C5 BOG V . 9.11 -8.16 7.88
O5 BOG V . 9.64 -7.02 8.55
C6 BOG V . 7.84 -7.75 7.15
O6 BOG V . 8.15 -7.25 5.84
C1' BOG V . 12.44 -5.36 8.95
C2' BOG V . 12.45 -3.98 9.58
C3' BOG V . 11.34 -3.96 10.61
C4' BOG V . 11.32 -2.69 11.38
C5' BOG V . 12.35 -2.75 12.46
C6' BOG V . 12.09 -1.58 13.35
C7' BOG V . 13.33 -1.19 14.14
C8' BOG V . 12.93 -0.38 15.35
C1 NAG W . 41.64 -1.41 39.39
C2 NAG W . 42.51 -1.95 40.54
C3 NAG W . 43.35 -3.11 40.04
C4 NAG W . 42.43 -4.13 39.39
C5 NAG W . 41.61 -3.48 38.27
C6 NAG W . 40.68 -4.46 37.57
C7 NAG W . 43.86 0.15 40.65
C8 NAG W . 45.10 -0.04 39.76
N2 NAG W . 43.17 -0.85 41.26
O3 NAG W . 44.01 -3.65 41.18
O4 NAG W . 43.24 -5.19 38.86
O5 NAG W . 40.83 -2.43 38.80
O6 NAG W . 40.13 -3.81 36.41
O7 NAG W . 43.27 1.21 40.62
C1 NAG X . 37.82 17.94 5.60
C2 NAG X . 39.15 17.40 5.06
C3 NAG X . 39.69 18.22 3.90
C4 NAG X . 38.61 18.44 2.85
C5 NAG X . 37.34 19.01 3.47
C6 NAG X . 36.19 19.14 2.46
C7 NAG X . 40.59 16.29 6.75
C8 NAG X . 40.26 14.92 6.22
N2 NAG X . 40.09 17.38 6.17
O3 NAG X . 40.80 17.51 3.33
O4 NAG X . 39.09 19.32 1.83
O5 NAG X . 36.89 18.19 4.55
O6 NAG X . 35.78 17.83 2.05
O7 NAG X . 41.34 16.39 7.71
#